data_7CAD
#
_entry.id   7CAD
#
_cell.length_a   1.00
_cell.length_b   1.00
_cell.length_c   1.00
_cell.angle_alpha   90.00
_cell.angle_beta   90.00
_cell.angle_gamma   90.00
#
_symmetry.space_group_name_H-M   'P 1'
#
loop_
_entity.id
_entity.type
_entity.pdbx_description
1 polymer 'ABC transporter, ATP-binding protein SugC'
2 polymer 'ABC sugar transporter, permease component'
3 polymer 'ABC transporter, permease protein SugB'
#
loop_
_entity_poly.entity_id
_entity_poly.type
_entity_poly.pdbx_seq_one_letter_code
_entity_poly.pdbx_strand_id
1 'polypeptide(L)'
;MAEIVLDRVTKSYPDGAGGVRAAVKEFSMTIADGEFIILVGPSGCGKSTTLNMIAGLEEITSGELRIGGERVNEKAPKDR
DIAMVFQSYALYPHMTVRQNIAFPLTLAKVPKAEIAAKVEETAKILDLSELLDRKPGQLSGGQRQRVAMGRAIVRSPKAF
LMDEPLSNLDAKLRVQMRAEISRLQDRLGTTTVYVTHDQTEAMTLGDRVVVMLAGEVQQIGTPDELYSSPANLFVAGFIG
SPAMNFFPATRTDVGVRLPFGEVTLTPHMLDLLDKQARPENIIVGIRPEHIEDSALLDGYARIRALTFSVRADIVESLGA
DKYVHFTTEGAGAESAQLAELAADSGAGTNQFIARVSADSRVRTGEQIELAIDTTKLSIFDAATGLNLTRDITPTDPTEA
AGPDAG
;
C,D
2 'polypeptide(L)'
;MTAAVTPSASAVASDDKKSERRLAFWLIAPAVLLMLAVTAYPIGYAVWLSLQRYNLAEPHDTEFIGLANYVTVLTDGYWW
TAFAVTLGITVVSVAIEFALGLALALVMHRTIFGKGAVRTAILIPYGIVTVAASYSWYYAWTPGTGYLANLLPEGSAPLT
DQLPSLAIVVLAEVWKTTPFMALLLLAGLALVPQDLLNAAQVDGAGPWKRLTKVILPMIKPAILVALLFRTLDAFRIFDN
IYILTGGSNDTGSVSILGYDNLFKAFNVGLGSAISVLIFLSVAIIAFIYIKIFGAAAPGSDEEVR
;
A
3 'polypeptide(L)'
;MADRVDARRATWWSVVNILVIVYALIPVLWILSLSLKPTSSVKDGKLIPTEITFANYKAIFSGDAFTSALFNSIGIGLIT
TIIAVVIGGMAAYAVARLQFPGKQLLIGVALLIAMFPHISLVTPIFNMWRGIGLFDTWPGLIIPYITFALPLAIYTLSAF
FREIPWDLEKAAKMDGATPAQAFRKVIAPLAAPGIVTAAILVFIFAWNDLLLALSLTATQRAITAPVAIANFTGSSQFEE
PTGSIAAGAMVITIPIIIFVLIFQRRIVAGLTSGAVKG
;
B
#
# COMPACT_ATOMS: atom_id res chain seq x y z
N ALA A 2 1.43 -2.37 37.47
CA ALA A 2 2.77 -2.68 37.97
C ALA A 2 3.08 -4.17 37.83
N GLU A 3 2.98 -4.90 38.94
CA GLU A 3 3.34 -6.31 38.98
C GLU A 3 2.25 -7.12 38.29
N ILE A 4 2.49 -7.50 37.04
CA ILE A 4 1.53 -8.28 36.27
C ILE A 4 1.83 -9.75 36.51
N VAL A 5 1.05 -10.37 37.39
CA VAL A 5 1.19 -11.80 37.66
C VAL A 5 0.13 -12.52 36.85
N LEU A 6 0.54 -13.33 35.88
CA LEU A 6 -0.40 -14.11 35.08
C LEU A 6 0.02 -15.56 35.13
N ASP A 7 -0.85 -16.41 35.67
CA ASP A 7 -0.57 -17.83 35.85
C ASP A 7 -1.66 -18.65 35.19
N ARG A 8 -1.25 -19.66 34.43
CA ARG A 8 -2.18 -20.58 33.76
C ARG A 8 -3.10 -19.85 32.80
N VAL A 9 -2.63 -18.74 32.24
CA VAL A 9 -3.42 -17.95 31.29
C VAL A 9 -3.33 -18.64 29.93
N THR A 10 -4.44 -19.19 29.47
CA THR A 10 -4.50 -19.91 28.20
C THR A 10 -5.48 -19.21 27.26
N LYS A 11 -5.69 -19.83 26.10
CA LYS A 11 -6.58 -19.29 25.08
C LYS A 11 -6.83 -20.38 24.05
N SER A 12 -8.08 -20.51 23.62
CA SER A 12 -8.46 -21.55 22.68
C SER A 12 -9.48 -20.99 21.70
N TYR A 13 -9.12 -20.98 20.41
CA TYR A 13 -10.02 -20.50 19.39
C TYR A 13 -11.10 -21.55 19.08
N PRO A 14 -12.28 -21.12 18.62
CA PRO A 14 -13.33 -22.08 18.27
C PRO A 14 -13.15 -22.66 16.87
N ARG A 21 -8.35 -25.42 17.55
CA ARG A 21 -6.95 -25.10 17.80
C ARG A 21 -6.78 -24.41 19.14
N ALA A 22 -5.56 -23.97 19.41
CA ALA A 22 -5.25 -23.23 20.64
C ALA A 22 -4.07 -22.32 20.36
N ALA A 23 -4.30 -21.01 20.42
CA ALA A 23 -3.24 -20.06 20.14
C ALA A 23 -2.18 -20.08 21.25
N VAL A 24 -2.57 -19.74 22.47
CA VAL A 24 -1.68 -19.77 23.62
C VAL A 24 -2.06 -20.97 24.47
N LYS A 25 -1.13 -21.41 25.32
CA LYS A 25 -1.41 -22.51 26.24
C LYS A 25 -0.42 -22.47 27.40
N GLU A 26 -0.94 -22.48 28.62
CA GLU A 26 -0.15 -22.61 29.83
C GLU A 26 0.98 -21.57 29.88
N PHE A 27 0.59 -20.30 29.97
CA PHE A 27 1.53 -19.21 30.18
C PHE A 27 1.53 -18.85 31.66
N SER A 28 2.71 -18.62 32.21
CA SER A 28 2.83 -18.33 33.64
C SER A 28 4.11 -17.55 33.91
N MET A 29 3.96 -16.32 34.37
CA MET A 29 5.10 -15.49 34.74
C MET A 29 4.62 -14.33 35.60
N THR A 30 5.56 -13.78 36.36
CA THR A 30 5.33 -12.67 37.28
C THR A 30 6.16 -11.48 36.81
N ILE A 31 5.60 -10.68 35.90
CA ILE A 31 6.27 -9.49 35.41
C ILE A 31 6.38 -8.51 36.56
N ALA A 32 7.62 -8.27 37.02
CA ALA A 32 7.85 -7.49 38.23
C ALA A 32 7.49 -6.02 38.01
N ASP A 33 7.64 -5.23 39.06
CA ASP A 33 7.25 -3.83 39.07
C ASP A 33 8.32 -3.02 38.35
N GLY A 34 8.18 -2.89 37.03
CA GLY A 34 9.12 -2.11 36.25
C GLY A 34 10.17 -2.92 35.53
N GLU A 35 9.76 -3.99 34.85
CA GLU A 35 10.63 -4.77 33.99
C GLU A 35 10.24 -4.58 32.54
N PHE A 36 11.22 -4.68 31.65
CA PHE A 36 11.00 -4.55 30.21
C PHE A 36 10.92 -5.93 29.60
N ILE A 37 9.85 -6.66 29.89
CA ILE A 37 9.65 -7.98 29.33
C ILE A 37 9.54 -7.89 27.82
N ILE A 38 10.04 -8.91 27.13
CA ILE A 38 10.01 -8.97 25.68
C ILE A 38 9.45 -10.32 25.26
N LEU A 39 8.39 -10.30 24.45
CA LEU A 39 7.81 -11.51 23.89
C LEU A 39 8.29 -11.65 22.45
N VAL A 40 9.17 -12.61 22.22
CA VAL A 40 9.75 -12.82 20.90
C VAL A 40 9.40 -14.23 20.44
N GLY A 41 9.18 -14.37 19.13
CA GLY A 41 8.81 -15.63 18.55
C GLY A 41 8.52 -15.50 17.07
N PRO A 42 8.54 -16.62 16.35
CA PRO A 42 8.27 -16.58 14.91
C PRO A 42 6.85 -16.15 14.62
N SER A 43 6.66 -15.56 13.44
CA SER A 43 5.36 -15.06 13.05
C SER A 43 4.32 -16.17 13.06
N GLY A 44 3.15 -15.86 13.61
CA GLY A 44 2.11 -16.86 13.79
C GLY A 44 2.12 -17.55 15.13
N CYS A 45 2.88 -17.04 16.10
CA CYS A 45 2.97 -17.63 17.42
C CYS A 45 1.93 -17.00 18.36
N GLY A 46 1.94 -17.46 19.60
CA GLY A 46 1.05 -16.92 20.62
C GLY A 46 1.67 -15.80 21.42
N LYS A 47 2.19 -14.77 20.75
CA LYS A 47 2.78 -13.62 21.41
C LYS A 47 1.91 -12.38 21.29
N SER A 48 1.40 -12.09 20.09
CA SER A 48 0.46 -10.98 19.96
C SER A 48 -0.88 -11.31 20.61
N THR A 49 -1.25 -12.59 20.63
CA THR A 49 -2.47 -12.99 21.33
C THR A 49 -2.29 -12.83 22.84
N THR A 50 -1.12 -13.19 23.36
CA THR A 50 -0.84 -12.93 24.77
C THR A 50 -0.89 -11.43 25.06
N LEU A 51 -0.33 -10.62 24.15
CA LEU A 51 -0.36 -9.17 24.34
C LEU A 51 -1.79 -8.65 24.38
N ASN A 52 -2.63 -9.12 23.46
CA ASN A 52 -4.03 -8.69 23.45
C ASN A 52 -4.76 -9.13 24.71
N MET A 53 -4.50 -10.36 25.16
CA MET A 53 -5.13 -10.84 26.39
C MET A 53 -4.70 -10.03 27.60
N ILE A 54 -3.46 -9.53 27.59
CA ILE A 54 -3.04 -8.64 28.67
C ILE A 54 -3.71 -7.28 28.53
N ALA A 55 -3.88 -6.81 27.30
CA ALA A 55 -4.48 -5.50 27.07
C ALA A 55 -5.97 -5.50 27.43
N GLY A 56 -6.75 -6.34 26.75
CA GLY A 56 -8.17 -6.41 27.01
C GLY A 56 -8.98 -6.60 25.75
N LEU A 57 -8.32 -6.54 24.60
CA LEU A 57 -9.00 -6.70 23.32
C LEU A 57 -9.42 -8.14 23.05
N GLU A 58 -8.94 -9.10 23.84
CA GLU A 58 -9.37 -10.49 23.73
C GLU A 58 -9.60 -11.02 25.13
N GLU A 59 -10.41 -12.08 25.22
CA GLU A 59 -10.83 -12.64 26.49
C GLU A 59 -10.05 -13.91 26.80
N ILE A 60 -9.53 -14.00 28.01
CA ILE A 60 -8.79 -15.18 28.44
C ILE A 60 -9.76 -16.34 28.64
N THR A 61 -9.26 -17.56 28.41
CA THR A 61 -10.10 -18.75 28.54
C THR A 61 -9.93 -19.43 29.89
N SER A 62 -8.70 -19.49 30.41
CA SER A 62 -8.50 -20.07 31.73
C SER A 62 -8.56 -18.99 32.80
N GLY A 63 -7.71 -17.98 32.70
CA GLY A 63 -7.87 -16.79 33.49
C GLY A 63 -6.81 -16.50 34.54
N GLU A 64 -7.22 -15.75 35.56
CA GLU A 64 -6.33 -15.28 36.62
C GLU A 64 -5.17 -14.48 36.08
N LEU A 65 -5.48 -13.35 35.45
CA LEU A 65 -4.50 -12.32 35.09
C LEU A 65 -4.63 -11.19 36.09
N ARG A 66 -3.57 -10.94 36.86
CA ARG A 66 -3.62 -10.01 37.98
C ARG A 66 -2.73 -8.81 37.71
N ILE A 67 -3.29 -7.78 37.06
CA ILE A 67 -2.59 -6.52 36.94
C ILE A 67 -2.70 -5.82 38.29
N GLY A 68 -1.64 -5.89 39.09
CA GLY A 68 -1.70 -5.41 40.45
C GLY A 68 -1.80 -6.55 41.44
N GLY A 69 -2.90 -6.60 42.19
CA GLY A 69 -3.10 -7.66 43.15
C GLY A 69 -4.51 -8.20 43.16
N GLU A 70 -5.24 -7.99 42.06
CA GLU A 70 -6.62 -8.41 41.95
C GLU A 70 -6.87 -9.00 40.56
N ARG A 71 -7.74 -10.00 40.50
CA ARG A 71 -8.08 -10.65 39.24
C ARG A 71 -8.76 -9.67 38.30
N VAL A 72 -8.10 -9.32 37.19
CA VAL A 72 -8.63 -8.31 36.28
C VAL A 72 -8.80 -8.88 34.87
N ASN A 73 -9.06 -10.18 34.77
CA ASN A 73 -9.29 -10.80 33.48
C ASN A 73 -10.75 -10.67 33.03
N GLU A 74 -11.52 -9.81 33.68
CA GLU A 74 -12.91 -9.57 33.30
C GLU A 74 -13.27 -8.09 33.25
N LYS A 75 -12.34 -7.19 33.55
CA LYS A 75 -12.59 -5.77 33.40
C LYS A 75 -12.39 -5.33 31.96
N ALA A 76 -13.04 -4.23 31.60
CA ALA A 76 -12.87 -3.66 30.28
C ALA A 76 -11.49 -3.01 30.17
N PRO A 77 -10.98 -2.82 28.95
CA PRO A 77 -9.68 -2.14 28.81
C PRO A 77 -9.63 -0.77 29.45
N LYS A 78 -10.76 -0.12 29.67
CA LYS A 78 -10.81 1.22 30.24
C LYS A 78 -10.81 1.24 31.76
N ASP A 79 -10.41 0.15 32.42
CA ASP A 79 -10.36 0.13 33.87
C ASP A 79 -9.09 -0.52 34.42
N ARG A 80 -8.31 -1.18 33.57
CA ARG A 80 -7.04 -1.75 33.99
C ARG A 80 -5.93 -0.70 34.11
N ASP A 81 -6.09 0.46 33.45
CA ASP A 81 -5.09 1.51 33.39
C ASP A 81 -3.77 0.99 32.80
N ILE A 82 -3.86 0.57 31.54
CA ILE A 82 -2.71 0.16 30.76
C ILE A 82 -2.77 0.84 29.41
N ALA A 83 -1.61 1.20 28.87
CA ALA A 83 -1.51 1.96 27.63
C ALA A 83 -0.84 1.11 26.56
N MET A 84 -1.48 1.02 25.40
CA MET A 84 -0.98 0.22 24.30
C MET A 84 -0.70 1.12 23.11
N VAL A 85 0.44 0.89 22.44
CA VAL A 85 0.80 1.56 21.21
C VAL A 85 0.89 0.52 20.11
N PHE A 86 0.20 0.77 19.01
CA PHE A 86 0.04 -0.22 17.96
C PHE A 86 1.18 -0.15 16.96
N GLN A 87 1.22 -1.14 16.06
CA GLN A 87 2.27 -1.21 15.05
C GLN A 87 2.05 -0.21 13.93
N SER A 88 0.80 0.09 13.61
CA SER A 88 0.45 0.98 12.51
C SER A 88 0.31 2.43 12.94
N TYR A 89 0.74 2.77 14.17
CA TYR A 89 0.59 4.11 14.73
C TYR A 89 -0.85 4.60 14.56
N ALA A 90 -1.77 3.93 15.25
CA ALA A 90 -3.18 4.25 15.13
C ALA A 90 -3.41 5.61 15.78
N LEU A 91 -3.33 6.67 14.98
CA LEU A 91 -3.51 8.02 15.50
C LEU A 91 -4.48 8.76 14.59
N TYR A 92 -5.29 9.61 15.19
CA TYR A 92 -6.42 10.21 14.51
C TYR A 92 -5.96 11.30 13.56
N PRO A 93 -6.20 11.17 12.25
CA PRO A 93 -5.71 12.15 11.28
C PRO A 93 -6.55 13.41 11.18
N HIS A 94 -7.51 13.62 12.08
CA HIS A 94 -8.33 14.83 12.08
C HIS A 94 -8.14 15.65 13.35
N MET A 95 -7.05 15.41 14.08
CA MET A 95 -6.75 16.13 15.31
C MET A 95 -5.31 16.60 15.28
N THR A 96 -5.07 17.81 15.78
CA THR A 96 -3.70 18.26 15.94
C THR A 96 -2.96 17.37 16.93
N VAL A 97 -1.63 17.39 16.85
CA VAL A 97 -0.82 16.53 17.70
C VAL A 97 -1.13 16.76 19.17
N ARG A 98 -1.39 18.01 19.55
CA ARG A 98 -1.79 18.29 20.92
C ARG A 98 -3.06 17.54 21.29
N GLN A 99 -4.02 17.47 20.36
CA GLN A 99 -5.25 16.75 20.65
C GLN A 99 -5.05 15.25 20.64
N ASN A 100 -4.16 14.74 19.79
CA ASN A 100 -3.79 13.32 19.87
C ASN A 100 -3.25 12.99 21.24
N ILE A 101 -2.35 13.83 21.76
CA ILE A 101 -1.72 13.54 23.04
C ILE A 101 -2.68 13.78 24.19
N ALA A 102 -3.67 14.66 24.01
CA ALA A 102 -4.59 14.97 25.09
C ALA A 102 -5.89 14.17 25.06
N PHE A 103 -6.10 13.36 24.03
CA PHE A 103 -7.33 12.55 23.96
C PHE A 103 -7.52 11.62 25.15
N PRO A 104 -6.52 10.84 25.60
CA PRO A 104 -6.78 9.99 26.78
C PRO A 104 -7.17 10.78 28.01
N LEU A 105 -6.52 11.91 28.24
CA LEU A 105 -6.81 12.70 29.44
C LEU A 105 -8.19 13.33 29.38
N THR A 106 -8.64 13.77 28.21
CA THR A 106 -9.98 14.36 28.13
C THR A 106 -11.05 13.28 28.17
N LEU A 107 -10.72 12.07 27.70
CA LEU A 107 -11.65 10.96 27.88
C LEU A 107 -11.77 10.54 29.33
N ALA A 108 -10.66 10.60 30.09
CA ALA A 108 -10.68 10.30 31.52
C ALA A 108 -11.17 11.46 32.36
N LYS A 109 -11.70 12.52 31.72
CA LYS A 109 -12.30 13.67 32.39
C LYS A 109 -11.31 14.34 33.35
N VAL A 110 -10.25 14.89 32.78
CA VAL A 110 -9.27 15.67 33.53
C VAL A 110 -9.62 17.14 33.33
N PRO A 111 -9.52 17.99 34.36
CA PRO A 111 -9.80 19.42 34.17
C PRO A 111 -8.88 20.03 33.11
N LYS A 112 -9.46 20.90 32.28
CA LYS A 112 -8.75 21.46 31.14
C LYS A 112 -7.58 22.34 31.54
N ALA A 113 -7.41 22.66 32.82
CA ALA A 113 -6.26 23.43 33.27
C ALA A 113 -5.02 22.58 33.46
N GLU A 114 -5.18 21.26 33.54
CA GLU A 114 -4.06 20.35 33.74
C GLU A 114 -3.66 19.60 32.47
N ILE A 115 -4.60 19.37 31.56
CA ILE A 115 -4.30 18.62 30.35
C ILE A 115 -3.29 19.37 29.49
N ALA A 116 -3.45 20.69 29.40
CA ALA A 116 -2.49 21.49 28.62
C ALA A 116 -1.09 21.39 29.20
N ALA A 117 -0.97 21.49 30.52
CA ALA A 117 0.33 21.38 31.17
C ALA A 117 0.94 20.01 30.92
N LYS A 118 0.14 18.94 31.07
CA LYS A 118 0.67 17.60 30.86
C LYS A 118 1.09 17.37 29.42
N VAL A 119 0.35 17.94 28.47
CA VAL A 119 0.71 17.76 27.06
C VAL A 119 1.99 18.51 26.74
N GLU A 120 2.12 19.74 27.22
CA GLU A 120 3.36 20.48 27.01
C GLU A 120 4.54 19.75 27.64
N GLU A 121 4.36 19.23 28.86
CA GLU A 121 5.42 18.51 29.54
C GLU A 121 5.84 17.28 28.75
N THR A 122 4.86 16.49 28.27
CA THR A 122 5.19 15.29 27.51
C THR A 122 5.89 15.63 26.21
N ALA A 123 5.40 16.65 25.49
CA ALA A 123 6.07 17.07 24.26
C ALA A 123 7.48 17.57 24.55
N LYS A 124 7.72 18.10 25.75
CA LYS A 124 9.07 18.51 26.11
C LYS A 124 9.96 17.31 26.41
N ILE A 125 9.39 16.27 27.03
CA ILE A 125 10.16 15.06 27.29
C ILE A 125 10.56 14.39 25.99
N LEU A 126 9.64 14.32 25.03
CA LEU A 126 9.94 13.82 23.70
C LEU A 126 10.59 14.95 22.89
N ASP A 127 10.70 14.76 21.58
CA ASP A 127 11.42 15.71 20.74
C ASP A 127 10.50 16.29 19.67
N LEU A 128 9.29 16.71 20.06
CA LEU A 128 8.34 17.30 19.12
C LEU A 128 7.61 18.50 19.71
N SER A 129 8.21 19.18 20.69
CA SER A 129 7.54 20.26 21.41
C SER A 129 7.19 21.45 20.52
N GLU A 130 7.59 21.39 19.24
CA GLU A 130 7.24 22.42 18.28
C GLU A 130 6.24 21.95 17.23
N LEU A 131 6.00 20.66 17.12
CA LEU A 131 5.06 20.10 16.15
C LEU A 131 3.63 20.01 16.69
N LEU A 132 3.35 20.65 17.81
CA LEU A 132 2.05 20.54 18.49
C LEU A 132 0.92 21.22 17.74
N ASP A 133 1.11 21.80 16.56
CA ASP A 133 0.02 22.42 15.81
C ASP A 133 -0.17 21.80 14.44
N ARG A 134 0.48 20.68 14.15
CA ARG A 134 0.41 20.04 12.86
C ARG A 134 -0.65 18.95 12.86
N LYS A 135 -0.75 18.21 11.76
CA LYS A 135 -1.68 17.12 11.65
C LYS A 135 -0.96 15.84 11.23
N PRO A 136 -1.43 14.67 11.68
CA PRO A 136 -0.69 13.43 11.40
C PRO A 136 -0.55 13.11 9.92
N GLY A 137 -1.22 13.84 9.03
CA GLY A 137 -1.04 13.59 7.61
C GLY A 137 0.28 14.14 7.09
N GLN A 138 0.70 15.29 7.61
CA GLN A 138 1.92 15.95 7.16
C GLN A 138 3.11 15.70 8.08
N LEU A 139 3.20 14.52 8.68
CA LEU A 139 4.31 14.15 9.55
C LEU A 139 5.07 12.97 8.94
N SER A 140 6.30 12.78 9.42
CA SER A 140 7.15 11.70 8.94
C SER A 140 7.02 10.49 9.84
N GLY A 141 7.89 9.49 9.61
CA GLY A 141 7.81 8.26 10.38
C GLY A 141 8.15 8.45 11.83
N GLY A 142 9.33 9.01 12.12
CA GLY A 142 9.76 9.16 13.50
C GLY A 142 8.84 10.06 14.30
N GLN A 143 8.34 11.13 13.68
CA GLN A 143 7.44 12.04 14.39
C GLN A 143 6.10 11.38 14.67
N ARG A 144 5.58 10.60 13.74
CA ARG A 144 4.34 9.86 13.99
C ARG A 144 4.53 8.84 15.10
N GLN A 145 5.67 8.14 15.09
CA GLN A 145 5.96 7.19 16.16
C GLN A 145 6.02 7.89 17.51
N ARG A 146 6.67 9.05 17.57
CA ARG A 146 6.75 9.77 18.83
C ARG A 146 5.42 10.37 19.25
N VAL A 147 4.53 10.67 18.30
CA VAL A 147 3.19 11.10 18.67
C VAL A 147 2.42 9.94 19.31
N ALA A 148 2.53 8.75 18.71
CA ALA A 148 1.90 7.58 19.32
C ALA A 148 2.41 7.34 20.72
N MET A 149 3.74 7.42 20.90
CA MET A 149 4.31 7.20 22.22
C MET A 149 3.94 8.30 23.21
N GLY A 150 3.81 9.54 22.74
CA GLY A 150 3.37 10.60 23.63
C GLY A 150 1.93 10.41 24.08
N ARG A 151 1.08 9.93 23.17
CA ARG A 151 -0.29 9.61 23.57
C ARG A 151 -0.32 8.46 24.56
N ALA A 152 0.57 7.49 24.41
CA ALA A 152 0.60 6.35 25.32
C ALA A 152 1.35 6.62 26.62
N ILE A 153 2.06 7.73 26.72
CA ILE A 153 2.90 8.02 27.89
C ILE A 153 2.26 9.07 28.79
N VAL A 154 1.56 10.04 28.20
CA VAL A 154 1.01 11.16 28.97
C VAL A 154 0.07 10.68 30.07
N ARG A 155 -0.52 9.50 29.90
CA ARG A 155 -1.49 9.00 30.87
C ARG A 155 -0.85 8.60 32.19
N SER A 156 0.44 8.25 32.19
CA SER A 156 1.11 7.64 33.33
C SER A 156 0.40 6.35 33.70
N PRO A 157 0.40 5.34 32.82
CA PRO A 157 -0.38 4.13 33.09
C PRO A 157 0.29 3.23 34.10
N LYS A 158 -0.29 2.04 34.32
CA LYS A 158 0.30 1.09 35.26
C LYS A 158 1.15 0.05 34.54
N ALA A 159 0.87 -0.19 33.25
CA ALA A 159 1.69 -1.08 32.43
C ALA A 159 1.64 -0.60 30.99
N PHE A 160 2.65 0.18 30.59
CA PHE A 160 2.74 0.67 29.22
C PHE A 160 3.26 -0.46 28.34
N LEU A 161 2.39 -1.04 27.51
CA LEU A 161 2.72 -2.25 26.77
C LEU A 161 2.67 -1.96 25.28
N MET A 162 3.79 -2.18 24.60
CA MET A 162 3.96 -1.87 23.19
C MET A 162 3.68 -3.09 22.34
N ASP A 163 3.48 -2.87 21.04
CA ASP A 163 3.20 -3.94 20.09
C ASP A 163 3.98 -3.65 18.80
N GLU A 164 5.21 -4.15 18.75
CA GLU A 164 6.08 -4.03 17.57
C GLU A 164 5.98 -2.65 16.91
N PRO A 165 6.26 -1.57 17.64
CA PRO A 165 6.05 -0.23 17.05
C PRO A 165 7.10 0.13 16.01
N LEU A 166 8.34 -0.28 16.19
CA LEU A 166 9.42 0.04 15.25
C LEU A 166 9.46 -0.94 14.08
N SER A 167 8.33 -1.11 13.40
CA SER A 167 8.25 -2.01 12.26
C SER A 167 7.98 -1.29 10.95
N ASN A 168 7.73 0.02 10.97
CA ASN A 168 7.48 0.78 9.76
C ASN A 168 8.59 1.79 9.48
N LEU A 169 9.71 1.70 10.18
CA LEU A 169 10.81 2.64 10.05
C LEU A 169 11.95 2.03 9.25
N ASP A 170 12.80 2.90 8.71
CA ASP A 170 13.98 2.45 7.99
C ASP A 170 14.95 1.75 8.94
N ALA A 171 15.81 0.91 8.36
CA ALA A 171 16.73 0.12 9.16
C ALA A 171 17.78 0.97 9.88
N LYS A 172 17.95 2.24 9.51
CA LYS A 172 18.88 3.12 10.19
C LYS A 172 18.23 3.96 11.27
N LEU A 173 16.93 4.24 11.15
CA LEU A 173 16.23 4.98 12.18
C LEU A 173 15.71 4.04 13.28
N ARG A 174 15.51 2.77 12.95
CA ARG A 174 15.01 1.82 13.94
C ARG A 174 16.01 1.62 15.08
N VAL A 175 17.32 1.68 14.79
CA VAL A 175 18.31 1.49 15.85
C VAL A 175 18.29 2.67 16.81
N GLN A 176 18.25 3.89 16.27
CA GLN A 176 18.15 5.07 17.12
C GLN A 176 16.85 5.06 17.92
N MET A 177 15.77 4.54 17.34
CA MET A 177 14.52 4.46 18.08
C MET A 177 14.59 3.42 19.19
N ARG A 178 15.30 2.31 18.95
CA ARG A 178 15.54 1.35 20.02
C ARG A 178 16.28 2.00 21.17
N ALA A 179 17.35 2.74 20.85
CA ALA A 179 18.08 3.46 21.89
C ALA A 179 17.18 4.43 22.64
N GLU A 180 16.33 5.15 21.92
CA GLU A 180 15.45 6.13 22.55
C GLU A 180 14.44 5.47 23.47
N ILE A 181 13.85 4.35 23.05
CA ILE A 181 12.89 3.64 23.90
C ILE A 181 13.59 3.13 25.15
N SER A 182 14.77 2.52 24.98
CA SER A 182 15.44 1.92 26.11
C SER A 182 15.94 2.99 27.09
N ARG A 183 16.18 4.21 26.61
CA ARG A 183 16.56 5.30 27.50
C ARG A 183 15.36 6.04 28.10
N LEU A 184 14.21 5.99 27.44
CA LEU A 184 13.01 6.65 27.94
C LEU A 184 12.29 5.81 28.98
N GLN A 185 12.37 4.48 28.87
CA GLN A 185 11.71 3.63 29.86
C GLN A 185 12.30 3.81 31.24
N ASP A 186 13.58 4.17 31.35
CA ASP A 186 14.17 4.44 32.66
C ASP A 186 13.58 5.71 33.25
N ARG A 187 13.51 6.79 32.45
CA ARG A 187 12.94 8.04 32.92
C ARG A 187 11.49 7.84 33.36
N LEU A 188 10.74 7.01 32.63
CA LEU A 188 9.37 6.73 33.04
C LEU A 188 9.33 5.72 34.18
N GLY A 189 9.82 4.51 33.94
CA GLY A 189 9.92 3.51 34.98
C GLY A 189 8.65 2.72 35.21
N THR A 190 7.91 2.43 34.14
CA THR A 190 6.67 1.67 34.22
C THR A 190 6.86 0.26 33.69
N THR A 191 6.12 -0.67 34.26
CA THR A 191 6.13 -2.06 33.78
C THR A 191 5.78 -2.09 32.30
N THR A 192 6.61 -2.78 31.52
CA THR A 192 6.48 -2.80 30.07
C THR A 192 6.56 -4.22 29.56
N VAL A 193 5.80 -4.51 28.51
CA VAL A 193 6.00 -5.71 27.71
C VAL A 193 6.03 -5.29 26.25
N TYR A 194 6.50 -6.18 25.39
CA TYR A 194 6.89 -5.79 24.05
C TYR A 194 6.97 -7.03 23.18
N VAL A 195 6.22 -7.05 22.09
CA VAL A 195 6.25 -8.15 21.13
C VAL A 195 7.07 -7.73 19.94
N THR A 196 8.00 -8.59 19.53
CA THR A 196 8.90 -8.29 18.42
C THR A 196 9.33 -9.59 17.77
N HIS A 197 9.51 -9.54 16.45
CA HIS A 197 9.82 -10.75 15.69
C HIS A 197 11.32 -11.01 15.60
N ASP A 198 12.12 -9.97 15.45
CA ASP A 198 13.57 -10.14 15.28
C ASP A 198 14.26 -10.16 16.63
N GLN A 199 15.21 -11.09 16.78
CA GLN A 199 15.84 -11.33 18.06
C GLN A 199 16.74 -10.18 18.51
N THR A 200 17.22 -9.35 17.59
CA THR A 200 18.16 -8.30 17.97
C THR A 200 17.49 -7.23 18.83
N GLU A 201 16.23 -6.89 18.52
CA GLU A 201 15.46 -6.03 19.41
C GLU A 201 15.33 -6.66 20.79
N ALA A 202 14.95 -7.93 20.83
CA ALA A 202 14.78 -8.62 22.11
C ALA A 202 16.07 -8.64 22.91
N MET A 203 17.23 -8.62 22.24
CA MET A 203 18.49 -8.65 22.95
C MET A 203 18.98 -7.27 23.37
N THR A 204 18.64 -6.22 22.61
CA THR A 204 19.12 -4.89 22.98
C THR A 204 18.25 -4.24 24.06
N LEU A 205 16.97 -4.03 23.77
CA LEU A 205 16.04 -3.46 24.76
C LEU A 205 15.23 -4.62 25.33
N GLY A 206 15.72 -5.16 26.45
CA GLY A 206 15.05 -6.28 27.07
C GLY A 206 15.60 -6.59 28.44
N ASP A 207 14.72 -6.77 29.42
CA ASP A 207 15.14 -7.12 30.77
C ASP A 207 14.94 -8.60 31.07
N ARG A 208 13.94 -9.22 30.47
CA ARG A 208 13.73 -10.65 30.61
C ARG A 208 12.97 -11.14 29.39
N VAL A 209 13.68 -11.73 28.44
CA VAL A 209 13.10 -12.12 27.17
C VAL A 209 12.33 -13.43 27.35
N VAL A 210 11.31 -13.60 26.51
CA VAL A 210 10.44 -14.77 26.54
C VAL A 210 10.33 -15.29 25.11
N VAL A 211 10.84 -16.49 24.87
CA VAL A 211 10.82 -17.12 23.55
C VAL A 211 9.63 -18.06 23.48
N MET A 212 8.81 -17.90 22.44
CA MET A 212 7.61 -18.69 22.27
C MET A 212 7.63 -19.42 20.94
N LEU A 213 6.98 -20.58 20.89
CA LEU A 213 6.87 -21.34 19.65
C LEU A 213 5.53 -22.07 19.65
N ALA A 214 4.66 -21.70 18.70
CA ALA A 214 3.34 -22.29 18.51
C ALA A 214 2.40 -22.08 19.68
N GLY A 215 2.82 -21.33 20.70
CA GLY A 215 1.97 -21.08 21.85
C GLY A 215 2.68 -21.39 23.15
N GLU A 216 3.47 -22.44 23.16
CA GLU A 216 4.25 -22.77 24.34
C GLU A 216 5.38 -21.76 24.53
N VAL A 217 5.93 -21.74 25.74
CA VAL A 217 7.08 -20.91 26.05
C VAL A 217 8.30 -21.82 26.21
N GLN A 218 9.31 -21.59 25.37
CA GLN A 218 10.51 -22.42 25.41
C GLN A 218 11.42 -22.04 26.56
N GLN A 219 11.54 -20.74 26.86
CA GLN A 219 12.41 -20.30 27.93
C GLN A 219 12.06 -18.86 28.30
N ILE A 220 12.28 -18.53 29.56
CA ILE A 220 12.08 -17.19 30.11
C ILE A 220 13.36 -16.83 30.86
N GLY A 221 14.21 -16.01 30.25
CA GLY A 221 15.46 -15.66 30.91
C GLY A 221 16.04 -14.38 30.36
N THR A 222 17.01 -13.85 31.10
CA THR A 222 17.71 -12.64 30.70
C THR A 222 18.46 -12.88 29.39
N PRO A 223 18.67 -11.83 28.58
CA PRO A 223 19.31 -12.03 27.26
C PRO A 223 20.73 -12.59 27.34
N ASP A 224 21.24 -12.83 28.54
CA ASP A 224 22.53 -13.49 28.70
C ASP A 224 22.39 -14.96 29.07
N GLU A 225 21.46 -15.31 29.96
CA GLU A 225 21.12 -16.70 30.23
C GLU A 225 20.38 -17.35 29.07
N LEU A 226 19.76 -16.55 28.21
CA LEU A 226 19.09 -17.06 27.03
C LEU A 226 20.06 -17.43 25.92
N TYR A 227 21.30 -16.94 25.99
CA TYR A 227 22.31 -17.14 24.96
C TYR A 227 23.45 -18.03 25.44
N SER A 228 23.86 -17.91 26.70
CA SER A 228 24.91 -18.77 27.23
C SER A 228 24.36 -20.15 27.61
N SER A 229 23.06 -20.22 27.88
CA SER A 229 22.43 -21.47 28.33
C SER A 229 21.09 -21.66 27.65
N PRO A 230 21.07 -22.02 26.36
CA PRO A 230 19.80 -22.31 25.70
C PRO A 230 19.31 -23.70 26.03
N ALA A 231 18.00 -23.91 26.02
CA ALA A 231 17.40 -25.17 26.43
C ALA A 231 16.49 -25.73 25.35
N ASN A 232 16.96 -25.69 24.10
CA ASN A 232 16.24 -26.23 22.96
C ASN A 232 17.16 -26.21 21.75
N LEU A 233 16.64 -26.68 20.62
CA LEU A 233 17.21 -26.34 19.33
C LEU A 233 16.72 -24.98 18.88
N PHE A 234 15.52 -24.59 19.30
CA PHE A 234 14.90 -23.37 18.82
C PHE A 234 15.44 -22.15 19.56
N VAL A 235 15.49 -22.19 20.89
CA VAL A 235 15.95 -21.05 21.67
C VAL A 235 17.47 -20.99 21.59
N ALA A 236 18.06 -21.94 20.87
CA ALA A 236 19.49 -21.95 20.61
C ALA A 236 19.83 -21.42 19.23
N GLY A 237 19.13 -21.90 18.20
CA GLY A 237 19.36 -21.43 16.86
C GLY A 237 18.49 -20.26 16.42
N PHE A 238 17.74 -19.66 17.34
CA PHE A 238 16.86 -18.55 17.00
C PHE A 238 17.47 -17.19 17.30
N ILE A 239 18.28 -17.09 18.36
CA ILE A 239 18.89 -15.81 18.76
C ILE A 239 20.33 -15.78 18.27
N GLY A 240 20.74 -14.63 17.75
CA GLY A 240 22.02 -14.49 17.08
C GLY A 240 21.82 -14.45 15.58
N SER A 241 22.19 -13.35 14.94
CA SER A 241 21.86 -13.18 13.54
C SER A 241 22.66 -14.13 12.64
N PRO A 242 23.94 -14.43 12.92
CA PRO A 242 24.54 -15.62 12.31
C PRO A 242 24.20 -16.86 13.12
N ALA A 243 23.04 -17.46 12.87
CA ALA A 243 22.50 -18.49 13.74
C ALA A 243 23.46 -19.67 13.87
N MET A 244 23.18 -20.52 14.85
CA MET A 244 24.10 -21.58 15.23
C MET A 244 24.22 -22.63 14.15
N ASN A 245 25.45 -23.09 13.90
CA ASN A 245 25.69 -24.18 12.97
C ASN A 245 25.33 -25.50 13.65
N PHE A 246 24.61 -26.35 12.93
CA PHE A 246 24.05 -27.58 13.50
C PHE A 246 24.60 -28.79 12.78
N PHE A 247 25.75 -29.27 13.23
CA PHE A 247 26.29 -30.49 12.65
C PHE A 247 25.67 -31.72 13.32
N PRO A 248 25.39 -32.78 12.57
CA PRO A 248 24.93 -34.02 13.22
C PRO A 248 26.09 -34.67 13.95
N ALA A 249 25.86 -35.80 14.60
CA ALA A 249 26.93 -36.41 15.39
C ALA A 249 26.56 -37.85 15.72
N THR A 250 27.56 -38.57 16.23
CA THR A 250 27.40 -39.91 16.76
C THR A 250 28.40 -40.11 17.87
N ARG A 251 28.00 -40.90 18.88
CA ARG A 251 28.87 -41.14 20.03
C ARG A 251 29.89 -42.21 19.67
N THR A 252 31.16 -41.82 19.63
CA THR A 252 32.26 -42.73 19.33
C THR A 252 32.74 -43.49 20.56
N ASP A 253 31.94 -43.53 21.62
CA ASP A 253 32.19 -44.23 22.88
C ASP A 253 33.32 -43.62 23.69
N VAL A 254 34.00 -42.60 23.17
CA VAL A 254 35.05 -41.91 23.92
C VAL A 254 34.79 -40.41 23.79
N GLY A 255 33.78 -40.05 23.03
CA GLY A 255 33.47 -38.66 22.77
C GLY A 255 32.42 -38.50 21.68
N VAL A 256 32.69 -37.64 20.71
CA VAL A 256 31.76 -37.37 19.62
C VAL A 256 32.55 -37.37 18.32
N ARG A 257 31.83 -37.48 17.20
CA ARG A 257 32.44 -37.49 15.88
C ARG A 257 31.58 -36.65 14.93
N LEU A 258 31.99 -35.40 14.74
CA LEU A 258 31.32 -34.51 13.82
C LEU A 258 31.62 -34.90 12.39
N PRO A 259 30.88 -34.37 11.41
CA PRO A 259 31.12 -34.77 10.01
C PRO A 259 32.51 -34.44 9.49
N PHE A 260 33.30 -33.64 10.20
CA PHE A 260 34.62 -33.26 9.73
C PHE A 260 35.73 -33.47 10.74
N GLY A 261 35.43 -33.89 11.97
CA GLY A 261 36.47 -34.09 12.95
C GLY A 261 35.94 -34.85 14.15
N GLU A 262 36.88 -35.47 14.87
CA GLU A 262 36.58 -36.22 16.08
C GLU A 262 37.16 -35.50 17.28
N VAL A 263 36.42 -35.48 18.38
CA VAL A 263 36.88 -34.83 19.60
C VAL A 263 36.21 -35.50 20.79
N THR A 264 37.01 -35.75 21.83
CA THR A 264 36.48 -36.16 23.12
C THR A 264 36.19 -34.92 23.96
N LEU A 265 34.93 -34.72 24.30
CA LEU A 265 34.50 -33.46 24.90
C LEU A 265 35.16 -33.22 26.25
N THR A 266 34.79 -34.04 27.24
CA THR A 266 35.29 -33.96 28.60
C THR A 266 34.76 -35.17 29.36
N PRO A 267 35.56 -35.74 30.29
CA PRO A 267 35.08 -36.88 31.08
C PRO A 267 33.72 -36.65 31.74
N HIS A 268 33.58 -35.57 32.50
CA HIS A 268 32.30 -35.32 33.15
C HIS A 268 31.21 -34.95 32.14
N MET A 269 31.57 -34.26 31.06
CA MET A 269 30.61 -34.00 30.00
C MET A 269 30.16 -35.29 29.34
N LEU A 270 31.10 -36.22 29.10
CA LEU A 270 30.73 -37.51 28.53
C LEU A 270 29.82 -38.28 29.47
N ASP A 271 30.10 -38.23 30.78
CA ASP A 271 29.24 -38.92 31.74
C ASP A 271 27.85 -38.29 31.77
N LEU A 272 27.77 -36.97 31.68
CA LEU A 272 26.47 -36.30 31.64
C LEU A 272 25.69 -36.70 30.40
N LEU A 273 26.35 -36.77 29.25
CA LEU A 273 25.67 -37.21 28.03
C LEU A 273 25.24 -38.66 28.14
N ASP A 274 26.05 -39.51 28.78
CA ASP A 274 25.68 -40.92 28.95
C ASP A 274 24.54 -41.08 29.94
N LYS A 275 24.36 -40.11 30.85
CA LYS A 275 23.27 -40.18 31.80
C LYS A 275 21.91 -40.22 31.10
N GLN A 276 21.59 -39.17 30.35
CA GLN A 276 20.40 -39.15 29.51
C GLN A 276 20.79 -39.74 28.15
N ALA A 277 20.94 -41.05 28.13
CA ALA A 277 21.40 -41.74 26.93
C ALA A 277 20.43 -41.51 25.77
N ARG A 278 21.00 -41.42 24.57
CA ARG A 278 20.24 -41.20 23.36
C ARG A 278 20.64 -42.21 22.30
N PRO A 279 19.70 -42.64 21.45
CA PRO A 279 20.02 -43.62 20.39
C PRO A 279 20.85 -43.02 19.26
N GLU A 280 22.05 -42.54 19.60
CA GLU A 280 23.02 -42.02 18.64
C GLU A 280 22.42 -40.95 17.73
N ASN A 281 21.53 -40.13 18.28
CA ASN A 281 20.92 -39.01 17.55
C ASN A 281 21.04 -37.76 18.42
N ILE A 282 22.19 -37.08 18.33
CA ILE A 282 22.45 -35.89 19.13
C ILE A 282 23.12 -34.84 18.25
N ILE A 283 22.36 -33.87 17.77
CA ILE A 283 22.89 -32.91 16.80
C ILE A 283 23.63 -31.77 17.48
N VAL A 284 24.95 -31.91 17.58
CA VAL A 284 25.84 -30.90 18.17
C VAL A 284 25.66 -29.58 17.44
N GLY A 285 25.89 -28.47 18.15
CA GLY A 285 25.84 -27.16 17.53
C GLY A 285 26.99 -26.31 18.04
N ILE A 286 27.45 -25.41 17.16
CA ILE A 286 28.56 -24.51 17.48
C ILE A 286 28.21 -23.14 16.92
N ARG A 287 28.37 -22.11 17.75
CA ARG A 287 28.12 -20.75 17.30
C ARG A 287 29.16 -20.36 16.25
N PRO A 288 28.80 -19.51 15.29
CA PRO A 288 29.81 -19.03 14.33
C PRO A 288 30.94 -18.26 14.98
N GLU A 289 30.66 -17.53 16.06
CA GLU A 289 31.68 -16.71 16.71
C GLU A 289 32.81 -17.55 17.32
N HIS A 290 32.66 -18.87 17.40
CA HIS A 290 33.66 -19.74 18.00
C HIS A 290 34.49 -20.48 16.95
N ILE A 291 34.42 -20.06 15.69
CA ILE A 291 35.21 -20.66 14.61
C ILE A 291 36.14 -19.57 14.08
N GLU A 292 37.43 -19.88 14.00
CA GLU A 292 38.43 -18.88 13.69
C GLU A 292 39.55 -19.49 12.85
N ASP A 293 40.17 -18.66 12.00
CA ASP A 293 41.18 -19.16 11.08
C ASP A 293 42.37 -19.71 11.84
N SER A 294 42.91 -20.83 11.35
CA SER A 294 44.05 -21.47 12.00
C SER A 294 45.30 -20.61 11.91
N ALA A 295 45.51 -19.95 10.76
CA ALA A 295 46.68 -19.11 10.58
C ALA A 295 46.75 -18.01 11.63
N LEU A 296 45.62 -17.37 11.92
CA LEU A 296 45.55 -16.33 12.94
C LEU A 296 45.52 -16.90 14.35
N LEU A 297 45.60 -18.21 14.50
CA LEU A 297 45.56 -18.85 15.81
C LEU A 297 46.98 -18.92 16.37
N ASP A 298 47.21 -18.20 17.47
CA ASP A 298 48.49 -18.29 18.16
C ASP A 298 48.73 -19.72 18.65
N GLY A 299 50.00 -20.05 18.82
CA GLY A 299 50.37 -21.35 19.35
C GLY A 299 49.74 -21.63 20.71
N TYR A 300 49.85 -22.89 21.13
CA TYR A 300 49.31 -23.43 22.37
C TYR A 300 47.79 -23.51 22.35
N ALA A 301 47.13 -23.03 21.30
CA ALA A 301 45.69 -23.16 21.15
C ALA A 301 45.29 -23.93 19.90
N ARG A 302 46.14 -23.95 18.88
CA ARG A 302 45.84 -24.68 17.65
C ARG A 302 45.92 -26.18 17.84
N ILE A 303 46.59 -26.65 18.90
CA ILE A 303 46.84 -28.08 19.05
C ILE A 303 45.56 -28.83 19.38
N ARG A 304 44.64 -28.20 20.11
CA ARG A 304 43.42 -28.84 20.58
C ARG A 304 42.20 -28.03 20.19
N ALA A 305 42.14 -27.64 18.92
CA ALA A 305 41.04 -26.81 18.42
C ALA A 305 40.33 -27.43 17.21
N LEU A 306 40.49 -28.73 16.99
CA LEU A 306 39.81 -29.46 15.92
C LEU A 306 40.00 -28.76 14.58
N THR A 307 41.25 -28.70 14.14
CA THR A 307 41.61 -27.97 12.94
C THR A 307 41.19 -28.77 11.70
N PHE A 308 40.28 -28.20 10.91
CA PHE A 308 39.88 -28.79 9.64
C PHE A 308 39.81 -27.68 8.60
N SER A 309 39.78 -28.09 7.33
CA SER A 309 39.82 -27.16 6.21
C SER A 309 38.61 -27.35 5.32
N VAL A 310 38.11 -26.23 4.77
CA VAL A 310 36.97 -26.23 3.85
C VAL A 310 37.23 -25.19 2.76
N ARG A 311 36.35 -25.18 1.77
CA ARG A 311 36.43 -24.25 0.64
C ARG A 311 35.40 -23.14 0.87
N ALA A 312 35.89 -21.93 1.12
CA ALA A 312 35.02 -20.79 1.37
C ALA A 312 34.16 -20.48 0.15
N ASP A 313 32.85 -20.70 0.26
CA ASP A 313 31.96 -20.43 -0.87
C ASP A 313 31.83 -18.93 -1.12
N ILE A 314 31.66 -18.15 -0.04
CA ILE A 314 31.54 -16.70 -0.14
C ILE A 314 32.09 -16.08 1.14
N VAL A 315 32.98 -15.11 0.98
CA VAL A 315 33.62 -14.44 2.12
C VAL A 315 33.12 -13.01 2.12
N GLU A 316 32.04 -12.74 2.85
CA GLU A 316 31.53 -11.39 2.98
C GLU A 316 32.29 -10.68 4.09
N SER A 317 33.17 -9.76 3.71
CA SER A 317 33.91 -8.93 4.67
C SER A 317 33.18 -7.60 4.79
N LEU A 318 32.51 -7.40 5.92
CA LEU A 318 31.63 -6.25 6.12
C LEU A 318 32.07 -5.40 7.31
N GLY A 319 33.36 -5.40 7.62
CA GLY A 319 33.85 -4.60 8.73
C GLY A 319 34.96 -5.29 9.50
N ALA A 320 34.81 -5.35 10.82
CA ALA A 320 35.82 -5.96 11.68
C ALA A 320 35.68 -7.47 11.78
N ASP A 321 34.97 -8.10 10.86
CA ASP A 321 34.77 -9.54 10.87
C ASP A 321 34.25 -9.98 9.51
N LYS A 322 34.82 -11.06 8.98
CA LYS A 322 34.42 -11.59 7.69
C LYS A 322 33.70 -12.91 7.90
N TYR A 323 32.50 -13.03 7.32
CA TYR A 323 31.61 -14.17 7.57
C TYR A 323 31.84 -15.21 6.48
N VAL A 324 32.92 -15.97 6.62
CA VAL A 324 33.25 -17.00 5.64
C VAL A 324 32.18 -18.08 5.66
N HIS A 325 31.48 -18.24 4.53
CA HIS A 325 30.57 -19.35 4.43
C HIS A 325 31.33 -20.62 4.05
N PHE A 326 30.66 -21.75 4.20
CA PHE A 326 31.17 -23.02 3.70
C PHE A 326 30.07 -24.08 3.77
N THR A 327 30.43 -25.32 3.42
CA THR A 327 29.46 -26.40 3.38
C THR A 327 30.19 -27.73 3.54
N THR A 328 29.67 -28.59 4.40
CA THR A 328 30.15 -29.95 4.56
C THR A 328 29.06 -30.90 4.09
N GLU A 329 29.45 -31.88 3.28
CA GLU A 329 28.47 -32.74 2.63
C GLU A 329 27.97 -33.82 3.59
N GLY A 330 26.71 -34.20 3.41
CA GLY A 330 26.07 -35.19 4.26
C GLY A 330 24.65 -34.81 4.63
N ALA A 331 24.37 -34.71 5.93
CA ALA A 331 23.05 -34.35 6.43
C ALA A 331 23.25 -33.64 7.76
N GLY A 332 22.18 -33.55 8.55
CA GLY A 332 22.27 -32.96 9.87
C GLY A 332 21.07 -32.15 10.31
N ALA A 333 20.25 -31.71 9.34
CA ALA A 333 18.98 -31.06 9.66
C ALA A 333 17.92 -32.13 9.88
N GLU A 334 18.19 -32.98 10.87
CA GLU A 334 17.41 -34.19 11.11
C GLU A 334 16.60 -34.12 12.39
N SER A 335 16.02 -32.96 12.71
CA SER A 335 15.13 -32.83 13.86
C SER A 335 13.87 -32.08 13.45
N ALA A 336 12.94 -31.98 14.40
CA ALA A 336 11.68 -31.27 14.15
C ALA A 336 11.74 -29.82 14.63
N GLN A 337 12.30 -29.59 15.82
CA GLN A 337 12.57 -28.23 16.27
C GLN A 337 13.45 -27.50 15.26
N LEU A 338 14.49 -28.18 14.77
CA LEU A 338 15.40 -27.57 13.82
C LEU A 338 14.70 -27.24 12.50
N ALA A 339 13.80 -28.11 12.06
CA ALA A 339 13.07 -27.83 10.82
C ALA A 339 12.10 -26.67 11.00
N GLU A 340 11.39 -26.62 12.13
CA GLU A 340 10.51 -25.49 12.39
C GLU A 340 11.27 -24.20 12.59
N LEU A 341 12.55 -24.29 12.98
CA LEU A 341 13.40 -23.11 13.09
C LEU A 341 13.88 -22.64 11.72
N ALA A 342 14.34 -23.57 10.88
CA ALA A 342 14.75 -23.23 9.52
C ALA A 342 13.57 -22.96 8.59
N ALA A 343 12.34 -23.09 9.09
CA ALA A 343 11.18 -22.70 8.29
C ALA A 343 11.21 -21.22 7.88
N ASP A 344 11.93 -20.39 8.64
CA ASP A 344 12.03 -18.93 8.32
C ASP A 344 13.49 -18.58 7.98
N SER A 345 14.41 -18.82 8.92
CA SER A 345 15.82 -18.58 8.69
C SER A 345 16.46 -19.81 8.03
N GLY A 346 17.77 -19.79 7.91
CA GLY A 346 18.49 -20.95 7.42
C GLY A 346 18.36 -21.14 5.93
N ALA A 347 17.14 -21.48 5.48
CA ALA A 347 16.83 -21.70 4.07
C ALA A 347 17.88 -22.55 3.37
N GLY A 348 18.38 -23.57 4.07
CA GLY A 348 19.42 -24.43 3.52
C GLY A 348 19.76 -25.57 4.46
N THR A 349 19.90 -26.77 3.91
CA THR A 349 20.14 -27.96 4.72
C THR A 349 21.48 -27.88 5.44
N ASN A 350 22.57 -27.71 4.68
CA ASN A 350 23.92 -27.60 5.24
C ASN A 350 24.64 -26.43 4.55
N GLN A 351 24.52 -25.24 5.14
CA GLN A 351 25.20 -24.04 4.67
C GLN A 351 25.67 -23.29 5.91
N PHE A 352 26.94 -23.46 6.27
CA PHE A 352 27.45 -23.10 7.58
C PHE A 352 28.31 -21.85 7.50
N ILE A 353 27.98 -20.85 8.31
CA ILE A 353 28.74 -19.61 8.40
C ILE A 353 29.84 -19.78 9.43
N ALA A 354 30.88 -18.95 9.34
CA ALA A 354 31.95 -18.94 10.32
C ALA A 354 32.60 -17.56 10.31
N ARG A 355 32.54 -16.86 11.45
CA ARG A 355 33.07 -15.51 11.55
C ARG A 355 34.56 -15.55 11.85
N VAL A 356 35.36 -15.09 10.90
CA VAL A 356 36.81 -14.99 11.07
C VAL A 356 37.15 -13.53 11.33
N SER A 357 38.19 -13.30 12.12
CA SER A 357 38.64 -11.95 12.39
C SER A 357 39.20 -11.32 11.12
N ALA A 358 39.00 -10.00 10.99
CA ALA A 358 39.23 -9.30 9.74
C ALA A 358 40.71 -9.23 9.33
N ASP A 359 41.61 -9.83 10.10
CA ASP A 359 43.02 -9.83 9.72
C ASP A 359 43.40 -10.98 8.80
N SER A 360 42.56 -12.00 8.69
CA SER A 360 42.89 -13.16 7.88
C SER A 360 42.72 -12.85 6.40
N ARG A 361 43.60 -13.42 5.58
CA ARG A 361 43.57 -13.24 4.13
C ARG A 361 42.81 -14.40 3.52
N VAL A 362 41.54 -14.17 3.16
CA VAL A 362 40.69 -15.20 2.59
C VAL A 362 39.93 -14.58 1.43
N ARG A 363 40.08 -15.16 0.24
CA ARG A 363 39.32 -14.73 -0.92
C ARG A 363 38.13 -15.68 -1.13
N THR A 364 37.25 -15.30 -2.05
CA THR A 364 36.10 -16.15 -2.35
C THR A 364 36.54 -17.36 -3.15
N GLY A 365 36.63 -18.51 -2.48
CA GLY A 365 37.02 -19.74 -3.12
C GLY A 365 38.40 -20.25 -2.79
N GLU A 366 39.02 -19.75 -1.72
CA GLU A 366 40.35 -20.19 -1.33
C GLU A 366 40.24 -21.46 -0.48
N GLN A 367 41.36 -21.87 0.11
CA GLN A 367 41.42 -23.03 1.00
C GLN A 367 41.94 -22.57 2.35
N ILE A 368 41.07 -22.59 3.35
CA ILE A 368 41.40 -22.12 4.70
C ILE A 368 41.09 -23.21 5.71
N GLU A 369 41.87 -23.23 6.79
CA GLU A 369 41.69 -24.19 7.86
C GLU A 369 40.98 -23.50 9.02
N LEU A 370 39.73 -23.88 9.27
CA LEU A 370 38.91 -23.25 10.29
C LEU A 370 39.02 -24.04 11.59
N ALA A 371 39.82 -23.52 12.53
CA ALA A 371 39.87 -24.12 13.85
C ALA A 371 38.59 -23.78 14.63
N ILE A 372 38.20 -24.71 15.50
CA ILE A 372 36.93 -24.62 16.21
C ILE A 372 37.16 -25.07 17.66
N ASP A 373 37.08 -24.12 18.59
CA ASP A 373 37.28 -24.43 20.00
C ASP A 373 36.23 -25.43 20.47
N THR A 374 36.69 -26.56 21.01
CA THR A 374 35.80 -27.62 21.47
C THR A 374 35.48 -27.52 22.94
N THR A 375 35.46 -26.30 23.49
CA THR A 375 35.01 -26.06 24.84
C THR A 375 33.74 -25.21 24.90
N LYS A 376 33.19 -24.84 23.75
CA LYS A 376 31.96 -24.06 23.69
C LYS A 376 30.92 -24.65 22.76
N LEU A 377 30.97 -25.95 22.48
CA LEU A 377 29.99 -26.58 21.62
C LEU A 377 28.84 -27.13 22.44
N SER A 378 27.61 -26.81 22.03
CA SER A 378 26.41 -27.24 22.72
C SER A 378 25.85 -28.47 22.05
N ILE A 379 25.65 -29.53 22.83
CA ILE A 379 25.27 -30.84 22.31
C ILE A 379 23.81 -31.10 22.69
N PHE A 380 22.92 -30.90 21.74
CA PHE A 380 21.48 -31.04 21.91
C PHE A 380 21.04 -32.47 21.61
N ASP A 381 19.73 -32.66 21.51
CA ASP A 381 19.16 -33.94 21.15
C ASP A 381 18.29 -33.81 19.91
N ALA A 382 18.15 -34.93 19.19
CA ALA A 382 17.42 -34.90 17.92
C ALA A 382 15.91 -34.92 18.12
N ALA A 383 15.39 -35.98 18.74
CA ALA A 383 13.95 -36.17 18.80
C ALA A 383 13.30 -35.24 19.82
N THR A 384 13.84 -35.19 21.04
CA THR A 384 13.24 -34.35 22.08
C THR A 384 13.52 -32.88 21.80
N GLY A 385 14.79 -32.49 21.74
CA GLY A 385 15.19 -31.13 21.46
C GLY A 385 15.90 -30.46 22.62
N LEU A 386 15.78 -31.00 23.82
CA LEU A 386 16.31 -30.31 25.03
C LEU A 386 17.83 -30.43 25.17
N ASN A 387 18.52 -29.32 25.41
CA ASN A 387 19.96 -29.30 25.60
C ASN A 387 20.37 -30.36 26.61
N LEU A 388 21.64 -30.74 26.57
CA LEU A 388 22.18 -31.64 27.59
C LEU A 388 23.48 -31.15 28.21
N THR A 389 24.02 -30.01 27.79
CA THR A 389 25.13 -29.41 28.52
C THR A 389 24.62 -28.62 29.73
N ARG A 390 23.81 -27.60 29.47
CA ARG A 390 23.21 -26.79 30.52
C ARG A 390 21.80 -26.44 30.08
N ASP A 391 20.80 -27.09 30.69
CA ASP A 391 19.40 -26.80 30.40
C ASP A 391 19.07 -25.33 30.65
N ALA B 2 28.08 -6.09 -21.15
CA ALA B 2 29.53 -6.19 -21.05
C ALA B 2 30.12 -4.94 -20.43
N GLU B 3 31.22 -4.47 -21.00
CA GLU B 3 31.89 -3.28 -20.49
C GLU B 3 30.98 -2.06 -20.64
N ILE B 4 30.54 -1.51 -19.51
CA ILE B 4 29.66 -0.35 -19.50
C ILE B 4 30.51 0.86 -19.13
N VAL B 5 30.89 1.64 -20.12
CA VAL B 5 31.60 2.89 -19.87
C VAL B 5 30.59 4.03 -19.82
N LEU B 6 30.79 4.95 -18.89
CA LEU B 6 30.00 6.17 -18.89
C LEU B 6 30.81 7.27 -18.22
N ASP B 7 31.11 8.32 -18.98
CA ASP B 7 31.96 9.41 -18.52
C ASP B 7 31.23 10.73 -18.73
N ARG B 8 31.26 11.59 -17.72
CA ARG B 8 30.67 12.92 -17.77
C ARG B 8 29.16 12.87 -18.00
N VAL B 9 28.56 11.71 -17.74
CA VAL B 9 27.11 11.59 -17.78
C VAL B 9 26.51 12.49 -16.71
N THR B 10 25.50 13.27 -17.09
CA THR B 10 24.80 14.13 -16.15
C THR B 10 23.30 13.91 -16.28
N LYS B 11 22.56 14.67 -15.49
CA LYS B 11 21.10 14.71 -15.58
C LYS B 11 20.63 15.91 -14.78
N SER B 12 19.78 16.74 -15.39
CA SER B 12 19.35 17.99 -14.78
C SER B 12 17.83 18.06 -14.78
N TYR B 13 17.22 17.79 -13.64
CA TYR B 13 15.78 17.96 -13.48
C TYR B 13 15.42 19.44 -13.59
N PRO B 14 14.69 19.86 -14.63
CA PRO B 14 14.36 21.27 -14.83
C PRO B 14 13.28 21.78 -13.88
N ARG B 21 18.36 22.67 -11.62
CA ARG B 21 18.77 21.84 -10.51
C ARG B 21 19.17 20.44 -10.99
N ALA B 22 20.41 20.04 -10.72
CA ALA B 22 20.92 18.77 -11.18
C ALA B 22 20.70 17.69 -10.13
N ALA B 23 20.26 16.52 -10.59
CA ALA B 23 20.10 15.35 -9.74
C ALA B 23 21.32 14.43 -9.79
N VAL B 24 21.85 14.17 -10.98
CA VAL B 24 23.14 13.53 -11.15
C VAL B 24 24.05 14.50 -11.88
N LYS B 25 25.33 14.52 -11.49
CA LYS B 25 26.26 15.45 -12.10
C LYS B 25 27.65 14.81 -12.16
N GLU B 26 28.19 14.74 -13.37
CA GLU B 26 29.56 14.28 -13.62
C GLU B 26 29.79 12.89 -13.03
N PHE B 27 29.05 11.91 -13.54
CA PHE B 27 29.31 10.52 -13.21
C PHE B 27 30.32 9.95 -14.20
N SER B 28 31.31 9.24 -13.69
CA SER B 28 32.41 8.77 -14.53
C SER B 28 32.93 7.46 -13.99
N MET B 29 32.69 6.37 -14.72
CA MET B 29 33.25 5.07 -14.36
C MET B 29 33.17 4.13 -15.55
N THR B 30 34.08 3.17 -15.56
CA THR B 30 34.20 2.15 -16.60
C THR B 30 33.94 0.80 -15.92
N ILE B 31 32.67 0.40 -15.87
CA ILE B 31 32.29 -0.87 -15.28
C ILE B 31 32.81 -1.99 -16.19
N ALA B 32 33.79 -2.74 -15.70
CA ALA B 32 34.35 -3.83 -16.48
C ALA B 32 33.34 -4.98 -16.56
N ASP B 33 33.75 -6.06 -17.23
CA ASP B 33 32.86 -7.20 -17.41
C ASP B 33 32.83 -8.06 -16.16
N GLY B 34 31.67 -8.67 -15.91
CA GLY B 34 31.50 -9.57 -14.79
C GLY B 34 31.37 -8.91 -13.43
N GLU B 35 31.82 -7.66 -13.28
CA GLU B 35 31.81 -7.03 -11.98
C GLU B 35 30.38 -6.84 -11.47
N PHE B 36 30.27 -6.54 -10.18
CA PHE B 36 28.98 -6.41 -9.49
C PHE B 36 29.03 -5.08 -8.73
N ILE B 37 28.68 -3.99 -9.42
CA ILE B 37 28.77 -2.66 -8.84
C ILE B 37 27.58 -2.41 -7.92
N ILE B 38 27.82 -1.67 -6.84
CA ILE B 38 26.79 -1.36 -5.86
C ILE B 38 26.73 0.15 -5.71
N LEU B 39 25.69 0.77 -6.28
CA LEU B 39 25.43 2.19 -6.05
C LEU B 39 24.71 2.33 -4.72
N VAL B 40 25.36 2.97 -3.75
CA VAL B 40 24.82 3.10 -2.40
C VAL B 40 24.92 4.55 -1.97
N GLY B 41 23.92 5.01 -1.21
CA GLY B 41 23.87 6.37 -0.75
C GLY B 41 22.58 6.67 -0.02
N PRO B 42 22.49 7.86 0.57
CA PRO B 42 21.28 8.22 1.31
C PRO B 42 20.08 8.35 0.37
N SER B 43 18.89 8.18 0.96
CA SER B 43 17.67 8.30 0.18
C SER B 43 17.56 9.68 -0.45
N GLY B 44 17.11 9.72 -1.70
CA GLY B 44 17.04 10.96 -2.44
C GLY B 44 18.31 11.36 -3.14
N CYS B 45 19.25 10.45 -3.31
CA CYS B 45 20.50 10.75 -4.00
C CYS B 45 20.38 10.42 -5.49
N GLY B 46 21.51 10.50 -6.18
CA GLY B 46 21.53 10.22 -7.61
C GLY B 46 21.89 8.80 -7.96
N LYS B 47 21.28 7.82 -7.29
CA LYS B 47 21.52 6.41 -7.58
C LYS B 47 20.40 5.76 -8.37
N SER B 48 19.13 5.98 -7.99
CA SER B 48 18.05 5.49 -8.81
C SER B 48 18.00 6.20 -10.16
N THR B 49 18.35 7.49 -10.18
CA THR B 49 18.38 8.21 -11.43
C THR B 49 19.44 7.67 -12.37
N THR B 50 20.65 7.40 -11.86
CA THR B 50 21.68 6.85 -12.73
C THR B 50 21.38 5.42 -13.14
N LEU B 51 20.72 4.66 -12.26
CA LEU B 51 20.32 3.31 -12.65
C LEU B 51 19.29 3.35 -13.78
N ASN B 52 18.34 4.29 -13.71
CA ASN B 52 17.38 4.44 -14.79
C ASN B 52 18.06 4.90 -16.07
N MET B 53 18.95 5.90 -15.96
CA MET B 53 19.69 6.38 -17.13
C MET B 53 20.45 5.25 -17.81
N ILE B 54 21.01 4.32 -17.03
CA ILE B 54 21.63 3.15 -17.62
C ILE B 54 20.57 2.26 -18.26
N ALA B 55 19.42 2.09 -17.58
CA ALA B 55 18.41 1.16 -18.06
C ALA B 55 17.71 1.69 -19.31
N GLY B 56 17.72 3.01 -19.51
CA GLY B 56 17.09 3.61 -20.67
C GLY B 56 15.75 4.27 -20.39
N LEU B 57 15.19 4.11 -19.19
CA LEU B 57 13.89 4.72 -18.90
C LEU B 57 13.98 6.23 -18.78
N GLU B 58 15.17 6.79 -18.73
CA GLU B 58 15.35 8.24 -18.66
C GLU B 58 16.28 8.67 -19.80
N GLU B 59 16.60 9.97 -19.82
CA GLU B 59 17.38 10.56 -20.90
C GLU B 59 18.59 11.26 -20.31
N ILE B 60 19.79 10.83 -20.75
CA ILE B 60 21.01 11.50 -20.33
C ILE B 60 21.04 12.91 -20.92
N THR B 61 21.82 13.80 -20.29
CA THR B 61 21.89 15.19 -20.72
C THR B 61 23.21 15.55 -21.37
N SER B 62 24.35 15.21 -20.76
CA SER B 62 25.64 15.46 -21.40
C SER B 62 25.98 14.31 -22.34
N GLY B 63 26.07 13.09 -21.80
CA GLY B 63 25.94 11.91 -22.60
C GLY B 63 27.20 11.27 -23.17
N GLU B 64 27.57 10.12 -22.60
CA GLU B 64 28.33 9.10 -23.29
C GLU B 64 28.19 7.82 -22.49
N LEU B 65 27.53 6.83 -23.07
CA LEU B 65 27.21 5.58 -22.37
C LEU B 65 27.35 4.45 -23.37
N ARG B 66 28.41 3.66 -23.22
CA ARG B 66 28.73 2.62 -24.18
C ARG B 66 28.55 1.25 -23.53
N ILE B 67 27.33 0.71 -23.63
CA ILE B 67 27.06 -0.67 -23.25
C ILE B 67 27.55 -1.53 -24.41
N GLY B 68 28.79 -2.01 -24.32
CA GLY B 68 29.41 -2.69 -25.43
C GLY B 68 30.58 -1.90 -25.97
N GLY B 69 30.45 -1.37 -27.18
CA GLY B 69 31.49 -0.53 -27.74
C GLY B 69 30.95 0.64 -28.54
N GLU B 70 29.69 0.99 -28.32
CA GLU B 70 29.01 2.00 -29.12
C GLU B 70 28.13 2.86 -28.23
N ARG B 71 27.91 4.10 -28.66
CA ARG B 71 27.16 5.08 -27.89
C ARG B 71 25.68 4.71 -27.90
N VAL B 72 25.16 4.25 -26.76
CA VAL B 72 23.78 3.76 -26.70
C VAL B 72 22.92 4.66 -25.82
N ASN B 73 23.28 5.94 -25.72
CA ASN B 73 22.44 6.85 -24.96
C ASN B 73 21.25 7.36 -25.76
N GLU B 74 20.99 6.77 -26.93
CA GLU B 74 19.84 7.11 -27.76
C GLU B 74 18.98 5.92 -28.14
N LYS B 75 19.51 4.71 -28.07
CA LYS B 75 18.72 3.53 -28.39
C LYS B 75 17.62 3.32 -27.35
N ALA B 76 16.53 2.70 -27.80
CA ALA B 76 15.40 2.47 -26.92
C ALA B 76 15.75 1.42 -25.86
N PRO B 77 15.04 1.42 -24.73
CA PRO B 77 15.31 0.41 -23.69
C PRO B 77 15.25 -1.02 -24.20
N LYS B 78 14.43 -1.29 -25.22
CA LYS B 78 14.31 -2.64 -25.76
C LYS B 78 15.44 -3.01 -26.71
N ASP B 79 16.25 -2.04 -27.15
CA ASP B 79 17.24 -2.29 -28.17
C ASP B 79 18.66 -2.44 -27.63
N ARG B 80 18.91 -2.07 -26.37
CA ARG B 80 20.23 -2.20 -25.78
C ARG B 80 20.38 -3.47 -24.95
N ASP B 81 19.28 -4.22 -24.73
CA ASP B 81 19.33 -5.58 -24.18
C ASP B 81 19.99 -5.63 -22.80
N ILE B 82 19.36 -4.99 -21.82
CA ILE B 82 19.80 -5.04 -20.43
C ILE B 82 18.58 -5.32 -19.56
N ALA B 83 18.61 -6.45 -18.86
CA ALA B 83 17.49 -6.89 -18.04
C ALA B 83 17.45 -6.16 -16.71
N MET B 84 16.24 -5.84 -16.26
CA MET B 84 16.04 -5.14 -15.00
C MET B 84 15.02 -5.89 -14.16
N VAL B 85 15.25 -5.92 -12.85
CA VAL B 85 14.26 -6.41 -11.89
C VAL B 85 14.01 -5.31 -10.87
N PHE B 86 12.74 -4.98 -10.66
CA PHE B 86 12.36 -3.77 -9.95
C PHE B 86 12.19 -4.04 -8.45
N GLN B 87 12.05 -2.95 -7.69
CA GLN B 87 11.97 -3.05 -6.25
C GLN B 87 10.68 -3.72 -5.81
N SER B 88 9.55 -3.37 -6.44
CA SER B 88 8.24 -3.80 -6.01
C SER B 88 7.77 -5.06 -6.72
N TYR B 89 8.69 -5.81 -7.34
CA TYR B 89 8.36 -7.05 -8.02
C TYR B 89 7.28 -6.82 -9.09
N ALA B 90 7.67 -6.08 -10.13
CA ALA B 90 6.72 -5.82 -11.21
C ALA B 90 6.46 -7.10 -11.99
N LEU B 91 5.43 -7.84 -11.61
CA LEU B 91 5.11 -9.08 -12.31
C LEU B 91 3.59 -9.16 -12.45
N TYR B 92 3.14 -9.67 -13.58
CA TYR B 92 1.74 -9.58 -13.95
C TYR B 92 0.92 -10.64 -13.22
N PRO B 93 -0.17 -10.25 -12.55
CA PRO B 93 -0.99 -11.24 -11.85
C PRO B 93 -1.91 -12.03 -12.75
N HIS B 94 -2.11 -11.61 -14.00
CA HIS B 94 -2.96 -12.33 -14.94
C HIS B 94 -2.17 -13.31 -15.80
N MET B 95 -0.97 -13.67 -15.39
CA MET B 95 -0.13 -14.58 -16.16
C MET B 95 0.51 -15.58 -15.21
N THR B 96 0.45 -16.85 -15.57
CA THR B 96 1.11 -17.88 -14.79
C THR B 96 2.62 -17.69 -14.81
N VAL B 97 3.29 -18.26 -13.80
CA VAL B 97 4.73 -18.10 -13.65
C VAL B 97 5.47 -18.43 -14.94
N ARG B 98 5.04 -19.49 -15.63
CA ARG B 98 5.66 -19.83 -16.90
C ARG B 98 5.46 -18.71 -17.92
N GLN B 99 4.27 -18.14 -17.97
CA GLN B 99 4.03 -17.05 -18.92
C GLN B 99 4.80 -15.79 -18.52
N ASN B 100 4.91 -15.51 -17.22
CA ASN B 100 5.73 -14.41 -16.77
C ASN B 100 7.17 -14.58 -17.24
N ILE B 101 7.78 -15.74 -16.94
CA ILE B 101 9.16 -15.98 -17.32
C ILE B 101 9.33 -16.01 -18.84
N ALA B 102 8.29 -16.35 -19.59
CA ALA B 102 8.39 -16.40 -21.04
C ALA B 102 8.04 -15.08 -21.72
N PHE B 103 7.53 -14.10 -20.97
CA PHE B 103 7.16 -12.81 -21.55
C PHE B 103 8.26 -12.17 -22.38
N PRO B 104 9.52 -12.06 -21.92
CA PRO B 104 10.54 -11.46 -22.78
C PRO B 104 10.76 -12.23 -24.07
N LEU B 105 10.71 -13.57 -24.02
CA LEU B 105 10.95 -14.36 -25.22
C LEU B 105 9.79 -14.26 -26.20
N THR B 106 8.55 -14.31 -25.70
CA THR B 106 7.42 -14.18 -26.62
C THR B 106 7.31 -12.77 -27.17
N LEU B 107 7.81 -11.77 -26.45
CA LEU B 107 7.94 -10.43 -27.02
C LEU B 107 9.13 -10.33 -27.96
N ALA B 108 10.08 -11.27 -27.89
CA ALA B 108 11.20 -11.31 -28.80
C ALA B 108 11.00 -12.28 -29.97
N LYS B 109 9.81 -12.86 -30.09
CA LYS B 109 9.46 -13.73 -31.23
C LYS B 109 10.39 -14.94 -31.30
N VAL B 110 10.34 -15.76 -30.26
CA VAL B 110 11.17 -16.96 -30.17
C VAL B 110 10.28 -18.18 -30.44
N PRO B 111 10.78 -19.21 -31.13
CA PRO B 111 9.98 -20.43 -31.32
C PRO B 111 9.49 -21.00 -29.99
N LYS B 112 8.27 -21.56 -30.04
CA LYS B 112 7.63 -22.06 -28.82
C LYS B 112 8.47 -23.12 -28.14
N ALA B 113 9.06 -24.03 -28.93
CA ALA B 113 9.90 -25.07 -28.34
C ALA B 113 11.08 -24.47 -27.60
N GLU B 114 11.74 -23.48 -28.21
CA GLU B 114 12.83 -22.80 -27.53
C GLU B 114 12.35 -22.01 -26.32
N ILE B 115 11.14 -21.45 -26.39
CA ILE B 115 10.57 -20.79 -25.22
C ILE B 115 10.46 -21.76 -24.06
N ALA B 116 9.86 -22.93 -24.30
CA ALA B 116 9.68 -23.89 -23.23
C ALA B 116 11.03 -24.40 -22.73
N ALA B 117 11.98 -24.63 -23.63
CA ALA B 117 13.30 -25.11 -23.23
C ALA B 117 13.99 -24.09 -22.32
N LYS B 118 13.98 -22.82 -22.72
CA LYS B 118 14.66 -21.79 -21.93
C LYS B 118 13.97 -21.55 -20.60
N VAL B 119 12.63 -21.58 -20.58
CA VAL B 119 11.92 -21.41 -19.32
C VAL B 119 12.22 -22.58 -18.38
N GLU B 120 12.28 -23.80 -18.91
CA GLU B 120 12.60 -24.95 -18.09
C GLU B 120 14.01 -24.85 -17.53
N GLU B 121 14.97 -24.45 -18.36
CA GLU B 121 16.35 -24.33 -17.90
C GLU B 121 16.49 -23.24 -16.85
N THR B 122 15.81 -22.10 -17.04
CA THR B 122 15.87 -21.03 -16.05
C THR B 122 15.23 -21.46 -14.74
N ALA B 123 14.08 -22.15 -14.80
CA ALA B 123 13.46 -22.64 -13.58
C ALA B 123 14.34 -23.70 -12.90
N LYS B 124 15.13 -24.43 -13.68
CA LYS B 124 16.05 -25.40 -13.08
C LYS B 124 17.22 -24.70 -12.41
N ILE B 125 17.65 -23.55 -12.94
CA ILE B 125 18.68 -22.76 -12.27
C ILE B 125 18.22 -22.34 -10.88
N LEU B 126 16.99 -21.84 -10.81
CA LEU B 126 16.37 -21.52 -9.53
C LEU B 126 15.73 -22.77 -8.93
N ASP B 127 14.92 -22.58 -7.89
CA ASP B 127 14.29 -23.68 -7.18
C ASP B 127 12.77 -23.66 -7.28
N LEU B 128 12.22 -23.24 -8.42
CA LEU B 128 10.79 -23.13 -8.59
C LEU B 128 10.26 -23.90 -9.80
N SER B 129 10.93 -25.00 -10.18
CA SER B 129 10.47 -25.81 -11.29
C SER B 129 9.13 -26.48 -11.01
N GLU B 130 8.62 -26.38 -9.78
CA GLU B 130 7.30 -26.92 -9.45
C GLU B 130 6.21 -25.85 -9.45
N LEU B 131 6.56 -24.59 -9.19
CA LEU B 131 5.60 -23.49 -9.21
C LEU B 131 5.39 -22.92 -10.60
N LEU B 132 5.72 -23.67 -11.65
CA LEU B 132 5.66 -23.18 -13.01
C LEU B 132 4.24 -23.06 -13.55
N ASP B 133 3.21 -23.23 -12.72
CA ASP B 133 1.83 -23.15 -13.18
C ASP B 133 0.90 -22.39 -12.26
N ARG B 134 1.42 -21.77 -11.20
CA ARG B 134 0.59 -21.01 -10.28
C ARG B 134 0.75 -19.52 -10.53
N LYS B 135 -0.37 -18.80 -10.38
CA LYS B 135 -0.35 -17.35 -10.58
C LYS B 135 0.41 -16.67 -9.43
N PRO B 136 0.99 -15.50 -9.69
CA PRO B 136 1.70 -14.78 -8.62
C PRO B 136 0.83 -14.45 -7.42
N GLY B 137 -0.49 -14.37 -7.58
CA GLY B 137 -1.34 -14.08 -6.43
C GLY B 137 -1.21 -15.12 -5.34
N GLN B 138 -1.21 -16.39 -5.71
CA GLN B 138 -1.09 -17.49 -4.74
C GLN B 138 0.36 -17.90 -4.54
N LEU B 139 1.22 -16.93 -4.24
CA LEU B 139 2.63 -17.16 -3.98
C LEU B 139 3.04 -16.35 -2.75
N SER B 140 4.30 -16.51 -2.34
CA SER B 140 4.85 -15.84 -1.18
C SER B 140 5.92 -14.84 -1.62
N GLY B 141 6.55 -14.21 -0.63
CA GLY B 141 7.55 -13.19 -0.89
C GLY B 141 8.78 -13.69 -1.61
N GLY B 142 9.48 -14.65 -1.02
CA GLY B 142 10.70 -15.16 -1.63
C GLY B 142 10.44 -15.79 -2.99
N GLN B 143 9.33 -16.51 -3.13
CA GLN B 143 9.00 -17.12 -4.40
C GLN B 143 8.69 -16.07 -5.47
N ARG B 144 8.02 -14.98 -5.08
CA ARG B 144 7.78 -13.89 -6.04
C ARG B 144 9.09 -13.21 -6.44
N GLN B 145 9.98 -12.99 -5.48
CA GLN B 145 11.30 -12.45 -5.80
C GLN B 145 12.03 -13.33 -6.79
N ARG B 146 11.99 -14.65 -6.56
CA ARG B 146 12.68 -15.55 -7.48
C ARG B 146 12.00 -15.61 -8.84
N VAL B 147 10.67 -15.45 -8.89
CA VAL B 147 10.00 -15.34 -10.18
C VAL B 147 10.51 -14.13 -10.95
N ALA B 148 10.63 -12.99 -10.26
CA ALA B 148 11.12 -11.79 -10.92
C ALA B 148 12.55 -11.96 -11.41
N MET B 149 13.41 -12.52 -10.55
CA MET B 149 14.81 -12.73 -10.95
C MET B 149 14.91 -13.71 -12.11
N GLY B 150 14.06 -14.73 -12.13
CA GLY B 150 14.08 -15.66 -13.24
C GLY B 150 13.62 -15.04 -14.54
N ARG B 151 12.58 -14.19 -14.47
CA ARG B 151 12.17 -13.46 -15.66
C ARG B 151 13.28 -12.55 -16.15
N ALA B 152 14.09 -12.02 -15.25
CA ALA B 152 15.21 -11.18 -15.65
C ALA B 152 16.43 -11.97 -16.09
N ILE B 153 16.50 -13.26 -15.80
CA ILE B 153 17.64 -14.07 -16.20
C ILE B 153 17.43 -14.74 -17.56
N VAL B 154 16.19 -15.11 -17.89
CA VAL B 154 15.93 -15.95 -19.06
C VAL B 154 16.46 -15.33 -20.34
N ARG B 155 16.49 -14.00 -20.41
CA ARG B 155 16.82 -13.31 -21.66
C ARG B 155 18.29 -13.39 -22.03
N SER B 156 19.16 -13.80 -21.10
CA SER B 156 20.60 -13.80 -21.30
C SER B 156 21.09 -12.43 -21.78
N PRO B 157 20.96 -11.39 -20.94
CA PRO B 157 21.21 -10.03 -21.41
C PRO B 157 22.68 -9.65 -21.37
N LYS B 158 22.98 -8.38 -21.68
CA LYS B 158 24.34 -7.86 -21.64
C LYS B 158 24.68 -7.20 -20.32
N ALA B 159 23.68 -6.85 -19.51
CA ALA B 159 23.91 -6.26 -18.20
C ALA B 159 22.69 -6.51 -17.34
N PHE B 160 22.89 -7.19 -16.22
CA PHE B 160 21.81 -7.65 -15.36
C PHE B 160 21.48 -6.64 -14.26
N LEU B 161 21.22 -5.38 -14.66
CA LEU B 161 21.07 -4.31 -13.69
C LEU B 161 19.77 -4.45 -12.90
N MET B 162 19.86 -4.22 -11.59
CA MET B 162 18.71 -4.42 -10.70
C MET B 162 18.59 -3.28 -9.72
N ASP B 163 17.38 -3.07 -9.23
CA ASP B 163 17.01 -1.90 -8.41
C ASP B 163 16.46 -2.38 -7.06
N GLU B 164 17.37 -2.58 -6.11
CA GLU B 164 17.01 -2.94 -4.74
C GLU B 164 15.92 -4.01 -4.66
N PRO B 165 16.19 -5.22 -5.14
CA PRO B 165 15.13 -6.24 -5.20
C PRO B 165 14.81 -6.86 -3.84
N LEU B 166 15.70 -6.74 -2.86
CA LEU B 166 15.50 -7.36 -1.55
C LEU B 166 15.02 -6.38 -0.49
N SER B 167 14.21 -5.40 -0.85
CA SER B 167 13.73 -4.42 0.13
C SER B 167 12.41 -4.81 0.77
N ASN B 168 11.61 -5.64 0.10
CA ASN B 168 10.29 -6.04 0.59
C ASN B 168 10.30 -7.43 1.22
N LEU B 169 11.39 -7.80 1.87
CA LEU B 169 11.50 -9.10 2.53
C LEU B 169 11.85 -8.92 3.99
N ASP B 170 11.44 -9.88 4.81
CA ASP B 170 11.70 -9.83 6.24
C ASP B 170 13.20 -9.91 6.50
N ALA B 171 13.62 -9.34 7.64
CA ALA B 171 15.04 -9.20 7.94
C ALA B 171 15.75 -10.55 8.10
N LYS B 172 15.01 -11.64 8.29
CA LYS B 172 15.63 -12.94 8.44
C LYS B 172 15.74 -13.69 7.11
N LEU B 173 14.93 -13.33 6.11
CA LEU B 173 15.00 -13.92 4.79
C LEU B 173 15.92 -13.15 3.85
N ARG B 174 16.06 -11.85 4.09
CA ARG B 174 16.89 -11.02 3.22
C ARG B 174 18.34 -11.47 3.21
N VAL B 175 18.85 -12.00 4.32
CA VAL B 175 20.24 -12.44 4.36
C VAL B 175 20.44 -13.64 3.44
N GLN B 176 19.53 -14.62 3.51
CA GLN B 176 19.61 -15.77 2.62
C GLN B 176 19.46 -15.34 1.17
N MET B 177 18.60 -14.34 0.91
CA MET B 177 18.46 -13.87 -0.46
C MET B 177 19.72 -13.18 -0.95
N ARG B 178 20.40 -12.44 -0.08
CA ARG B 178 21.70 -11.86 -0.44
C ARG B 178 22.68 -12.95 -0.80
N ALA B 179 22.76 -13.99 0.03
CA ALA B 179 23.66 -15.10 -0.27
C ALA B 179 23.33 -15.75 -1.60
N GLU B 180 22.04 -15.92 -1.89
CA GLU B 180 21.65 -16.58 -3.13
C GLU B 180 21.97 -15.73 -4.35
N ILE B 181 21.70 -14.41 -4.27
CA ILE B 181 22.03 -13.53 -5.38
C ILE B 181 23.54 -13.51 -5.63
N SER B 182 24.32 -13.46 -4.55
CA SER B 182 25.77 -13.40 -4.72
C SER B 182 26.36 -14.73 -5.16
N ARG B 183 25.67 -15.84 -4.93
CA ARG B 183 26.11 -17.12 -5.47
C ARG B 183 25.61 -17.37 -6.89
N LEU B 184 24.54 -16.71 -7.30
CA LEU B 184 23.98 -16.89 -8.63
C LEU B 184 24.65 -16.00 -9.66
N GLN B 185 24.90 -14.74 -9.33
CA GLN B 185 25.65 -13.88 -10.25
C GLN B 185 27.04 -14.43 -10.52
N ASP B 186 27.59 -15.19 -9.57
CA ASP B 186 28.92 -15.77 -9.77
C ASP B 186 28.88 -16.83 -10.87
N ARG B 187 27.80 -17.60 -10.94
CA ARG B 187 27.71 -18.64 -11.97
C ARG B 187 27.23 -18.08 -13.29
N LEU B 188 26.41 -17.03 -13.29
CA LEU B 188 25.95 -16.44 -14.54
C LEU B 188 27.08 -15.71 -15.25
N GLY B 189 27.66 -14.70 -14.60
CA GLY B 189 28.77 -13.97 -15.17
C GLY B 189 28.33 -12.82 -16.06
N THR B 190 27.44 -11.98 -15.56
CA THR B 190 26.96 -10.82 -16.29
C THR B 190 27.16 -9.56 -15.47
N THR B 191 27.59 -8.49 -16.12
CA THR B 191 27.72 -7.19 -15.47
C THR B 191 26.41 -6.83 -14.77
N THR B 192 26.50 -6.54 -13.48
CA THR B 192 25.31 -6.36 -12.65
C THR B 192 25.50 -5.18 -11.72
N VAL B 193 25.00 -4.02 -12.10
CA VAL B 193 24.98 -2.89 -11.18
C VAL B 193 23.79 -3.09 -10.25
N TYR B 194 23.77 -2.33 -9.16
CA TYR B 194 22.85 -2.63 -8.08
C TYR B 194 22.75 -1.39 -7.19
N VAL B 195 21.52 -0.94 -6.93
CA VAL B 195 21.30 0.19 -6.03
C VAL B 195 20.70 -0.34 -4.74
N THR B 196 21.18 0.18 -3.61
CA THR B 196 20.69 -0.23 -2.31
C THR B 196 20.93 0.91 -1.34
N HIS B 197 20.12 0.95 -0.29
CA HIS B 197 20.17 2.07 0.65
C HIS B 197 21.06 1.78 1.86
N ASP B 198 21.20 0.53 2.26
CA ASP B 198 21.97 0.18 3.44
C ASP B 198 23.37 -0.28 3.05
N GLN B 199 24.30 -0.19 4.00
CA GLN B 199 25.69 -0.51 3.73
C GLN B 199 26.00 -2.00 3.83
N THR B 200 25.20 -2.77 4.57
CA THR B 200 25.49 -4.18 4.73
C THR B 200 25.37 -4.93 3.40
N GLU B 201 24.32 -4.63 2.62
CA GLU B 201 24.25 -5.16 1.27
C GLU B 201 25.45 -4.74 0.45
N ALA B 202 25.85 -3.47 0.56
CA ALA B 202 26.98 -2.97 -0.21
C ALA B 202 28.28 -3.65 0.16
N MET B 203 28.39 -4.20 1.36
CA MET B 203 29.63 -4.85 1.77
C MET B 203 29.63 -6.36 1.56
N THR B 204 28.48 -7.02 1.68
CA THR B 204 28.44 -8.46 1.47
C THR B 204 28.56 -8.81 -0.01
N LEU B 205 27.59 -8.38 -0.81
CA LEU B 205 27.58 -8.67 -2.25
C LEU B 205 28.02 -7.42 -3.00
N GLY B 206 29.29 -7.39 -3.38
CA GLY B 206 29.80 -6.28 -4.18
C GLY B 206 31.25 -6.44 -4.56
N ASP B 207 31.56 -6.22 -5.85
CA ASP B 207 32.93 -6.24 -6.31
C ASP B 207 33.58 -4.86 -6.27
N ARG B 208 32.78 -3.81 -6.39
CA ARG B 208 33.27 -2.44 -6.32
C ARG B 208 32.09 -1.53 -6.04
N VAL B 209 32.15 -0.80 -4.92
CA VAL B 209 31.02 -0.02 -4.44
C VAL B 209 31.21 1.44 -4.86
N VAL B 210 30.11 2.15 -4.95
CA VAL B 210 30.08 3.56 -5.36
C VAL B 210 29.19 4.29 -4.36
N VAL B 211 29.79 5.16 -3.56
CA VAL B 211 29.05 5.92 -2.55
C VAL B 211 28.73 7.29 -3.13
N MET B 212 27.45 7.57 -3.32
CA MET B 212 26.98 8.80 -3.92
C MET B 212 26.31 9.67 -2.87
N LEU B 213 26.41 10.98 -3.04
CA LEU B 213 25.81 11.94 -2.12
C LEU B 213 25.33 13.16 -2.91
N ALA B 214 24.01 13.37 -2.95
CA ALA B 214 23.40 14.51 -3.63
C ALA B 214 23.80 14.57 -5.10
N GLY B 215 24.12 13.43 -5.69
CA GLY B 215 24.54 13.39 -7.07
C GLY B 215 26.04 13.22 -7.23
N GLU B 216 26.80 13.86 -6.34
CA GLU B 216 28.25 13.75 -6.40
C GLU B 216 28.70 12.40 -5.89
N VAL B 217 29.55 11.73 -6.67
CA VAL B 217 30.11 10.45 -6.26
C VAL B 217 31.33 10.71 -5.39
N GLN B 218 31.31 10.17 -4.16
CA GLN B 218 32.36 10.48 -3.21
C GLN B 218 33.57 9.57 -3.38
N GLN B 219 33.35 8.27 -3.51
CA GLN B 219 34.45 7.33 -3.64
C GLN B 219 33.99 6.10 -4.39
N ILE B 220 34.88 5.56 -5.23
CA ILE B 220 34.61 4.36 -6.02
C ILE B 220 35.72 3.36 -5.67
N GLY B 221 35.43 2.45 -4.76
CA GLY B 221 36.45 1.52 -4.30
C GLY B 221 35.84 0.23 -3.79
N THR B 222 36.69 -0.79 -3.73
CA THR B 222 36.30 -2.09 -3.23
C THR B 222 35.83 -1.98 -1.77
N PRO B 223 35.00 -2.90 -1.30
CA PRO B 223 34.48 -2.78 0.08
C PRO B 223 35.53 -2.85 1.17
N ASP B 224 36.80 -2.96 0.80
CA ASP B 224 37.89 -2.89 1.75
C ASP B 224 38.59 -1.54 1.74
N GLU B 225 38.89 -1.01 0.55
CA GLU B 225 39.44 0.33 0.43
C GLU B 225 38.37 1.41 0.51
N LEU B 226 37.17 1.04 0.95
CA LEU B 226 36.13 1.97 1.35
C LEU B 226 36.02 2.07 2.86
N TYR B 227 36.26 0.97 3.55
CA TYR B 227 36.21 0.87 5.00
C TYR B 227 37.53 1.27 5.66
N SER B 228 38.65 0.76 5.13
CA SER B 228 39.93 0.97 5.80
C SER B 228 40.63 2.23 5.30
N SER B 229 40.07 2.89 4.28
CA SER B 229 40.66 4.09 3.71
C SER B 229 39.57 4.96 3.09
N PRO B 230 38.75 5.61 3.91
CA PRO B 230 37.73 6.51 3.38
C PRO B 230 38.31 7.89 3.11
N ALA B 231 37.73 8.56 2.12
CA ALA B 231 38.20 9.86 1.69
C ALA B 231 37.19 10.97 1.96
N ASN B 232 36.41 10.84 3.03
CA ASN B 232 35.42 11.84 3.41
C ASN B 232 35.01 11.56 4.85
N LEU B 233 34.13 12.41 5.37
CA LEU B 233 33.36 12.03 6.55
C LEU B 233 32.16 11.18 6.18
N PHE B 234 31.69 11.28 4.94
CA PHE B 234 30.49 10.56 4.53
C PHE B 234 30.79 9.11 4.24
N VAL B 235 31.87 8.82 3.52
CA VAL B 235 32.24 7.44 3.20
C VAL B 235 32.99 6.84 4.38
N ALA B 236 33.09 7.60 5.48
CA ALA B 236 33.66 7.09 6.72
C ALA B 236 32.60 6.82 7.78
N GLY B 237 31.53 7.61 7.81
CA GLY B 237 30.49 7.40 8.80
C GLY B 237 29.26 6.72 8.24
N PHE B 238 29.20 6.58 6.91
CA PHE B 238 28.04 5.97 6.28
C PHE B 238 28.13 4.45 6.27
N ILE B 239 29.34 3.90 6.25
CA ILE B 239 29.53 2.45 6.18
C ILE B 239 30.00 1.94 7.54
N GLY B 240 29.68 0.69 7.82
CA GLY B 240 29.85 0.14 9.14
C GLY B 240 28.56 0.26 9.93
N SER B 241 28.09 -0.84 10.53
CA SER B 241 26.78 -0.80 11.18
C SER B 241 26.79 0.07 12.43
N PRO B 242 27.67 -0.17 13.43
CA PRO B 242 27.81 0.82 14.50
C PRO B 242 28.72 1.96 14.06
N ALA B 243 28.14 2.98 13.41
CA ALA B 243 28.90 3.99 12.68
C ALA B 243 29.98 4.66 13.51
N MET B 244 30.94 5.28 12.82
CA MET B 244 32.13 5.82 13.45
C MET B 244 31.79 6.91 14.46
N ASN B 245 32.66 7.06 15.46
CA ASN B 245 32.52 8.11 16.46
C ASN B 245 33.34 9.33 16.04
N PHE B 246 32.71 10.49 16.00
CA PHE B 246 33.32 11.71 15.47
C PHE B 246 33.56 12.70 16.61
N PHE B 247 34.71 12.59 17.25
CA PHE B 247 35.07 13.56 18.28
C PHE B 247 35.68 14.80 17.63
N PRO B 248 35.34 15.99 18.10
CA PRO B 248 36.07 17.19 17.69
C PRO B 248 37.44 17.22 18.37
N ALA B 249 38.29 18.12 17.90
CA ALA B 249 39.63 18.19 18.45
C ALA B 249 40.33 19.44 17.93
N THR B 250 41.45 19.77 18.57
CA THR B 250 42.31 20.87 18.17
C THR B 250 43.76 20.44 18.33
N ARG B 251 44.65 21.11 17.61
CA ARG B 251 46.07 20.75 17.65
C ARG B 251 46.69 21.13 18.99
N THR B 252 47.76 20.41 19.34
CA THR B 252 48.42 20.59 20.63
C THR B 252 49.94 20.57 20.55
N ASP B 253 50.52 20.78 19.36
CA ASP B 253 51.95 20.93 19.11
C ASP B 253 52.70 19.61 19.22
N VAL B 254 52.06 18.54 19.66
CA VAL B 254 52.71 17.23 19.74
C VAL B 254 51.80 16.22 19.05
N GLY B 255 50.56 16.63 18.82
CA GLY B 255 49.57 15.78 18.19
C GLY B 255 48.23 16.47 18.13
N VAL B 256 47.17 15.75 18.48
CA VAL B 256 45.83 16.31 18.52
C VAL B 256 45.24 16.02 19.89
N ARG B 257 44.33 16.90 20.34
CA ARG B 257 43.75 16.81 21.67
C ARG B 257 42.26 16.52 21.55
N LEU B 258 41.88 15.29 21.89
CA LEU B 258 40.48 14.92 21.95
C LEU B 258 39.84 15.50 23.21
N PRO B 259 38.50 15.54 23.28
CA PRO B 259 37.85 16.11 24.47
C PRO B 259 38.20 15.42 25.77
N PHE B 260 38.74 14.20 25.73
CA PHE B 260 39.00 13.43 26.94
C PHE B 260 40.38 12.81 26.99
N GLY B 261 41.27 13.13 26.06
CA GLY B 261 42.58 12.52 26.07
C GLY B 261 43.61 13.36 25.35
N GLU B 262 44.85 12.87 25.40
CA GLU B 262 45.98 13.49 24.71
C GLU B 262 46.76 12.39 24.00
N VAL B 263 46.81 12.46 22.68
CA VAL B 263 47.44 11.42 21.88
C VAL B 263 48.67 12.00 21.18
N THR B 264 49.67 11.16 21.00
CA THR B 264 50.87 11.48 20.24
C THR B 264 51.03 10.43 19.16
N LEU B 265 50.71 10.80 17.91
CA LEU B 265 50.68 9.81 16.84
C LEU B 265 52.09 9.43 16.40
N THR B 266 52.82 10.39 15.83
CA THR B 266 54.20 10.33 15.39
C THR B 266 54.64 11.73 14.97
N PRO B 267 55.92 12.08 15.13
CA PRO B 267 56.37 13.38 14.64
C PRO B 267 56.39 13.48 13.13
N HIS B 268 56.71 12.38 12.44
CA HIS B 268 56.71 12.40 10.99
C HIS B 268 55.31 12.63 10.43
N MET B 269 54.31 11.99 11.01
CA MET B 269 52.94 12.27 10.61
C MET B 269 52.54 13.67 11.04
N LEU B 270 53.09 14.16 12.16
CA LEU B 270 52.83 15.51 12.60
C LEU B 270 53.20 16.53 11.52
N ASP B 271 54.47 16.56 11.13
CA ASP B 271 54.86 17.56 10.14
C ASP B 271 54.33 17.22 8.75
N LEU B 272 54.06 15.93 8.49
CA LEU B 272 53.45 15.55 7.22
C LEU B 272 52.05 16.13 7.06
N LEU B 273 51.23 16.04 8.10
CA LEU B 273 49.92 16.65 8.09
C LEU B 273 49.98 18.15 8.35
N ASP B 274 51.13 18.67 8.76
CA ASP B 274 51.32 20.11 8.85
C ASP B 274 51.89 20.72 7.57
N LYS B 275 52.27 19.92 6.58
CA LYS B 275 52.62 20.49 5.28
C LYS B 275 51.40 21.18 4.67
N GLN B 276 50.20 20.67 4.94
CA GLN B 276 48.95 21.31 4.55
C GLN B 276 48.27 21.74 5.85
N ALA B 277 48.65 22.92 6.34
CA ALA B 277 48.14 23.40 7.61
C ALA B 277 46.65 23.66 7.53
N ARG B 278 45.93 23.32 8.59
CA ARG B 278 44.50 23.51 8.68
C ARG B 278 44.17 24.61 9.67
N PRO B 279 43.01 25.29 9.51
CA PRO B 279 42.59 26.31 10.46
C PRO B 279 42.05 25.72 11.77
N GLU B 280 42.80 24.77 12.33
CA GLU B 280 42.52 24.18 13.64
C GLU B 280 41.07 23.72 13.78
N ASN B 281 40.53 23.18 12.69
CA ASN B 281 39.18 22.60 12.68
C ASN B 281 39.26 21.20 12.08
N ILE B 282 39.60 20.23 12.91
CA ILE B 282 39.66 18.82 12.52
C ILE B 282 38.82 18.04 13.51
N ILE B 283 38.20 16.96 13.03
CA ILE B 283 37.31 16.13 13.84
C ILE B 283 37.80 14.70 13.75
N VAL B 284 38.61 14.30 14.73
CA VAL B 284 39.11 12.93 14.79
C VAL B 284 37.96 11.94 14.77
N GLY B 285 38.15 10.82 14.09
CA GLY B 285 37.14 9.78 14.02
C GLY B 285 37.72 8.45 14.41
N ILE B 286 36.98 7.70 15.23
CA ILE B 286 37.46 6.46 15.81
C ILE B 286 36.35 5.42 15.75
N ARG B 287 36.61 4.32 15.05
CA ARG B 287 35.61 3.26 14.93
C ARG B 287 35.24 2.72 16.31
N PRO B 288 34.00 2.27 16.49
CA PRO B 288 33.65 1.60 17.75
C PRO B 288 34.44 0.32 17.99
N GLU B 289 34.77 -0.42 16.92
CA GLU B 289 35.49 -1.68 17.09
C GLU B 289 36.90 -1.50 17.62
N HIS B 290 37.38 -0.26 17.75
CA HIS B 290 38.74 0.02 18.19
C HIS B 290 38.79 0.61 19.60
N ILE B 291 37.73 0.44 20.38
CA ILE B 291 37.69 0.85 21.78
C ILE B 291 37.40 -0.40 22.60
N GLU B 292 38.36 -0.82 23.41
CA GLU B 292 38.25 -2.05 24.18
C GLU B 292 38.38 -1.75 25.66
N ASP B 293 37.75 -2.58 26.49
CA ASP B 293 37.86 -2.42 27.93
C ASP B 293 39.32 -2.50 28.37
N SER B 294 39.62 -1.86 29.50
CA SER B 294 40.96 -1.87 30.04
C SER B 294 41.22 -3.09 30.92
N ALA B 295 40.23 -3.50 31.72
CA ALA B 295 40.42 -4.64 32.61
C ALA B 295 40.72 -5.92 31.83
N LEU B 296 40.32 -5.98 30.56
CA LEU B 296 40.63 -7.11 29.72
C LEU B 296 41.89 -6.91 28.89
N LEU B 297 42.36 -5.68 28.75
CA LEU B 297 43.51 -5.39 27.90
C LEU B 297 44.79 -5.85 28.60
N ASP B 298 45.63 -6.57 27.87
CA ASP B 298 46.82 -7.17 28.44
C ASP B 298 47.85 -6.09 28.79
N GLY B 299 48.87 -6.49 29.55
CA GLY B 299 49.93 -5.58 29.91
C GLY B 299 50.75 -5.14 28.71
N TYR B 300 51.44 -4.02 28.89
CA TYR B 300 52.30 -3.41 27.87
C TYR B 300 51.46 -2.79 26.76
N ALA B 301 50.15 -3.02 26.80
CA ALA B 301 49.22 -2.44 25.84
C ALA B 301 48.31 -1.38 26.44
N ARG B 302 47.95 -1.52 27.71
CA ARG B 302 47.15 -0.50 28.37
C ARG B 302 47.97 0.75 28.69
N ILE B 303 49.30 0.64 28.71
CA ILE B 303 50.14 1.81 28.94
C ILE B 303 50.11 2.75 27.75
N ARG B 304 49.83 2.24 26.55
CA ARG B 304 49.78 3.04 25.34
C ARG B 304 48.42 2.96 24.66
N ALA B 305 47.34 3.08 25.44
CA ALA B 305 45.99 2.91 24.91
C ALA B 305 45.03 3.99 25.38
N LEU B 306 45.54 5.10 25.94
CA LEU B 306 44.74 6.27 26.28
C LEU B 306 43.52 5.89 27.12
N THR B 307 43.80 5.40 28.33
CA THR B 307 42.73 4.97 29.22
C THR B 307 41.91 6.18 29.68
N PHE B 308 40.60 6.00 29.74
CA PHE B 308 39.70 7.02 30.27
C PHE B 308 38.39 6.35 30.66
N SER B 309 37.76 6.88 31.70
CA SER B 309 36.55 6.30 32.26
C SER B 309 35.32 7.08 31.82
N VAL B 310 34.17 6.41 31.83
CA VAL B 310 32.91 7.02 31.41
C VAL B 310 31.78 6.17 31.95
N ARG B 311 30.59 6.78 32.08
CA ARG B 311 29.43 6.10 32.63
C ARG B 311 28.62 5.50 31.48
N ALA B 312 28.54 4.17 31.47
CA ALA B 312 27.84 3.46 30.40
C ALA B 312 26.35 3.75 30.47
N ASP B 313 25.85 4.55 29.53
CA ASP B 313 24.43 4.88 29.54
C ASP B 313 23.56 3.67 29.24
N ILE B 314 24.03 2.77 28.37
CA ILE B 314 23.30 1.54 28.06
C ILE B 314 24.25 0.50 27.53
N VAL B 315 24.14 -0.73 28.04
CA VAL B 315 25.04 -1.82 27.69
C VAL B 315 24.17 -2.92 27.09
N GLU B 316 24.16 -2.99 25.75
CA GLU B 316 23.40 -4.02 25.00
C GLU B 316 24.35 -5.19 24.67
N SER B 317 24.17 -6.31 25.37
CA SER B 317 25.03 -7.48 25.18
C SER B 317 24.28 -8.49 24.32
N LEU B 318 24.34 -8.29 22.99
CA LEU B 318 23.55 -9.05 22.04
C LEU B 318 24.33 -10.21 21.40
N GLY B 319 25.34 -10.73 22.10
CA GLY B 319 26.08 -11.85 21.57
C GLY B 319 27.52 -11.90 22.00
N ALA B 320 28.44 -11.99 21.05
CA ALA B 320 29.87 -12.05 21.34
C ALA B 320 30.49 -10.68 21.54
N ASP B 321 29.68 -9.66 21.83
CA ASP B 321 30.16 -8.31 22.01
C ASP B 321 29.03 -7.47 22.61
N LYS B 322 29.38 -6.49 23.42
CA LYS B 322 28.40 -5.61 24.02
C LYS B 322 28.67 -4.18 23.61
N TYR B 323 27.64 -3.47 23.17
CA TYR B 323 27.79 -2.12 22.65
C TYR B 323 27.55 -1.13 23.78
N VAL B 324 28.59 -0.86 24.55
CA VAL B 324 28.51 0.11 25.63
C VAL B 324 28.36 1.50 25.02
N HIS B 325 27.24 2.16 25.29
CA HIS B 325 27.11 3.55 24.90
C HIS B 325 27.75 4.45 25.94
N PHE B 326 27.98 5.70 25.56
CA PHE B 326 28.43 6.72 26.50
C PHE B 326 28.28 8.08 25.83
N THR B 327 28.73 9.11 26.52
CA THR B 327 28.57 10.48 26.07
C THR B 327 29.59 11.36 26.76
N THR B 328 30.27 12.18 25.96
CA THR B 328 31.24 13.15 26.46
C THR B 328 30.75 14.54 26.09
N GLU B 329 30.83 15.48 27.03
CA GLU B 329 30.25 16.79 26.84
C GLU B 329 31.19 17.67 26.02
N GLY B 330 30.59 18.55 25.21
CA GLY B 330 31.36 19.35 24.27
C GLY B 330 30.62 19.64 22.98
N ALA B 331 31.22 19.26 21.86
CA ALA B 331 30.70 19.57 20.53
C ALA B 331 31.16 18.46 19.59
N GLY B 332 31.13 18.74 18.29
CA GLY B 332 31.67 17.81 17.32
C GLY B 332 30.92 17.72 16.00
N ALA B 333 29.66 18.17 15.98
CA ALA B 333 28.87 18.17 14.73
C ALA B 333 29.13 19.47 13.98
N GLU B 334 30.41 19.71 13.71
CA GLU B 334 30.87 20.97 13.13
C GLU B 334 31.26 20.85 11.66
N SER B 335 30.52 20.06 10.88
CA SER B 335 30.80 19.94 9.46
C SER B 335 29.50 19.79 8.68
N ALA B 336 29.60 19.93 7.36
CA ALA B 336 28.45 19.75 6.48
C ALA B 336 28.27 18.29 6.07
N GLN B 337 29.37 17.60 5.78
CA GLN B 337 29.33 16.16 5.58
C GLN B 337 28.68 15.47 6.78
N LEU B 338 29.10 15.86 7.98
CA LEU B 338 28.62 15.18 9.19
C LEU B 338 27.13 15.43 9.43
N ALA B 339 26.66 16.65 9.16
CA ALA B 339 25.23 16.92 9.33
C ALA B 339 24.40 16.23 8.26
N GLU B 340 24.87 16.28 7.01
CA GLU B 340 24.18 15.58 5.93
C GLU B 340 24.18 14.07 6.13
N LEU B 341 25.12 13.55 6.92
CA LEU B 341 25.17 12.14 7.28
C LEU B 341 24.26 11.82 8.47
N ALA B 342 24.23 12.68 9.48
CA ALA B 342 23.38 12.50 10.63
C ALA B 342 21.94 12.91 10.37
N ALA B 343 21.62 13.37 9.16
CA ALA B 343 20.23 13.61 8.81
C ALA B 343 19.42 12.31 8.78
N ASP B 344 20.09 11.17 8.89
CA ASP B 344 19.39 9.85 8.94
C ASP B 344 19.83 9.00 10.13
N SER B 345 21.08 9.10 10.55
CA SER B 345 21.58 8.33 11.69
C SER B 345 22.04 9.30 12.77
N GLY B 346 22.60 8.75 13.84
CA GLY B 346 23.10 9.57 14.93
C GLY B 346 21.98 10.15 15.77
N ALA B 347 21.21 11.05 15.18
CA ALA B 347 20.02 11.63 15.82
C ALA B 347 20.34 12.20 17.20
N GLY B 348 21.53 12.76 17.34
CA GLY B 348 21.95 13.30 18.62
C GLY B 348 23.25 14.10 18.53
N THR B 349 23.43 15.02 19.45
CA THR B 349 24.64 15.83 19.50
C THR B 349 25.88 14.95 19.63
N ASN B 350 25.94 14.15 20.69
CA ASN B 350 27.06 13.25 20.94
C ASN B 350 26.57 12.04 21.72
N GLN B 351 26.46 10.90 21.04
CA GLN B 351 26.06 9.64 21.66
C GLN B 351 26.93 8.55 21.08
N PHE B 352 27.99 8.19 21.80
CA PHE B 352 29.11 7.43 21.25
C PHE B 352 29.01 5.96 21.66
N ILE B 353 28.94 5.09 20.67
CA ILE B 353 28.95 3.64 20.89
C ILE B 353 30.40 3.20 21.12
N ALA B 354 30.57 2.03 21.72
CA ALA B 354 31.86 1.39 21.83
C ALA B 354 31.65 -0.10 22.03
N ARG B 355 32.15 -0.91 21.09
CA ARG B 355 31.95 -2.36 21.13
C ARG B 355 33.04 -2.97 22.00
N VAL B 356 32.64 -3.51 23.14
CA VAL B 356 33.55 -4.14 24.08
C VAL B 356 33.38 -5.64 23.97
N SER B 357 34.50 -6.37 24.09
CA SER B 357 34.45 -7.82 24.01
C SER B 357 33.57 -8.39 25.12
N ALA B 358 32.97 -9.55 24.84
CA ALA B 358 31.95 -10.13 25.70
C ALA B 358 32.46 -10.55 27.08
N ASP B 359 33.75 -10.38 27.37
CA ASP B 359 34.26 -10.77 28.67
C ASP B 359 34.12 -9.66 29.71
N SER B 360 33.94 -8.42 29.27
CA SER B 360 33.81 -7.30 30.20
C SER B 360 32.50 -7.39 30.96
N ARG B 361 32.59 -7.45 32.28
CA ARG B 361 31.42 -7.56 33.16
C ARG B 361 30.96 -6.16 33.54
N VAL B 362 30.11 -5.57 32.72
CA VAL B 362 29.55 -4.25 32.98
C VAL B 362 28.05 -4.32 32.76
N ARG B 363 27.32 -3.42 33.44
CA ARG B 363 25.88 -3.32 33.32
C ARG B 363 25.50 -1.86 33.12
N THR B 364 24.23 -1.64 32.79
CA THR B 364 23.72 -0.30 32.57
C THR B 364 23.92 0.58 33.80
N GLY B 365 24.75 1.62 33.67
CA GLY B 365 24.98 2.56 34.74
C GLY B 365 26.28 2.38 35.50
N GLU B 366 27.01 1.30 35.26
CA GLU B 366 28.25 1.04 35.98
C GLU B 366 29.39 1.88 35.39
N GLN B 367 30.62 1.60 35.81
CA GLN B 367 31.79 2.34 35.40
C GLN B 367 32.80 1.42 34.74
N ILE B 368 33.39 1.89 33.64
CA ILE B 368 34.45 1.17 32.94
C ILE B 368 35.43 2.19 32.37
N GLU B 369 36.66 1.75 32.16
CA GLU B 369 37.71 2.56 31.56
C GLU B 369 37.97 2.02 30.16
N LEU B 370 37.43 2.71 29.15
CA LEU B 370 37.51 2.27 27.77
C LEU B 370 38.86 2.66 27.19
N ALA B 371 39.81 1.73 27.21
CA ALA B 371 41.07 1.96 26.53
C ALA B 371 40.84 2.03 25.02
N ILE B 372 41.67 2.81 24.33
CA ILE B 372 41.45 3.14 22.93
C ILE B 372 42.79 3.18 22.22
N ASP B 373 42.94 2.36 21.18
CA ASP B 373 44.21 2.28 20.48
C ASP B 373 44.54 3.60 19.80
N THR B 374 45.80 4.03 19.93
CA THR B 374 46.27 5.29 19.38
C THR B 374 46.90 5.12 18.00
N THR B 375 46.62 4.00 17.32
CA THR B 375 47.14 3.75 15.99
C THR B 375 46.06 3.58 14.94
N LYS B 376 44.78 3.64 15.32
CA LYS B 376 43.69 3.43 14.38
C LYS B 376 42.71 4.60 14.34
N LEU B 377 43.09 5.76 14.84
CA LEU B 377 42.26 6.96 14.73
C LEU B 377 42.67 7.75 13.50
N SER B 378 41.69 8.14 12.70
CA SER B 378 41.92 8.91 11.48
C SER B 378 41.31 10.30 11.66
N ILE B 379 42.04 11.32 11.24
CA ILE B 379 41.65 12.71 11.48
C ILE B 379 41.26 13.35 10.15
N PHE B 380 40.21 14.17 10.18
CA PHE B 380 39.57 14.70 8.99
C PHE B 380 39.65 16.22 8.99
N ASP B 381 38.92 16.84 8.06
CA ASP B 381 38.80 18.29 8.00
C ASP B 381 37.34 18.68 8.20
N ALA B 382 37.09 19.60 9.12
CA ALA B 382 35.72 20.04 9.39
C ALA B 382 35.19 20.89 8.24
N ALA B 383 36.00 21.86 7.79
CA ALA B 383 35.54 22.79 6.76
C ALA B 383 35.30 22.06 5.43
N THR B 384 36.34 21.42 4.89
CA THR B 384 36.23 20.78 3.59
C THR B 384 35.57 19.41 3.70
N GLY B 385 36.19 18.48 4.43
CA GLY B 385 35.65 17.15 4.62
C GLY B 385 36.55 16.02 4.18
N LEU B 386 37.75 16.32 3.69
CA LEU B 386 38.63 15.28 3.09
C LEU B 386 39.59 14.64 4.08
N ASN B 387 39.48 13.34 4.32
CA ASN B 387 40.38 12.65 5.22
C ASN B 387 41.81 13.13 5.01
N LEU B 388 42.55 13.25 6.12
CA LEU B 388 43.93 13.69 6.07
C LEU B 388 44.93 12.55 6.16
N THR B 389 44.60 11.47 6.88
CA THR B 389 45.54 10.37 7.02
C THR B 389 45.70 9.60 5.72
N ARG B 390 44.62 9.00 5.23
CA ARG B 390 44.61 8.29 3.96
C ARG B 390 43.33 8.62 3.22
N ASP B 391 43.46 8.99 1.96
CA ASP B 391 42.30 9.37 1.15
C ASP B 391 41.66 8.15 0.49
N LYS C 17 -19.39 -12.41 17.90
CA LYS C 17 -20.41 -12.35 18.95
C LYS C 17 -21.80 -12.13 18.35
N LYS C 18 -22.81 -12.17 19.21
CA LYS C 18 -24.18 -11.95 18.75
C LYS C 18 -24.51 -10.47 18.65
N SER C 19 -23.90 -9.64 19.50
CA SER C 19 -24.17 -8.20 19.45
C SER C 19 -23.69 -7.59 18.14
N GLU C 20 -22.55 -8.06 17.61
CA GLU C 20 -22.06 -7.54 16.34
C GLU C 20 -23.02 -7.88 15.21
N ARG C 21 -23.51 -9.12 15.17
CA ARG C 21 -24.46 -9.50 14.14
C ARG C 21 -25.77 -8.74 14.29
N ARG C 22 -26.21 -8.52 15.53
CA ARG C 22 -27.42 -7.72 15.74
C ARG C 22 -27.23 -6.30 15.25
N LEU C 23 -26.05 -5.71 15.50
CA LEU C 23 -25.77 -4.37 15.01
C LEU C 23 -25.76 -4.32 13.49
N ALA C 24 -25.11 -5.31 12.86
CA ALA C 24 -25.08 -5.36 11.41
C ALA C 24 -26.48 -5.49 10.82
N PHE C 25 -27.30 -6.37 11.40
CA PHE C 25 -28.66 -6.54 10.91
C PHE C 25 -29.49 -5.29 11.13
N TRP C 26 -29.27 -4.58 12.24
CA TRP C 26 -30.01 -3.35 12.48
C TRP C 26 -29.61 -2.26 11.49
N LEU C 27 -28.32 -2.14 11.19
CA LEU C 27 -27.88 -1.17 10.20
C LEU C 27 -28.36 -1.53 8.81
N ILE C 28 -28.49 -2.83 8.51
CA ILE C 28 -28.91 -3.26 7.18
C ILE C 28 -30.42 -3.16 7.02
N ALA C 29 -31.18 -3.28 8.12
CA ALA C 29 -32.65 -3.37 8.07
C ALA C 29 -33.32 -2.34 7.15
N PRO C 30 -33.10 -1.03 7.28
CA PRO C 30 -33.89 -0.09 6.47
C PRO C 30 -33.62 -0.23 4.97
N ALA C 31 -32.35 -0.32 4.59
CA ALA C 31 -31.98 -0.46 3.18
C ALA C 31 -32.70 -1.64 2.55
N VAL C 32 -32.67 -2.80 3.21
CA VAL C 32 -33.25 -4.01 2.63
C VAL C 32 -34.78 -3.95 2.68
N LEU C 33 -35.36 -3.48 3.79
CA LEU C 33 -36.81 -3.42 3.84
C LEU C 33 -37.37 -2.40 2.87
N LEU C 34 -36.54 -1.51 2.34
CA LEU C 34 -36.98 -0.62 1.27
C LEU C 34 -36.75 -1.25 -0.10
N MET C 35 -35.55 -1.79 -0.33
CA MET C 35 -35.21 -2.40 -1.61
C MET C 35 -36.17 -3.54 -1.94
N LEU C 36 -36.24 -4.55 -1.06
CA LEU C 36 -37.07 -5.71 -1.35
C LEU C 36 -38.52 -5.31 -1.54
N ALA C 37 -39.03 -4.42 -0.70
CA ALA C 37 -40.42 -3.98 -0.82
C ALA C 37 -40.68 -3.36 -2.19
N VAL C 38 -40.02 -2.22 -2.45
CA VAL C 38 -40.32 -1.46 -3.66
C VAL C 38 -39.88 -2.16 -4.94
N THR C 39 -39.02 -3.18 -4.84
CA THR C 39 -38.59 -3.91 -6.02
C THR C 39 -39.39 -5.17 -6.30
N ALA C 40 -39.86 -5.86 -5.25
CA ALA C 40 -40.54 -7.14 -5.40
C ALA C 40 -42.04 -7.03 -5.31
N TYR C 41 -42.60 -6.26 -4.38
CA TYR C 41 -44.05 -6.23 -4.30
C TYR C 41 -44.66 -5.58 -5.55
N PRO C 42 -44.06 -4.52 -6.11
CA PRO C 42 -44.59 -4.03 -7.39
C PRO C 42 -44.52 -5.04 -8.51
N ILE C 43 -43.43 -5.81 -8.64
CA ILE C 43 -43.37 -6.77 -9.74
C ILE C 43 -44.32 -7.93 -9.51
N GLY C 44 -44.57 -8.30 -8.25
CA GLY C 44 -45.58 -9.31 -7.97
C GLY C 44 -46.98 -8.83 -8.28
N TYR C 45 -47.31 -7.61 -7.86
CA TYR C 45 -48.57 -7.02 -8.26
C TYR C 45 -48.66 -6.89 -9.77
N ALA C 46 -47.52 -6.72 -10.45
CA ALA C 46 -47.52 -6.59 -11.90
C ALA C 46 -47.88 -7.91 -12.56
N VAL C 47 -47.26 -9.01 -12.14
CA VAL C 47 -47.60 -10.30 -12.73
C VAL C 47 -49.04 -10.68 -12.39
N TRP C 48 -49.49 -10.33 -11.18
CA TRP C 48 -50.87 -10.63 -10.82
C TRP C 48 -51.86 -9.79 -11.63
N LEU C 49 -51.48 -8.57 -12.01
CA LEU C 49 -52.32 -7.78 -12.91
C LEU C 49 -52.29 -8.36 -14.31
N SER C 50 -51.13 -8.86 -14.74
CA SER C 50 -51.02 -9.44 -16.07
C SER C 50 -51.87 -10.70 -16.22
N LEU C 51 -52.04 -11.45 -15.13
CA LEU C 51 -52.93 -12.60 -15.18
C LEU C 51 -54.40 -12.23 -15.33
N GLN C 52 -54.74 -10.94 -15.30
CA GLN C 52 -56.11 -10.46 -15.40
C GLN C 52 -56.24 -9.53 -16.60
N ARG C 53 -57.40 -8.90 -16.71
CA ARG C 53 -57.65 -7.85 -17.71
C ARG C 53 -58.30 -6.66 -17.03
N TYR C 54 -57.80 -5.46 -17.36
CA TYR C 54 -58.30 -4.22 -16.80
C TYR C 54 -58.61 -3.24 -17.91
N ASN C 55 -59.13 -2.08 -17.50
CA ASN C 55 -59.32 -0.94 -18.38
C ASN C 55 -59.50 0.30 -17.51
N LEU C 56 -58.56 1.25 -17.62
CA LEU C 56 -58.58 2.42 -16.76
C LEU C 56 -59.75 3.35 -17.04
N ALA C 57 -60.56 3.07 -18.06
CA ALA C 57 -61.77 3.84 -18.28
C ALA C 57 -62.95 3.25 -17.51
N GLU C 58 -63.00 1.93 -17.39
CA GLU C 58 -64.05 1.25 -16.62
C GLU C 58 -63.40 0.18 -15.75
N PRO C 59 -63.19 0.46 -14.46
CA PRO C 59 -62.56 -0.55 -13.59
C PRO C 59 -63.55 -1.59 -13.08
N HIS C 60 -64.72 -1.66 -13.71
CA HIS C 60 -65.78 -2.57 -13.30
C HIS C 60 -65.69 -3.93 -13.98
N ASP C 61 -65.24 -3.97 -15.23
CA ASP C 61 -65.05 -5.24 -15.95
C ASP C 61 -63.68 -5.78 -15.58
N THR C 62 -63.63 -6.47 -14.44
CA THR C 62 -62.39 -7.04 -13.92
C THR C 62 -62.36 -8.57 -14.03
N GLU C 63 -63.05 -9.12 -15.03
CA GLU C 63 -63.16 -10.56 -15.17
C GLU C 63 -61.77 -11.17 -15.41
N PHE C 64 -61.56 -12.35 -14.83
CA PHE C 64 -60.29 -13.05 -14.98
C PHE C 64 -60.16 -13.63 -16.39
N ILE C 65 -58.90 -13.80 -16.81
CA ILE C 65 -58.57 -14.33 -18.12
C ILE C 65 -57.26 -15.11 -17.98
N GLY C 66 -56.94 -15.91 -18.99
CA GLY C 66 -55.72 -16.69 -18.99
C GLY C 66 -54.51 -15.87 -19.39
N LEU C 67 -53.57 -16.52 -20.09
CA LEU C 67 -52.37 -15.88 -20.59
C LEU C 67 -52.60 -15.20 -21.94
N ALA C 68 -53.85 -14.86 -22.26
CA ALA C 68 -54.15 -14.28 -23.56
C ALA C 68 -53.36 -12.99 -23.81
N ASN C 69 -53.07 -12.22 -22.76
CA ASN C 69 -52.31 -11.00 -22.94
C ASN C 69 -50.88 -11.29 -23.38
N TYR C 70 -50.27 -12.34 -22.83
CA TYR C 70 -48.89 -12.66 -23.18
C TYR C 70 -48.78 -13.09 -24.63
N VAL C 71 -49.60 -14.06 -25.05
CA VAL C 71 -49.59 -14.48 -26.45
C VAL C 71 -50.10 -13.38 -27.36
N THR C 72 -50.83 -12.39 -26.83
CA THR C 72 -51.26 -11.27 -27.64
C THR C 72 -50.09 -10.35 -27.95
N VAL C 73 -49.35 -9.94 -26.91
CA VAL C 73 -48.21 -9.06 -27.13
C VAL C 73 -47.11 -9.77 -27.92
N LEU C 74 -46.85 -11.04 -27.60
CA LEU C 74 -45.72 -11.73 -28.21
C LEU C 74 -45.93 -11.99 -29.69
N THR C 75 -47.18 -12.05 -30.15
CA THR C 75 -47.49 -12.38 -31.54
C THR C 75 -48.27 -11.29 -32.24
N ASP C 76 -48.31 -10.07 -31.68
CA ASP C 76 -49.07 -9.00 -32.31
C ASP C 76 -48.38 -8.48 -33.56
N GLY C 77 -47.05 -8.39 -33.54
CA GLY C 77 -46.28 -7.85 -34.63
C GLY C 77 -45.57 -6.55 -34.32
N TYR C 78 -46.00 -5.84 -33.29
CA TYR C 78 -45.40 -4.56 -32.93
C TYR C 78 -44.57 -4.61 -31.66
N TRP C 79 -44.48 -5.77 -31.01
CA TRP C 79 -43.60 -5.93 -29.87
C TRP C 79 -42.18 -6.29 -30.30
N TRP C 80 -42.05 -7.20 -31.26
CA TRP C 80 -40.73 -7.58 -31.74
C TRP C 80 -40.07 -6.45 -32.49
N THR C 81 -40.84 -5.56 -33.09
CA THR C 81 -40.25 -4.38 -33.74
C THR C 81 -39.57 -3.49 -32.71
N ALA C 82 -40.25 -3.20 -31.60
CA ALA C 82 -39.65 -2.39 -30.54
C ALA C 82 -38.48 -3.12 -29.89
N PHE C 83 -38.59 -4.43 -29.74
CA PHE C 83 -37.49 -5.21 -29.19
C PHE C 83 -36.25 -5.11 -30.07
N ALA C 84 -36.43 -5.27 -31.39
CA ALA C 84 -35.31 -5.16 -32.31
C ALA C 84 -34.73 -3.75 -32.30
N VAL C 85 -35.60 -2.73 -32.19
CA VAL C 85 -35.13 -1.36 -32.14
C VAL C 85 -34.23 -1.14 -30.92
N THR C 86 -34.69 -1.58 -29.75
CA THR C 86 -33.91 -1.34 -28.55
C THR C 86 -32.64 -2.20 -28.53
N LEU C 87 -32.66 -3.39 -29.14
CA LEU C 87 -31.43 -4.18 -29.21
C LEU C 87 -30.42 -3.55 -30.15
N GLY C 88 -30.87 -3.09 -31.32
CA GLY C 88 -29.98 -2.36 -32.20
C GLY C 88 -29.36 -1.16 -31.50
N ILE C 89 -30.19 -0.37 -30.82
CA ILE C 89 -29.69 0.83 -30.16
C ILE C 89 -28.67 0.46 -29.08
N THR C 90 -28.99 -0.55 -28.26
CA THR C 90 -28.08 -0.86 -27.17
C THR C 90 -26.75 -1.41 -27.68
N VAL C 91 -26.76 -2.21 -28.76
CA VAL C 91 -25.50 -2.78 -29.23
C VAL C 91 -24.65 -1.71 -29.93
N VAL C 92 -25.25 -0.94 -30.85
CA VAL C 92 -24.47 0.06 -31.58
C VAL C 92 -24.20 1.28 -30.74
N SER C 93 -24.76 1.34 -29.53
CA SER C 93 -24.38 2.36 -28.56
C SER C 93 -23.31 1.88 -27.61
N VAL C 94 -23.39 0.63 -27.12
CA VAL C 94 -22.40 0.13 -26.19
C VAL C 94 -21.04 -0.04 -26.88
N ALA C 95 -21.02 -0.43 -28.16
CA ALA C 95 -19.74 -0.51 -28.85
C ALA C 95 -19.02 0.83 -28.86
N ILE C 96 -19.72 1.87 -29.36
CA ILE C 96 -19.13 3.21 -29.44
C ILE C 96 -18.82 3.73 -28.04
N GLU C 97 -19.69 3.39 -27.08
CA GLU C 97 -19.52 3.83 -25.67
C GLU C 97 -18.21 3.28 -25.11
N PHE C 98 -17.93 2.00 -25.34
CA PHE C 98 -16.71 1.38 -24.84
C PHE C 98 -15.48 1.97 -25.52
N ALA C 99 -15.52 2.10 -26.85
CA ALA C 99 -14.38 2.69 -27.56
C ALA C 99 -14.07 4.08 -27.04
N LEU C 100 -15.06 4.97 -27.06
CA LEU C 100 -14.85 6.35 -26.67
C LEU C 100 -14.52 6.48 -25.18
N GLY C 101 -15.06 5.60 -24.34
CA GLY C 101 -14.75 5.66 -22.93
C GLY C 101 -13.33 5.23 -22.63
N LEU C 102 -12.85 4.21 -23.33
CA LEU C 102 -11.44 3.83 -23.19
C LEU C 102 -10.54 4.96 -23.65
N ALA C 103 -10.87 5.60 -24.77
CA ALA C 103 -10.09 6.73 -25.24
C ALA C 103 -10.06 7.86 -24.21
N LEU C 104 -11.25 8.22 -23.68
CA LEU C 104 -11.33 9.31 -22.72
C LEU C 104 -10.66 8.98 -21.40
N ALA C 105 -10.68 7.70 -20.99
CA ALA C 105 -9.98 7.31 -19.77
C ALA C 105 -8.47 7.41 -19.95
N LEU C 106 -7.96 6.94 -21.09
CA LEU C 106 -6.55 7.09 -21.39
C LEU C 106 -6.15 8.56 -21.42
N VAL C 107 -7.04 9.42 -21.93
CA VAL C 107 -6.77 10.86 -21.92
C VAL C 107 -6.72 11.37 -20.49
N MET C 108 -7.74 11.06 -19.68
CA MET C 108 -7.81 11.59 -18.32
C MET C 108 -6.67 11.10 -17.45
N HIS C 109 -6.09 9.94 -17.78
CA HIS C 109 -4.99 9.42 -16.96
C HIS C 109 -3.64 9.91 -17.47
N ARG C 110 -3.32 9.61 -18.73
CA ARG C 110 -2.04 10.00 -19.31
C ARG C 110 -2.21 11.34 -20.00
N THR C 111 -2.01 12.43 -19.25
CA THR C 111 -2.02 13.76 -19.83
C THR C 111 -1.03 14.62 -19.04
N ILE C 112 -0.42 15.57 -19.75
CA ILE C 112 0.65 16.38 -19.17
C ILE C 112 0.11 17.74 -18.75
N PHE C 113 -0.93 18.20 -19.43
CA PHE C 113 -1.51 19.51 -19.15
C PHE C 113 -2.40 19.42 -17.91
N GLY C 114 -3.16 20.48 -17.65
CA GLY C 114 -4.08 20.49 -16.54
C GLY C 114 -5.19 19.48 -16.72
N LYS C 115 -5.14 18.38 -15.96
CA LYS C 115 -6.16 17.36 -16.04
C LYS C 115 -7.45 17.76 -15.32
N GLY C 116 -7.40 18.78 -14.47
CA GLY C 116 -8.61 19.25 -13.82
C GLY C 116 -9.65 19.74 -14.82
N ALA C 117 -9.21 20.50 -15.82
CA ALA C 117 -10.15 21.00 -16.83
C ALA C 117 -10.75 19.85 -17.63
N VAL C 118 -9.94 18.86 -17.99
CA VAL C 118 -10.46 17.71 -18.74
C VAL C 118 -11.49 16.96 -17.92
N ARG C 119 -11.16 16.68 -16.65
CA ARG C 119 -12.08 15.91 -15.81
C ARG C 119 -13.36 16.69 -15.54
N THR C 120 -13.27 18.00 -15.35
CA THR C 120 -14.47 18.80 -15.14
C THR C 120 -15.35 18.82 -16.39
N ALA C 121 -14.73 19.03 -17.56
CA ALA C 121 -15.49 19.01 -18.80
C ALA C 121 -16.17 17.67 -19.00
N ILE C 122 -15.48 16.57 -18.65
CA ILE C 122 -16.07 15.25 -18.84
C ILE C 122 -17.17 14.99 -17.81
N LEU C 123 -17.06 15.55 -16.60
CA LEU C 123 -18.12 15.39 -15.62
C LEU C 123 -19.37 16.17 -15.99
N ILE C 124 -19.22 17.31 -16.68
CA ILE C 124 -20.39 18.14 -16.99
C ILE C 124 -21.52 17.37 -17.66
N PRO C 125 -21.27 16.57 -18.73
CA PRO C 125 -22.37 15.81 -19.32
C PRO C 125 -22.80 14.60 -18.50
N TYR C 126 -22.08 14.26 -17.43
CA TYR C 126 -22.45 13.12 -16.61
C TYR C 126 -23.64 13.45 -15.71
N GLY C 127 -23.67 14.65 -15.16
CA GLY C 127 -24.70 15.03 -14.22
C GLY C 127 -25.82 15.85 -14.81
N ILE C 128 -25.61 16.34 -16.04
CA ILE C 128 -26.62 17.15 -16.71
C ILE C 128 -27.91 16.36 -16.83
N VAL C 129 -29.05 17.06 -16.72
CA VAL C 129 -30.33 16.40 -16.79
C VAL C 129 -30.56 15.87 -18.20
N THR C 130 -31.07 14.65 -18.30
CA THR C 130 -31.28 13.96 -19.56
C THR C 130 -32.44 14.51 -20.36
N VAL C 131 -33.00 15.65 -19.96
CA VAL C 131 -33.97 16.36 -20.76
C VAL C 131 -33.38 17.63 -21.39
N ALA C 132 -32.41 18.26 -20.74
CA ALA C 132 -31.70 19.37 -21.36
C ALA C 132 -30.83 18.88 -22.52
N ALA C 133 -30.13 17.75 -22.33
CA ALA C 133 -29.33 17.19 -23.41
C ALA C 133 -30.20 16.82 -24.61
N SER C 134 -31.37 16.23 -24.35
CA SER C 134 -32.22 15.79 -25.45
C SER C 134 -32.91 16.96 -26.12
N TYR C 135 -33.30 17.98 -25.37
CA TYR C 135 -33.80 19.19 -26.01
C TYR C 135 -32.70 20.04 -26.63
N SER C 136 -31.43 19.68 -26.41
CA SER C 136 -30.35 20.27 -27.18
C SER C 136 -30.18 19.54 -28.51
N TRP C 137 -30.12 18.22 -28.47
CA TRP C 137 -30.02 17.44 -29.71
C TRP C 137 -31.28 17.52 -30.56
N TYR C 138 -32.41 17.93 -29.97
CA TYR C 138 -33.63 18.10 -30.75
C TYR C 138 -33.60 19.40 -31.54
N TYR C 139 -33.10 20.47 -30.94
CA TYR C 139 -33.02 21.77 -31.60
C TYR C 139 -31.70 22.00 -32.31
N ALA C 140 -30.79 21.02 -32.27
CA ALA C 140 -29.64 21.03 -33.16
C ALA C 140 -29.96 20.39 -34.49
N TRP C 141 -30.58 19.22 -34.49
CA TRP C 141 -30.91 18.49 -35.70
C TRP C 141 -32.22 18.95 -36.33
N THR C 142 -32.75 20.10 -35.91
CA THR C 142 -34.01 20.64 -36.48
C THR C 142 -33.67 21.50 -37.71
N PRO C 143 -34.16 21.17 -38.93
CA PRO C 143 -33.81 21.97 -40.11
C PRO C 143 -34.31 23.39 -40.00
N GLY C 144 -33.37 24.33 -39.94
CA GLY C 144 -33.66 25.74 -39.88
C GLY C 144 -33.38 26.38 -38.53
N THR C 145 -33.31 25.59 -37.46
CA THR C 145 -33.07 26.11 -36.12
C THR C 145 -31.68 25.79 -35.60
N GLY C 146 -31.12 24.63 -35.96
CA GLY C 146 -29.81 24.23 -35.52
C GLY C 146 -28.79 24.25 -36.64
N TYR C 147 -27.60 23.75 -36.33
CA TYR C 147 -26.50 23.69 -37.29
C TYR C 147 -26.30 22.31 -37.89
N LEU C 148 -26.36 21.25 -37.07
CA LEU C 148 -26.18 19.90 -37.58
C LEU C 148 -27.29 19.47 -38.52
N ALA C 149 -28.33 20.29 -38.71
CA ALA C 149 -29.34 20.04 -39.72
C ALA C 149 -29.18 20.91 -40.95
N ASN C 150 -28.37 21.96 -40.88
CA ASN C 150 -28.02 22.74 -42.05
C ASN C 150 -26.75 22.24 -42.72
N LEU C 151 -25.87 21.58 -41.96
CA LEU C 151 -24.69 20.93 -42.54
C LEU C 151 -25.09 19.58 -43.16
N LEU C 152 -26.08 19.66 -44.05
CA LEU C 152 -26.67 18.51 -44.70
C LEU C 152 -27.30 18.97 -46.00
N PRO C 153 -27.76 18.05 -46.85
CA PRO C 153 -28.55 18.46 -48.01
C PRO C 153 -29.80 19.21 -47.58
N GLU C 154 -30.20 20.19 -48.40
CA GLU C 154 -31.36 21.00 -48.06
C GLU C 154 -32.62 20.16 -48.01
N GLY C 155 -33.46 20.44 -47.01
CA GLY C 155 -34.65 19.64 -46.81
C GLY C 155 -34.36 18.21 -46.41
N SER C 156 -33.32 18.01 -45.60
CA SER C 156 -32.94 16.66 -45.20
C SER C 156 -33.91 16.11 -44.17
N ALA C 157 -34.17 16.87 -43.11
CA ALA C 157 -35.06 16.45 -42.02
C ALA C 157 -34.60 15.11 -41.43
N PRO C 158 -33.47 15.09 -40.73
CA PRO C 158 -32.92 13.81 -40.26
C PRO C 158 -33.58 13.31 -38.99
N LEU C 159 -34.77 13.81 -38.68
CA LEU C 159 -35.46 13.43 -37.45
C LEU C 159 -36.88 12.94 -37.69
N THR C 160 -37.37 12.97 -38.93
CA THR C 160 -38.68 12.43 -39.26
C THR C 160 -38.59 11.16 -40.10
N ASP C 161 -37.45 10.46 -40.05
CA ASP C 161 -37.26 9.20 -40.75
C ASP C 161 -36.77 8.16 -39.76
N GLN C 162 -36.89 6.89 -40.15
CA GLN C 162 -36.56 5.79 -39.25
C GLN C 162 -35.09 5.79 -38.84
N LEU C 163 -34.21 5.52 -39.79
CA LEU C 163 -32.80 5.29 -39.50
C LEU C 163 -32.07 6.58 -39.11
N PRO C 164 -32.34 7.73 -39.74
CA PRO C 164 -31.77 8.97 -39.20
C PRO C 164 -32.15 9.23 -37.75
N SER C 165 -33.41 8.96 -37.37
CA SER C 165 -33.80 9.15 -35.98
C SER C 165 -33.08 8.18 -35.05
N LEU C 166 -32.96 6.91 -35.46
CA LEU C 166 -32.16 5.99 -34.67
C LEU C 166 -30.73 6.49 -34.51
N ALA C 167 -30.17 7.09 -35.56
CA ALA C 167 -28.80 7.59 -35.48
C ALA C 167 -28.71 8.75 -34.49
N ILE C 168 -29.67 9.67 -34.52
CA ILE C 168 -29.63 10.79 -33.59
C ILE C 168 -29.77 10.30 -32.15
N VAL C 169 -30.64 9.31 -31.93
CA VAL C 169 -30.80 8.76 -30.59
C VAL C 169 -29.50 8.10 -30.14
N VAL C 170 -28.82 7.39 -31.04
CA VAL C 170 -27.56 6.74 -30.66
C VAL C 170 -26.51 7.80 -30.33
N LEU C 171 -26.47 8.89 -31.08
CA LEU C 171 -25.49 9.95 -30.81
C LEU C 171 -25.74 10.59 -29.45
N ALA C 172 -27.00 10.96 -29.17
CA ALA C 172 -27.32 11.53 -27.88
C ALA C 172 -26.99 10.57 -26.74
N GLU C 173 -27.33 9.29 -26.91
CA GLU C 173 -27.07 8.31 -25.86
C GLU C 173 -25.58 8.16 -25.61
N VAL C 174 -24.78 8.10 -26.67
CA VAL C 174 -23.33 7.97 -26.51
C VAL C 174 -22.78 9.19 -25.78
N TRP C 175 -23.14 10.39 -26.23
CA TRP C 175 -22.62 11.59 -25.58
C TRP C 175 -23.01 11.64 -24.11
N LYS C 176 -24.22 11.21 -23.79
CA LYS C 176 -24.68 11.31 -22.40
C LYS C 176 -24.04 10.27 -21.50
N THR C 177 -23.96 9.01 -21.98
CA THR C 177 -23.49 7.87 -21.14
C THR C 177 -21.98 7.63 -21.17
N THR C 178 -21.23 8.30 -22.06
CA THR C 178 -19.80 8.04 -22.12
C THR C 178 -19.06 8.39 -20.82
N PRO C 179 -19.35 9.53 -20.16
CA PRO C 179 -18.55 9.89 -18.97
C PRO C 179 -18.51 8.84 -17.88
N PHE C 180 -19.61 8.15 -17.59
CA PHE C 180 -19.56 7.19 -16.49
C PHE C 180 -18.76 5.94 -16.88
N MET C 181 -18.86 5.53 -18.14
CA MET C 181 -17.98 4.48 -18.64
C MET C 181 -16.51 4.89 -18.50
N ALA C 182 -16.20 6.14 -18.85
CA ALA C 182 -14.83 6.63 -18.74
C ALA C 182 -14.37 6.62 -17.28
N LEU C 183 -15.25 7.01 -16.36
CA LEU C 183 -14.86 7.04 -14.96
C LEU C 183 -14.67 5.64 -14.39
N LEU C 184 -15.50 4.68 -14.81
CA LEU C 184 -15.30 3.31 -14.36
C LEU C 184 -14.01 2.72 -14.92
N LEU C 185 -13.74 2.96 -16.21
CA LEU C 185 -12.49 2.49 -16.79
C LEU C 185 -11.29 3.15 -16.14
N LEU C 186 -11.40 4.42 -15.72
CA LEU C 186 -10.30 5.06 -15.03
C LEU C 186 -10.12 4.50 -13.62
N ALA C 187 -11.22 4.20 -12.94
CA ALA C 187 -11.13 3.53 -11.65
C ALA C 187 -10.40 2.20 -11.77
N GLY C 188 -10.66 1.47 -12.84
CA GLY C 188 -9.93 0.23 -13.06
C GLY C 188 -8.48 0.46 -13.45
N LEU C 189 -8.24 1.45 -14.31
CA LEU C 189 -6.94 1.66 -14.94
C LEU C 189 -5.97 2.46 -14.09
N ALA C 190 -6.43 3.01 -12.96
CA ALA C 190 -5.53 3.69 -12.03
C ALA C 190 -4.90 2.74 -11.04
N LEU C 191 -5.33 1.49 -11.01
CA LEU C 191 -4.73 0.48 -10.14
C LEU C 191 -3.51 -0.17 -10.75
N VAL C 192 -3.37 -0.14 -12.07
CA VAL C 192 -2.22 -0.71 -12.76
C VAL C 192 -0.96 0.05 -12.34
N PRO C 193 -0.05 -0.58 -11.61
CA PRO C 193 1.14 0.14 -11.15
C PRO C 193 2.08 0.47 -12.30
N GLN C 194 2.80 1.58 -12.15
CA GLN C 194 3.73 2.01 -13.18
C GLN C 194 4.90 1.04 -13.35
N ASP C 195 5.21 0.24 -12.32
CA ASP C 195 6.29 -0.73 -12.44
C ASP C 195 5.98 -1.77 -13.51
N LEU C 196 4.71 -2.18 -13.61
CA LEU C 196 4.32 -3.13 -14.65
C LEU C 196 4.57 -2.56 -16.03
N LEU C 197 4.18 -1.31 -16.25
CA LEU C 197 4.38 -0.69 -17.56
C LEU C 197 5.86 -0.49 -17.85
N ASN C 198 6.65 -0.15 -16.84
CA ASN C 198 8.09 -0.02 -17.03
C ASN C 198 8.72 -1.35 -17.41
N ALA C 199 8.30 -2.43 -16.76
CA ALA C 199 8.83 -3.75 -17.09
C ALA C 199 8.41 -4.17 -18.49
N ALA C 200 7.16 -3.88 -18.87
CA ALA C 200 6.72 -4.20 -20.22
C ALA C 200 7.48 -3.41 -21.27
N GLN C 201 7.83 -2.16 -20.96
CA GLN C 201 8.60 -1.37 -21.91
C GLN C 201 10.04 -1.86 -22.00
N VAL C 202 10.62 -2.30 -20.88
CA VAL C 202 11.97 -2.81 -20.89
C VAL C 202 12.04 -4.15 -21.62
N ASP C 203 10.97 -4.94 -21.56
CA ASP C 203 10.98 -6.23 -22.25
C ASP C 203 10.93 -6.08 -23.76
N GLY C 204 10.23 -5.06 -24.26
CA GLY C 204 10.18 -4.84 -25.71
C GLY C 204 8.84 -4.41 -26.25
N ALA C 205 7.83 -4.30 -25.38
CA ALA C 205 6.49 -3.98 -25.83
C ALA C 205 6.36 -2.49 -26.15
N GLY C 206 5.82 -2.19 -27.32
CA GLY C 206 5.62 -0.82 -27.74
C GLY C 206 4.47 -0.14 -27.02
N PRO C 207 3.90 0.89 -27.63
CA PRO C 207 2.78 1.59 -27.01
C PRO C 207 1.48 0.80 -27.05
N TRP C 208 1.19 0.15 -28.18
CA TRP C 208 -0.02 -0.63 -28.32
C TRP C 208 0.13 -2.06 -27.80
N LYS C 209 1.31 -2.66 -27.94
CA LYS C 209 1.56 -3.99 -27.40
C LYS C 209 1.71 -3.98 -25.89
N ARG C 210 1.68 -2.82 -25.25
CA ARG C 210 1.51 -2.75 -23.81
C ARG C 210 0.04 -2.76 -23.42
N LEU C 211 -0.80 -2.04 -24.17
CA LEU C 211 -2.21 -1.97 -23.86
C LEU C 211 -2.83 -3.36 -23.82
N THR C 212 -2.92 -4.00 -24.98
CA THR C 212 -3.63 -5.26 -25.13
C THR C 212 -2.84 -6.44 -24.62
N LYS C 213 -1.81 -6.21 -23.81
CA LYS C 213 -1.05 -7.29 -23.18
C LYS C 213 -0.94 -7.16 -21.68
N VAL C 214 -0.92 -5.95 -21.13
CA VAL C 214 -0.72 -5.82 -19.69
C VAL C 214 -1.76 -4.92 -19.04
N ILE C 215 -2.50 -4.12 -19.83
CA ILE C 215 -3.41 -3.19 -19.17
C ILE C 215 -4.84 -3.51 -19.58
N LEU C 216 -5.04 -4.06 -20.77
CA LEU C 216 -6.39 -4.38 -21.20
C LEU C 216 -6.84 -5.71 -20.59
N PRO C 217 -6.04 -6.78 -20.66
CA PRO C 217 -6.46 -8.02 -19.98
C PRO C 217 -6.26 -7.99 -18.48
N MET C 218 -5.69 -6.93 -17.92
CA MET C 218 -5.51 -6.86 -16.48
C MET C 218 -6.76 -6.32 -15.79
N ILE C 219 -7.35 -5.26 -16.32
CA ILE C 219 -8.65 -4.78 -15.81
C ILE C 219 -9.71 -5.50 -16.64
N LYS C 220 -9.93 -6.76 -16.30
CA LYS C 220 -11.05 -7.52 -16.82
C LYS C 220 -12.31 -7.26 -16.00
N PRO C 221 -12.25 -7.30 -14.65
CA PRO C 221 -13.48 -7.09 -13.88
C PRO C 221 -14.08 -5.70 -14.07
N ALA C 222 -13.25 -4.66 -14.14
CA ALA C 222 -13.76 -3.31 -14.34
C ALA C 222 -14.49 -3.20 -15.68
N ILE C 223 -13.86 -3.72 -16.75
CA ILE C 223 -14.48 -3.67 -18.07
C ILE C 223 -15.77 -4.48 -18.09
N LEU C 224 -15.77 -5.65 -17.46
CA LEU C 224 -16.97 -6.49 -17.48
C LEU C 224 -18.12 -5.84 -16.71
N VAL C 225 -17.83 -5.30 -15.52
CA VAL C 225 -18.88 -4.66 -14.73
C VAL C 225 -19.42 -3.43 -15.47
N ALA C 226 -18.51 -2.60 -16.00
CA ALA C 226 -18.96 -1.41 -16.72
C ALA C 226 -19.77 -1.77 -17.95
N LEU C 227 -19.37 -2.83 -18.66
CA LEU C 227 -20.08 -3.22 -19.86
C LEU C 227 -21.46 -3.78 -19.52
N LEU C 228 -21.56 -4.58 -18.47
CA LEU C 228 -22.86 -5.10 -18.05
C LEU C 228 -23.78 -3.96 -17.63
N PHE C 229 -23.27 -3.03 -16.83
CA PHE C 229 -24.09 -1.91 -16.40
C PHE C 229 -24.54 -1.08 -17.59
N ARG C 230 -23.63 -0.82 -18.54
CA ARG C 230 -24.00 0.02 -19.67
C ARG C 230 -24.97 -0.69 -20.60
N THR C 231 -24.86 -2.02 -20.73
CA THR C 231 -25.83 -2.75 -21.55
C THR C 231 -27.22 -2.72 -20.92
N LEU C 232 -27.31 -3.04 -19.63
CA LEU C 232 -28.60 -3.01 -18.96
C LEU C 232 -29.14 -1.60 -18.79
N ASP C 233 -28.28 -0.58 -18.93
CA ASP C 233 -28.76 0.79 -18.90
C ASP C 233 -29.29 1.21 -20.26
N ALA C 234 -28.56 0.89 -21.34
CA ALA C 234 -29.00 1.25 -22.67
C ALA C 234 -30.17 0.40 -23.14
N PHE C 235 -30.45 -0.72 -22.48
CA PHE C 235 -31.63 -1.50 -22.84
C PHE C 235 -32.92 -0.81 -22.40
N ARG C 236 -32.84 0.17 -21.51
CA ARG C 236 -33.99 0.94 -21.05
C ARG C 236 -33.73 2.41 -21.30
N ILE C 237 -34.04 2.87 -22.50
CA ILE C 237 -33.90 4.28 -22.86
C ILE C 237 -35.32 4.80 -23.11
N PHE C 238 -35.68 5.89 -22.44
CA PHE C 238 -37.00 6.46 -22.58
C PHE C 238 -36.98 7.95 -22.90
N ASP C 239 -36.09 8.72 -22.28
CA ASP C 239 -36.10 10.17 -22.43
C ASP C 239 -35.77 10.60 -23.85
N ASN C 240 -34.65 10.11 -24.38
CA ASN C 240 -34.22 10.51 -25.72
C ASN C 240 -35.29 10.22 -26.75
N ILE C 241 -35.89 9.03 -26.70
CA ILE C 241 -36.87 8.67 -27.70
C ILE C 241 -38.21 9.36 -27.44
N TYR C 242 -38.51 9.68 -26.17
CA TYR C 242 -39.75 10.38 -25.89
C TYR C 242 -39.73 11.80 -26.42
N ILE C 243 -38.68 12.56 -26.10
CA ILE C 243 -38.64 13.97 -26.48
C ILE C 243 -37.71 14.25 -27.65
N LEU C 244 -37.35 13.23 -28.43
CA LEU C 244 -36.56 13.42 -29.63
C LEU C 244 -37.28 12.95 -30.88
N THR C 245 -38.10 11.91 -30.75
CA THR C 245 -38.98 11.47 -31.83
C THR C 245 -40.41 11.19 -31.40
N GLY C 246 -40.66 10.96 -30.11
CA GLY C 246 -42.01 10.72 -29.63
C GLY C 246 -42.55 9.34 -29.88
N GLY C 247 -41.70 8.36 -30.19
CA GLY C 247 -42.14 7.02 -30.50
C GLY C 247 -42.83 6.84 -31.84
N SER C 248 -43.14 7.93 -32.54
CA SER C 248 -43.78 7.83 -33.84
C SER C 248 -42.75 7.38 -34.87
N ASN C 249 -43.20 7.29 -36.13
CA ASN C 249 -42.36 6.87 -37.25
C ASN C 249 -41.70 5.51 -36.99
N ASP C 250 -42.34 4.70 -36.14
CA ASP C 250 -41.97 3.32 -35.87
C ASP C 250 -40.60 3.18 -35.21
N THR C 251 -40.01 4.28 -34.72
CA THR C 251 -38.75 4.22 -33.99
C THR C 251 -38.94 4.23 -32.48
N GLY C 252 -40.04 3.66 -32.00
CA GLY C 252 -40.27 3.58 -30.57
C GLY C 252 -39.52 2.41 -29.95
N SER C 253 -38.95 2.66 -28.78
CA SER C 253 -38.23 1.62 -28.05
C SER C 253 -39.25 0.73 -27.32
N VAL C 254 -38.75 -0.11 -26.42
CA VAL C 254 -39.65 -1.00 -25.68
C VAL C 254 -40.28 -0.28 -24.49
N SER C 255 -39.49 0.54 -23.79
CA SER C 255 -40.05 1.32 -22.69
C SER C 255 -41.12 2.28 -23.18
N ILE C 256 -40.85 2.96 -24.29
CA ILE C 256 -41.85 3.86 -24.88
C ILE C 256 -43.06 3.07 -25.34
N LEU C 257 -42.86 1.84 -25.81
CA LEU C 257 -44.01 1.01 -26.20
C LEU C 257 -44.90 0.71 -25.01
N GLY C 258 -44.30 0.26 -23.90
CA GLY C 258 -45.10 -0.02 -22.71
C GLY C 258 -45.80 1.21 -22.18
N TYR C 259 -45.08 2.33 -22.10
CA TYR C 259 -45.67 3.55 -21.58
C TYR C 259 -46.80 4.03 -22.48
N ASP C 260 -46.57 4.07 -23.79
CA ASP C 260 -47.60 4.47 -24.74
C ASP C 260 -48.84 3.59 -24.58
N ASN C 261 -48.65 2.26 -24.54
CA ASN C 261 -49.78 1.36 -24.36
C ASN C 261 -50.57 1.70 -23.11
N LEU C 262 -49.90 1.72 -21.96
CA LEU C 262 -50.61 1.90 -20.70
C LEU C 262 -51.29 3.27 -20.60
N PHE C 263 -50.64 4.32 -21.12
CA PHE C 263 -51.12 5.67 -20.85
C PHE C 263 -51.84 6.31 -22.03
N LYS C 264 -52.04 5.59 -23.13
CA LYS C 264 -52.89 6.07 -24.21
C LYS C 264 -53.91 5.05 -24.68
N ALA C 265 -53.83 3.80 -24.22
CA ALA C 265 -54.87 2.82 -24.46
C ALA C 265 -55.61 2.42 -23.20
N PHE C 266 -55.05 2.70 -22.02
CA PHE C 266 -55.68 2.41 -20.74
C PHE C 266 -56.00 0.92 -20.62
N ASN C 267 -55.04 0.09 -20.98
CA ASN C 267 -55.18 -1.37 -20.95
C ASN C 267 -54.10 -1.89 -20.01
N VAL C 268 -54.42 -1.98 -18.72
CA VAL C 268 -53.44 -2.36 -17.72
C VAL C 268 -52.96 -3.79 -17.93
N GLY C 269 -53.78 -4.62 -18.55
CA GLY C 269 -53.39 -5.99 -18.85
C GLY C 269 -52.15 -6.07 -19.71
N LEU C 270 -52.24 -5.51 -20.92
CA LEU C 270 -51.09 -5.51 -21.82
C LEU C 270 -49.94 -4.70 -21.24
N GLY C 271 -50.24 -3.63 -20.50
CA GLY C 271 -49.19 -2.85 -19.87
C GLY C 271 -48.34 -3.68 -18.93
N SER C 272 -48.99 -4.41 -18.02
CA SER C 272 -48.25 -5.24 -17.07
C SER C 272 -47.62 -6.44 -17.76
N ALA C 273 -48.26 -6.96 -18.82
CA ALA C 273 -47.64 -8.02 -19.60
C ALA C 273 -46.31 -7.57 -20.17
N ILE C 274 -46.30 -6.43 -20.87
CA ILE C 274 -45.07 -5.88 -21.41
C ILE C 274 -44.07 -5.58 -20.30
N SER C 275 -44.55 -5.13 -19.14
CA SER C 275 -43.65 -4.87 -18.02
C SER C 275 -42.91 -6.13 -17.60
N VAL C 276 -43.65 -7.22 -17.38
CA VAL C 276 -43.03 -8.48 -16.99
C VAL C 276 -42.10 -8.99 -18.08
N LEU C 277 -42.48 -8.80 -19.35
CA LEU C 277 -41.63 -9.25 -20.44
C LEU C 277 -40.32 -8.45 -20.49
N ILE C 278 -40.38 -7.16 -20.20
CA ILE C 278 -39.17 -6.35 -20.15
C ILE C 278 -38.26 -6.83 -19.03
N PHE C 279 -38.85 -7.10 -17.86
CA PHE C 279 -38.04 -7.58 -16.74
C PHE C 279 -37.40 -8.91 -17.06
N LEU C 280 -38.16 -9.81 -17.71
CA LEU C 280 -37.62 -11.12 -18.06
C LEU C 280 -36.51 -11.00 -19.10
N SER C 281 -36.65 -10.08 -20.05
CA SER C 281 -35.61 -9.87 -21.04
C SER C 281 -34.33 -9.35 -20.40
N VAL C 282 -34.47 -8.42 -19.44
CA VAL C 282 -33.30 -7.91 -18.75
C VAL C 282 -32.65 -9.02 -17.92
N ALA C 283 -33.47 -9.86 -17.28
CA ALA C 283 -32.93 -10.97 -16.50
C ALA C 283 -32.17 -11.94 -17.39
N ILE C 284 -32.73 -12.26 -18.57
CA ILE C 284 -32.08 -13.17 -19.50
C ILE C 284 -30.75 -12.59 -19.98
N ILE C 285 -30.74 -11.29 -20.31
CA ILE C 285 -29.51 -10.65 -20.77
C ILE C 285 -28.45 -10.70 -19.68
N ALA C 286 -28.83 -10.38 -18.45
CA ALA C 286 -27.87 -10.39 -17.35
C ALA C 286 -27.33 -11.79 -17.09
N PHE C 287 -28.20 -12.79 -17.15
CA PHE C 287 -27.77 -14.16 -16.90
C PHE C 287 -26.83 -14.64 -18.00
N ILE C 288 -27.15 -14.35 -19.27
CA ILE C 288 -26.25 -14.71 -20.36
C ILE C 288 -24.91 -14.02 -20.20
N TYR C 289 -24.92 -12.74 -19.82
CA TYR C 289 -23.66 -12.00 -19.67
C TYR C 289 -22.82 -12.59 -18.54
N ILE C 290 -23.45 -12.98 -17.43
CA ILE C 290 -22.69 -13.59 -16.35
C ILE C 290 -22.22 -14.99 -16.75
N LYS C 291 -22.96 -15.66 -17.63
CA LYS C 291 -22.56 -16.99 -18.07
C LYS C 291 -21.35 -16.93 -18.99
N ILE C 292 -21.25 -15.89 -19.82
CA ILE C 292 -20.14 -15.77 -20.75
C ILE C 292 -19.30 -14.55 -20.39
N PHE C 293 -19.22 -14.25 -19.10
CA PHE C 293 -18.43 -13.12 -18.60
C PHE C 293 -16.98 -13.20 -19.04
N ASP D 6 9.76 16.84 -29.66
CA ASP D 6 9.07 17.25 -28.44
C ASP D 6 7.82 18.06 -28.77
N ALA D 7 7.92 18.90 -29.80
CA ALA D 7 6.77 19.70 -30.22
C ALA D 7 5.64 18.82 -30.70
N ARG D 8 5.96 17.64 -31.24
CA ARG D 8 4.93 16.71 -31.69
C ARG D 8 4.01 16.30 -30.54
N ARG D 9 4.60 15.82 -29.43
CA ARG D 9 3.79 15.40 -28.30
C ARG D 9 3.09 16.57 -27.64
N ALA D 10 3.72 17.74 -27.60
CA ALA D 10 3.06 18.92 -27.01
C ALA D 10 1.84 19.32 -27.82
N THR D 11 1.96 19.35 -29.15
CA THR D 11 0.81 19.66 -29.99
C THR D 11 -0.26 18.58 -29.86
N TRP D 12 0.14 17.32 -29.78
CA TRP D 12 -0.83 16.23 -29.69
C TRP D 12 -1.46 16.10 -28.31
N TRP D 13 -0.91 16.76 -27.29
CA TRP D 13 -1.60 16.88 -26.02
C TRP D 13 -2.38 18.18 -25.88
N SER D 14 -2.06 19.18 -26.71
CA SER D 14 -2.87 20.39 -26.73
C SER D 14 -4.08 20.27 -27.64
N VAL D 15 -4.07 19.33 -28.59
CA VAL D 15 -5.19 19.17 -29.51
C VAL D 15 -6.14 18.06 -29.07
N VAL D 16 -5.83 17.35 -27.99
CA VAL D 16 -6.69 16.26 -27.53
C VAL D 16 -7.47 16.72 -26.31
N ASN D 17 -6.95 17.71 -25.59
CA ASN D 17 -7.70 18.28 -24.47
C ASN D 17 -8.75 19.27 -24.96
N ILE D 18 -8.38 20.11 -25.94
CA ILE D 18 -9.36 20.98 -26.58
C ILE D 18 -10.47 20.15 -27.20
N LEU D 19 -10.11 19.01 -27.82
CA LEU D 19 -11.11 18.12 -28.38
C LEU D 19 -12.09 17.64 -27.31
N VAL D 20 -11.57 17.22 -26.16
CA VAL D 20 -12.44 16.72 -25.09
C VAL D 20 -13.36 17.83 -24.58
N ILE D 21 -12.80 19.02 -24.36
CA ILE D 21 -13.60 20.11 -23.80
C ILE D 21 -14.66 20.56 -24.79
N VAL D 22 -14.34 20.59 -26.08
CA VAL D 22 -15.33 20.94 -27.09
C VAL D 22 -16.41 19.88 -27.16
N TYR D 23 -16.01 18.60 -27.23
CA TYR D 23 -16.96 17.49 -27.19
C TYR D 23 -17.91 17.60 -26.01
N ALA D 24 -17.41 18.07 -24.87
CA ALA D 24 -18.21 18.11 -23.66
C ALA D 24 -19.04 19.37 -23.51
N LEU D 25 -18.68 20.47 -24.18
CA LEU D 25 -19.36 21.74 -23.99
C LEU D 25 -20.02 22.30 -25.24
N ILE D 26 -20.10 21.55 -26.34
CA ILE D 26 -20.83 22.06 -27.50
C ILE D 26 -22.34 21.96 -27.29
N PRO D 27 -22.91 20.81 -26.95
CA PRO D 27 -24.38 20.73 -26.83
C PRO D 27 -24.94 21.36 -25.57
N VAL D 28 -24.09 21.97 -24.74
CA VAL D 28 -24.55 22.81 -23.63
C VAL D 28 -24.51 24.28 -24.02
N LEU D 29 -23.44 24.70 -24.68
CA LEU D 29 -23.41 26.05 -25.25
C LEU D 29 -24.49 26.24 -26.31
N TRP D 30 -24.94 25.15 -26.95
CA TRP D 30 -26.07 25.29 -27.86
C TRP D 30 -27.34 25.66 -27.10
N ILE D 31 -27.61 24.98 -25.99
CA ILE D 31 -28.73 25.36 -25.12
C ILE D 31 -28.59 26.82 -24.70
N LEU D 32 -27.39 27.22 -24.29
CA LEU D 32 -27.20 28.58 -23.78
C LEU D 32 -27.47 29.61 -24.87
N SER D 33 -26.81 29.47 -26.02
CA SER D 33 -26.98 30.41 -27.11
C SER D 33 -28.38 30.35 -27.73
N LEU D 34 -29.11 29.26 -27.50
CA LEU D 34 -30.47 29.19 -28.00
C LEU D 34 -31.45 29.88 -27.06
N SER D 35 -31.20 29.76 -25.75
CA SER D 35 -32.08 30.38 -24.77
C SER D 35 -31.81 31.87 -24.60
N LEU D 36 -30.59 32.33 -24.91
CA LEU D 36 -30.30 33.75 -24.75
C LEU D 36 -30.89 34.60 -25.86
N LYS D 37 -30.96 34.07 -27.08
CA LYS D 37 -31.49 34.84 -28.20
C LYS D 37 -32.99 35.08 -28.02
N PRO D 38 -33.50 36.20 -28.53
CA PRO D 38 -34.95 36.45 -28.47
C PRO D 38 -35.72 35.68 -29.52
N THR D 39 -37.02 35.97 -29.66
CA THR D 39 -37.81 35.37 -30.70
C THR D 39 -37.57 36.07 -32.03
N SER D 40 -36.30 36.17 -32.41
CA SER D 40 -35.89 36.74 -33.68
C SER D 40 -34.51 36.20 -34.00
N SER D 41 -34.25 36.01 -35.29
CA SER D 41 -33.04 35.34 -35.76
C SER D 41 -32.90 33.97 -35.10
N VAL D 42 -34.00 33.23 -35.05
CA VAL D 42 -34.03 31.87 -34.52
C VAL D 42 -33.46 30.94 -35.58
N LYS D 43 -33.00 31.52 -36.69
CA LYS D 43 -32.33 30.77 -37.74
C LYS D 43 -30.97 30.28 -37.24
N ASP D 44 -30.18 29.74 -38.17
CA ASP D 44 -28.92 29.11 -37.85
C ASP D 44 -27.97 30.09 -37.16
N GLY D 45 -26.91 29.54 -36.57
CA GLY D 45 -25.93 30.34 -35.87
C GLY D 45 -25.74 29.86 -34.44
N LYS D 46 -24.51 29.46 -34.11
CA LYS D 46 -24.17 28.98 -32.78
C LYS D 46 -23.39 30.00 -31.97
N LEU D 47 -22.94 31.08 -32.62
CA LEU D 47 -22.16 32.11 -31.95
C LEU D 47 -23.04 33.29 -31.53
N ILE D 48 -24.31 33.03 -31.20
CA ILE D 48 -25.27 34.05 -30.79
C ILE D 48 -25.38 35.11 -31.88
N PRO D 49 -26.05 34.80 -33.00
CA PRO D 49 -26.11 35.76 -34.11
C PRO D 49 -26.71 37.11 -33.72
N THR D 50 -27.93 37.09 -33.19
CA THR D 50 -28.58 38.33 -32.80
C THR D 50 -28.19 38.72 -31.38
N GLU D 51 -28.58 39.93 -30.99
CA GLU D 51 -28.23 40.44 -29.67
C GLU D 51 -29.01 39.72 -28.58
N ILE D 52 -28.32 39.48 -27.45
CA ILE D 52 -28.94 38.77 -26.35
C ILE D 52 -29.95 39.67 -25.65
N THR D 53 -31.17 39.15 -25.48
CA THR D 53 -32.20 39.79 -24.67
C THR D 53 -32.94 38.72 -23.90
N PHE D 54 -33.24 39.00 -22.64
CA PHE D 54 -33.91 38.04 -21.77
C PHE D 54 -35.41 38.01 -22.04
N ALA D 55 -35.75 37.76 -23.31
CA ALA D 55 -37.16 37.73 -23.71
C ALA D 55 -37.80 36.37 -23.48
N ASN D 56 -37.04 35.39 -22.97
CA ASN D 56 -37.59 34.09 -22.61
C ASN D 56 -37.58 33.82 -21.12
N TYR D 57 -36.51 34.18 -20.41
CA TYR D 57 -36.45 33.98 -18.96
C TYR D 57 -37.50 34.81 -18.24
N LYS D 58 -37.73 36.05 -18.69
CA LYS D 58 -38.75 36.87 -18.08
C LYS D 58 -40.16 36.42 -18.42
N ALA D 59 -40.31 35.38 -19.24
CA ALA D 59 -41.60 34.80 -19.56
C ALA D 59 -41.82 33.43 -18.92
N ILE D 60 -40.76 32.62 -18.82
CA ILE D 60 -40.90 31.30 -18.20
C ILE D 60 -41.26 31.45 -16.73
N PHE D 61 -40.67 32.42 -16.04
CA PHE D 61 -40.90 32.64 -14.62
C PHE D 61 -42.15 33.48 -14.35
N SER D 62 -43.02 33.63 -15.33
CA SER D 62 -44.24 34.43 -15.19
C SER D 62 -45.40 33.47 -14.94
N GLY D 63 -45.73 33.25 -13.68
CA GLY D 63 -46.82 32.39 -13.30
C GLY D 63 -46.35 31.20 -12.49
N ASP D 64 -47.32 30.37 -12.11
CA ASP D 64 -47.06 29.15 -11.35
C ASP D 64 -46.75 27.95 -12.24
N ALA D 65 -46.34 28.18 -13.48
CA ALA D 65 -46.05 27.08 -14.40
C ALA D 65 -44.73 26.40 -14.06
N PHE D 66 -43.64 27.16 -14.04
CA PHE D 66 -42.32 26.59 -13.81
C PHE D 66 -41.77 26.85 -12.42
N THR D 67 -42.19 27.93 -11.75
CA THR D 67 -41.68 28.20 -10.41
C THR D 67 -42.05 27.08 -9.44
N SER D 68 -43.33 26.65 -9.47
CA SER D 68 -43.75 25.55 -8.61
C SER D 68 -43.09 24.24 -9.03
N ALA D 69 -42.89 24.04 -10.33
CA ALA D 69 -42.25 22.81 -10.81
C ALA D 69 -40.77 22.78 -10.46
N LEU D 70 -40.17 23.93 -10.15
CA LEU D 70 -38.80 23.96 -9.66
C LEU D 70 -38.74 23.81 -8.15
N PHE D 71 -39.71 24.38 -7.44
CA PHE D 71 -39.76 24.19 -5.99
C PHE D 71 -40.00 22.73 -5.64
N ASN D 72 -40.93 22.07 -6.34
CA ASN D 72 -41.16 20.64 -6.09
C ASN D 72 -39.90 19.84 -6.37
N SER D 73 -39.18 20.18 -7.44
CA SER D 73 -37.95 19.46 -7.76
C SER D 73 -36.91 19.62 -6.66
N ILE D 74 -36.70 20.85 -6.19
CA ILE D 74 -35.70 21.08 -5.16
C ILE D 74 -36.09 20.37 -3.87
N GLY D 75 -37.36 20.44 -3.49
CA GLY D 75 -37.79 19.80 -2.25
C GLY D 75 -37.67 18.29 -2.31
N ILE D 76 -38.18 17.69 -3.37
CA ILE D 76 -38.06 16.24 -3.54
C ILE D 76 -36.59 15.83 -3.53
N GLY D 77 -35.74 16.58 -4.24
CA GLY D 77 -34.33 16.24 -4.28
C GLY D 77 -33.67 16.31 -2.92
N LEU D 78 -33.99 17.34 -2.14
CA LEU D 78 -33.37 17.47 -0.82
C LEU D 78 -33.83 16.37 0.12
N ILE D 79 -35.14 16.08 0.14
CA ILE D 79 -35.63 15.01 1.01
C ILE D 79 -35.02 13.67 0.61
N THR D 80 -34.97 13.38 -0.69
CA THR D 80 -34.46 12.08 -1.11
C THR D 80 -32.97 11.97 -0.87
N THR D 81 -32.20 13.05 -1.04
CA THR D 81 -30.77 12.92 -0.76
C THR D 81 -30.52 12.74 0.73
N ILE D 82 -31.26 13.46 1.58
CA ILE D 82 -31.08 13.29 3.02
C ILE D 82 -31.38 11.85 3.44
N ILE D 83 -32.57 11.35 3.07
CA ILE D 83 -32.98 10.03 3.52
C ILE D 83 -32.11 8.95 2.90
N ALA D 84 -31.82 9.06 1.60
CA ALA D 84 -31.00 8.05 0.95
C ALA D 84 -29.57 8.06 1.49
N VAL D 85 -29.05 9.22 1.88
CA VAL D 85 -27.70 9.25 2.44
C VAL D 85 -27.67 8.62 3.81
N VAL D 86 -28.67 8.89 4.65
CA VAL D 86 -28.61 8.27 5.98
C VAL D 86 -28.80 6.75 5.88
N ILE D 87 -29.71 6.30 4.99
CA ILE D 87 -29.94 4.86 4.87
C ILE D 87 -28.74 4.17 4.22
N GLY D 88 -28.18 4.77 3.17
CA GLY D 88 -26.99 4.22 2.55
C GLY D 88 -25.78 4.28 3.43
N GLY D 89 -25.73 5.24 4.36
CA GLY D 89 -24.63 5.27 5.31
C GLY D 89 -24.73 4.14 6.32
N MET D 90 -25.94 3.89 6.83
CA MET D 90 -26.16 2.70 7.65
C MET D 90 -25.72 1.44 6.91
N ALA D 91 -26.24 1.25 5.70
CA ALA D 91 -25.94 0.04 4.94
C ALA D 91 -24.46 -0.06 4.59
N ALA D 92 -23.80 1.07 4.34
CA ALA D 92 -22.41 1.06 3.93
C ALA D 92 -21.49 0.78 5.11
N TYR D 93 -21.81 1.33 6.29
CA TYR D 93 -21.02 0.96 7.46
C TYR D 93 -21.29 -0.48 7.86
N ALA D 94 -22.45 -1.03 7.48
CA ALA D 94 -22.71 -2.43 7.75
C ALA D 94 -21.90 -3.33 6.81
N VAL D 95 -21.87 -3.00 5.52
CA VAL D 95 -21.20 -3.84 4.53
C VAL D 95 -19.75 -3.44 4.36
N ALA D 96 -19.28 -2.53 5.20
CA ALA D 96 -17.92 -2.00 5.07
C ALA D 96 -16.94 -2.64 6.05
N ARG D 97 -17.36 -2.93 7.27
CA ARG D 97 -16.43 -3.35 8.30
C ARG D 97 -16.82 -4.62 9.04
N LEU D 98 -18.10 -4.85 9.30
CA LEU D 98 -18.46 -5.91 10.25
C LEU D 98 -19.21 -7.10 9.66
N GLN D 99 -20.32 -6.89 8.96
CA GLN D 99 -21.26 -7.96 8.66
C GLN D 99 -20.60 -9.10 7.89
N PHE D 100 -20.44 -10.25 8.55
CA PHE D 100 -19.98 -11.46 7.88
C PHE D 100 -21.09 -12.21 7.14
N PRO D 101 -22.25 -12.50 7.77
CA PRO D 101 -23.23 -13.39 7.10
C PRO D 101 -24.22 -12.73 6.14
N GLY D 102 -23.78 -12.50 4.92
CA GLY D 102 -24.67 -11.99 3.90
C GLY D 102 -24.17 -10.80 3.11
N LYS D 103 -22.86 -10.54 3.19
CA LYS D 103 -22.27 -9.40 2.51
C LYS D 103 -21.99 -9.68 1.03
N GLN D 104 -22.59 -10.70 0.44
CA GLN D 104 -22.35 -11.03 -0.96
C GLN D 104 -23.61 -11.04 -1.82
N LEU D 105 -24.80 -11.23 -1.23
CA LEU D 105 -26.03 -11.10 -1.97
C LEU D 105 -26.66 -9.72 -1.81
N LEU D 106 -26.33 -8.99 -0.73
CA LEU D 106 -26.75 -7.60 -0.62
C LEU D 106 -26.14 -6.76 -1.74
N ILE D 107 -24.86 -6.98 -2.04
CA ILE D 107 -24.21 -6.30 -3.16
C ILE D 107 -24.66 -6.86 -4.50
N GLY D 108 -25.51 -7.88 -4.50
CA GLY D 108 -26.13 -8.35 -5.72
C GLY D 108 -27.48 -7.69 -5.94
N VAL D 109 -28.23 -7.53 -4.85
CA VAL D 109 -29.49 -6.80 -4.94
C VAL D 109 -29.23 -5.32 -5.21
N ALA D 110 -28.15 -4.78 -4.64
CA ALA D 110 -27.76 -3.38 -4.86
C ALA D 110 -27.17 -3.14 -6.22
N LEU D 111 -27.19 -4.17 -7.07
CA LEU D 111 -26.92 -4.03 -8.49
C LEU D 111 -28.12 -4.39 -9.33
N LEU D 112 -28.91 -5.38 -8.90
CA LEU D 112 -30.16 -5.69 -9.59
C LEU D 112 -31.09 -4.49 -9.61
N ILE D 113 -31.15 -3.73 -8.52
CA ILE D 113 -31.99 -2.53 -8.51
C ILE D 113 -31.28 -1.32 -9.10
N ALA D 114 -29.98 -1.41 -9.34
CA ALA D 114 -29.29 -0.36 -10.08
C ALA D 114 -29.49 -0.52 -11.59
N MET D 115 -29.59 -1.76 -12.07
CA MET D 115 -29.88 -2.06 -13.47
C MET D 115 -31.32 -2.51 -13.66
N PHE D 116 -32.26 -1.90 -12.92
CA PHE D 116 -33.65 -2.33 -12.95
C PHE D 116 -34.42 -1.45 -13.91
N PRO D 117 -35.01 -2.02 -14.97
CA PRO D 117 -35.82 -1.20 -15.89
C PRO D 117 -36.98 -0.54 -15.17
N HIS D 118 -37.02 0.80 -15.23
CA HIS D 118 -38.04 1.54 -14.49
C HIS D 118 -39.43 1.25 -15.02
N ILE D 119 -39.58 1.06 -16.33
CA ILE D 119 -40.90 0.77 -16.88
C ILE D 119 -41.38 -0.60 -16.44
N SER D 120 -40.47 -1.50 -16.07
CA SER D 120 -40.87 -2.78 -15.50
C SER D 120 -41.46 -2.64 -14.11
N LEU D 121 -41.57 -1.41 -13.61
CA LEU D 121 -41.95 -1.16 -12.23
C LEU D 121 -43.05 -0.12 -12.06
N VAL D 122 -43.25 0.76 -13.05
CA VAL D 122 -44.21 1.85 -12.92
C VAL D 122 -45.55 1.52 -13.54
N THR D 123 -45.69 0.35 -14.14
CA THR D 123 -47.00 -0.11 -14.58
C THR D 123 -47.82 -0.63 -13.41
N PRO D 124 -47.24 -1.42 -12.47
CA PRO D 124 -48.01 -1.81 -11.27
C PRO D 124 -48.15 -0.69 -10.26
N ILE D 125 -47.07 0.06 -10.00
CA ILE D 125 -47.10 1.09 -8.97
C ILE D 125 -48.17 2.13 -9.27
N PHE D 126 -48.20 2.62 -10.51
CA PHE D 126 -49.21 3.61 -10.88
C PHE D 126 -50.61 3.10 -10.60
N ASN D 127 -50.81 1.78 -10.60
CA ASN D 127 -52.08 1.22 -10.15
C ASN D 127 -52.17 1.21 -8.63
N MET D 128 -51.18 0.61 -7.97
CA MET D 128 -51.15 0.53 -6.51
C MET D 128 -51.29 1.91 -5.89
N TRP D 129 -50.42 2.82 -6.26
CA TRP D 129 -50.43 4.17 -5.69
C TRP D 129 -51.53 5.02 -6.25
N ARG D 130 -52.47 4.41 -6.96
CA ARG D 130 -53.72 5.07 -7.31
C ARG D 130 -54.83 4.75 -6.33
N GLY D 131 -54.65 3.72 -5.50
CA GLY D 131 -55.67 3.32 -4.55
C GLY D 131 -55.42 3.85 -3.15
N ILE D 132 -54.15 3.84 -2.74
CA ILE D 132 -53.77 4.38 -1.44
C ILE D 132 -54.02 5.88 -1.34
N GLY D 133 -54.29 6.55 -2.46
CA GLY D 133 -54.40 7.99 -2.48
C GLY D 133 -53.08 8.71 -2.65
N LEU D 134 -51.97 7.98 -2.64
CA LEU D 134 -50.64 8.55 -2.76
C LEU D 134 -50.27 8.77 -4.21
N PHE D 135 -51.14 9.45 -4.97
CA PHE D 135 -50.94 9.55 -6.42
C PHE D 135 -49.87 10.59 -6.76
N ASP D 136 -50.14 11.86 -6.47
CA ASP D 136 -49.24 12.96 -6.82
C ASP D 136 -48.99 13.80 -5.57
N THR D 137 -48.05 13.35 -4.74
CA THR D 137 -47.61 14.07 -3.56
C THR D 137 -46.13 13.77 -3.38
N TRP D 138 -45.45 14.62 -2.63
CA TRP D 138 -44.04 14.35 -2.31
C TRP D 138 -43.85 12.97 -1.72
N PRO D 139 -44.63 12.52 -0.73
CA PRO D 139 -44.76 11.07 -0.53
C PRO D 139 -45.53 10.49 -1.70
N GLY D 140 -44.91 9.55 -2.41
CA GLY D 140 -45.37 9.11 -3.71
C GLY D 140 -44.32 9.31 -4.80
N LEU D 141 -43.28 10.09 -4.51
CA LEU D 141 -42.10 10.16 -5.33
C LEU D 141 -40.82 9.97 -4.55
N ILE D 142 -40.80 10.28 -3.25
CA ILE D 142 -39.60 10.07 -2.45
C ILE D 142 -39.31 8.59 -2.30
N ILE D 143 -40.33 7.74 -2.28
CA ILE D 143 -40.15 6.32 -2.04
C ILE D 143 -39.41 5.66 -3.21
N PRO D 144 -39.86 5.81 -4.47
CA PRO D 144 -39.09 5.21 -5.56
C PRO D 144 -37.75 5.90 -5.78
N TYR D 145 -37.67 7.21 -5.53
CA TYR D 145 -36.41 7.91 -5.70
C TYR D 145 -35.36 7.39 -4.73
N ILE D 146 -35.72 7.24 -3.45
CA ILE D 146 -34.78 6.67 -2.49
C ILE D 146 -34.63 5.17 -2.64
N THR D 147 -35.54 4.52 -3.38
CA THR D 147 -35.32 3.11 -3.70
C THR D 147 -34.23 2.95 -4.75
N PHE D 148 -34.29 3.74 -5.82
CA PHE D 148 -33.33 3.64 -6.91
C PHE D 148 -32.05 4.42 -6.64
N ALA D 149 -32.02 5.28 -5.64
CA ALA D 149 -30.83 6.05 -5.31
C ALA D 149 -29.99 5.41 -4.22
N LEU D 150 -30.36 4.23 -3.75
CA LEU D 150 -29.63 3.52 -2.70
C LEU D 150 -28.33 2.89 -3.22
N PRO D 151 -28.32 2.25 -4.40
CA PRO D 151 -27.04 1.67 -4.87
C PRO D 151 -25.93 2.68 -5.04
N LEU D 152 -26.23 3.86 -5.58
CA LEU D 152 -25.21 4.89 -5.75
C LEU D 152 -24.63 5.31 -4.41
N ALA D 153 -25.50 5.55 -3.42
CA ALA D 153 -25.05 5.94 -2.10
C ALA D 153 -24.21 4.84 -1.46
N ILE D 154 -24.67 3.60 -1.54
CA ILE D 154 -23.93 2.47 -0.98
C ILE D 154 -22.55 2.38 -1.60
N TYR D 155 -22.47 2.51 -2.92
CA TYR D 155 -21.19 2.47 -3.62
C TYR D 155 -20.25 3.57 -3.13
N THR D 156 -20.67 4.82 -3.30
CA THR D 156 -19.79 5.95 -3.00
C THR D 156 -19.53 6.11 -1.52
N LEU D 157 -20.28 5.43 -0.65
CA LEU D 157 -20.03 5.50 0.78
C LEU D 157 -19.22 4.33 1.30
N SER D 158 -19.46 3.12 0.80
CA SER D 158 -18.59 2.00 1.10
C SER D 158 -17.17 2.28 0.66
N ALA D 159 -17.00 3.04 -0.42
CA ALA D 159 -15.66 3.48 -0.81
C ALA D 159 -14.96 4.20 0.34
N PHE D 160 -15.54 5.32 0.78
CA PHE D 160 -14.93 6.12 1.84
C PHE D 160 -14.93 5.41 3.19
N PHE D 161 -15.77 4.39 3.37
CA PHE D 161 -15.80 3.68 4.65
C PHE D 161 -14.71 2.62 4.72
N ARG D 162 -14.41 1.95 3.61
CA ARG D 162 -13.22 1.12 3.56
C ARG D 162 -11.96 1.97 3.49
N GLU D 163 -12.08 3.23 3.11
CA GLU D 163 -10.89 4.10 3.02
C GLU D 163 -10.29 4.37 4.39
N ILE D 164 -11.12 4.71 5.38
CA ILE D 164 -10.60 5.10 6.69
C ILE D 164 -9.94 3.90 7.36
N PRO D 165 -8.88 4.10 8.14
CA PRO D 165 -8.11 2.96 8.66
C PRO D 165 -8.91 2.14 9.66
N TRP D 166 -8.32 1.02 10.06
CA TRP D 166 -9.02 -0.01 10.83
C TRP D 166 -8.73 0.01 12.32
N ASP D 167 -7.55 0.47 12.73
CA ASP D 167 -7.15 0.42 14.12
C ASP D 167 -7.69 1.57 14.95
N LEU D 168 -8.54 2.43 14.39
CA LEU D 168 -9.02 3.60 15.12
C LEU D 168 -9.94 3.20 16.26
N GLU D 169 -10.76 2.17 16.06
CA GLU D 169 -11.68 1.75 17.10
C GLU D 169 -10.93 1.22 18.33
N LYS D 170 -9.89 0.40 18.10
CA LYS D 170 -9.10 -0.11 19.20
C LYS D 170 -8.32 1.01 19.89
N ALA D 171 -7.69 1.89 19.11
CA ALA D 171 -6.97 3.02 19.68
C ALA D 171 -7.89 3.98 20.42
N ALA D 172 -9.19 3.94 20.14
CA ALA D 172 -10.14 4.74 20.89
C ALA D 172 -10.55 4.03 22.17
N LYS D 173 -10.84 2.74 22.09
CA LYS D 173 -11.26 2.00 23.29
C LYS D 173 -10.12 1.77 24.27
N MET D 174 -8.87 1.95 23.85
CA MET D 174 -7.75 1.82 24.77
C MET D 174 -7.50 3.07 25.59
N ASP D 175 -8.06 4.21 25.18
CA ASP D 175 -7.91 5.45 25.93
C ASP D 175 -8.99 5.65 26.98
N GLY D 176 -9.96 4.75 27.06
CA GLY D 176 -11.06 4.87 27.99
C GLY D 176 -12.40 5.18 27.36
N ALA D 177 -12.50 5.17 26.04
CA ALA D 177 -13.71 5.61 25.35
C ALA D 177 -14.79 4.54 25.39
N THR D 178 -15.98 4.93 25.83
CA THR D 178 -17.15 4.10 25.63
C THR D 178 -17.44 3.99 24.14
N PRO D 179 -17.83 2.80 23.65
CA PRO D 179 -18.08 2.63 22.20
C PRO D 179 -18.89 3.74 21.55
N ALA D 180 -19.90 4.27 22.24
CA ALA D 180 -20.64 5.40 21.70
C ALA D 180 -19.75 6.64 21.60
N GLN D 181 -19.02 6.93 22.68
CA GLN D 181 -18.09 8.06 22.67
C GLN D 181 -17.00 7.85 21.63
N ALA D 182 -16.43 6.64 21.61
CA ALA D 182 -15.39 6.32 20.63
C ALA D 182 -15.89 6.59 19.21
N PHE D 183 -17.07 6.09 18.88
CA PHE D 183 -17.66 6.33 17.57
C PHE D 183 -17.80 7.82 17.31
N ARG D 184 -18.65 8.49 18.11
CA ARG D 184 -19.02 9.86 17.83
C ARG D 184 -17.86 10.85 17.93
N LYS D 185 -16.71 10.44 18.47
CA LYS D 185 -15.57 11.34 18.55
C LYS D 185 -14.38 10.94 17.70
N VAL D 186 -14.34 9.71 17.18
CA VAL D 186 -13.21 9.27 16.37
C VAL D 186 -13.60 8.95 14.94
N ILE D 187 -14.81 8.48 14.67
CA ILE D 187 -15.20 8.11 13.31
C ILE D 187 -16.14 9.13 12.69
N ALA D 188 -17.03 9.74 13.47
CA ALA D 188 -17.97 10.71 12.91
C ALA D 188 -17.30 11.84 12.15
N PRO D 189 -16.29 12.54 12.67
CA PRO D 189 -15.65 13.58 11.87
C PRO D 189 -14.77 13.04 10.76
N LEU D 190 -14.48 11.74 10.73
CA LEU D 190 -13.70 11.13 9.68
C LEU D 190 -14.55 10.67 8.50
N ALA D 191 -15.88 10.70 8.64
CA ALA D 191 -16.79 10.26 7.58
C ALA D 191 -17.72 11.36 7.12
N ALA D 192 -17.37 12.62 7.38
CA ALA D 192 -18.18 13.73 6.92
C ALA D 192 -17.96 14.03 5.44
N PRO D 193 -16.71 14.04 4.93
CA PRO D 193 -16.54 14.17 3.48
C PRO D 193 -17.26 13.10 2.69
N GLY D 194 -17.23 11.85 3.15
CA GLY D 194 -17.96 10.80 2.49
C GLY D 194 -19.45 11.10 2.42
N ILE D 195 -20.02 11.59 3.52
CA ILE D 195 -21.46 11.85 3.55
C ILE D 195 -21.81 13.03 2.65
N VAL D 196 -20.98 14.07 2.63
CA VAL D 196 -21.30 15.23 1.80
C VAL D 196 -21.18 14.88 0.32
N THR D 197 -20.17 14.06 -0.05
CA THR D 197 -20.06 13.69 -1.46
C THR D 197 -21.15 12.71 -1.87
N ALA D 198 -21.56 11.82 -0.96
CA ALA D 198 -22.70 10.95 -1.26
C ALA D 198 -23.97 11.76 -1.41
N ALA D 199 -24.14 12.82 -0.62
CA ALA D 199 -25.30 13.68 -0.77
C ALA D 199 -25.28 14.41 -2.11
N ILE D 200 -24.12 14.93 -2.51
CA ILE D 200 -24.02 15.58 -3.81
C ILE D 200 -24.39 14.62 -4.93
N LEU D 201 -23.82 13.39 -4.88
CA LEU D 201 -24.08 12.43 -5.95
C LEU D 201 -25.53 11.98 -5.97
N VAL D 202 -26.13 11.74 -4.80
CA VAL D 202 -27.52 11.28 -4.77
C VAL D 202 -28.45 12.40 -5.21
N PHE D 203 -28.11 13.65 -4.93
CA PHE D 203 -28.93 14.75 -5.44
C PHE D 203 -28.83 14.83 -6.96
N ILE D 204 -27.60 14.80 -7.49
CA ILE D 204 -27.43 14.85 -8.94
C ILE D 204 -28.17 13.71 -9.62
N PHE D 205 -28.21 12.54 -8.98
CA PHE D 205 -28.94 11.41 -9.56
C PHE D 205 -30.45 11.63 -9.47
N ALA D 206 -30.98 11.70 -8.24
CA ALA D 206 -32.41 11.76 -8.03
C ALA D 206 -33.04 13.05 -8.49
N TRP D 207 -32.26 13.96 -9.06
CA TRP D 207 -32.77 15.23 -9.52
C TRP D 207 -33.05 15.25 -11.02
N ASN D 208 -32.86 14.13 -11.74
CA ASN D 208 -33.04 14.12 -13.18
C ASN D 208 -33.98 13.03 -13.69
N ASP D 209 -34.67 12.32 -12.80
CA ASP D 209 -35.52 11.22 -13.22
C ASP D 209 -36.79 11.75 -13.88
N LEU D 210 -37.03 11.35 -15.13
CA LEU D 210 -38.17 11.82 -15.91
C LEU D 210 -39.31 10.81 -15.97
N LEU D 211 -39.01 9.52 -16.03
CA LEU D 211 -40.06 8.52 -16.24
C LEU D 211 -40.99 8.45 -15.03
N LEU D 212 -40.43 8.42 -13.83
CA LEU D 212 -41.24 8.34 -12.62
C LEU D 212 -42.13 9.57 -12.46
N ALA D 213 -41.52 10.76 -12.55
CA ALA D 213 -42.27 12.00 -12.35
C ALA D 213 -43.30 12.21 -13.44
N LEU D 214 -43.06 11.70 -14.64
CA LEU D 214 -44.01 11.87 -15.72
C LEU D 214 -45.13 10.85 -15.66
N SER D 215 -44.85 9.68 -15.08
CA SER D 215 -45.88 8.65 -14.99
C SER D 215 -46.81 8.87 -13.81
N LEU D 216 -46.26 9.19 -12.64
CA LEU D 216 -47.07 9.30 -11.43
C LEU D 216 -47.76 10.65 -11.30
N THR D 217 -47.00 11.74 -11.32
CA THR D 217 -47.53 13.08 -11.07
C THR D 217 -48.51 13.47 -12.17
N ALA D 218 -49.56 14.21 -11.79
CA ALA D 218 -50.54 14.69 -12.74
C ALA D 218 -50.90 16.17 -12.61
N THR D 219 -50.79 16.74 -11.41
CA THR D 219 -51.24 18.11 -11.18
C THR D 219 -50.05 19.01 -10.83
N GLN D 220 -50.35 20.29 -10.65
CA GLN D 220 -49.31 21.27 -10.34
C GLN D 220 -48.68 21.03 -8.96
N ARG D 221 -49.34 20.27 -8.10
CA ARG D 221 -48.73 19.87 -6.83
C ARG D 221 -47.84 18.66 -7.07
N ALA D 222 -46.58 18.78 -6.67
CA ALA D 222 -45.59 17.71 -6.81
C ALA D 222 -45.47 17.27 -8.28
N ILE D 223 -45.04 18.21 -9.11
CA ILE D 223 -44.73 17.93 -10.52
C ILE D 223 -43.31 18.42 -10.77
N THR D 224 -42.40 17.48 -11.03
CA THR D 224 -40.99 17.82 -11.15
C THR D 224 -40.76 18.71 -12.37
N ALA D 225 -39.56 19.29 -12.44
CA ALA D 225 -39.22 20.29 -13.46
C ALA D 225 -39.01 19.68 -14.85
N PRO D 226 -38.32 18.54 -15.00
CA PRO D 226 -38.25 17.93 -16.34
C PRO D 226 -39.61 17.68 -16.97
N VAL D 227 -40.59 17.28 -16.18
CA VAL D 227 -41.94 17.09 -16.71
C VAL D 227 -42.52 18.42 -17.20
N ALA D 228 -42.28 19.49 -16.44
CA ALA D 228 -42.74 20.80 -16.87
C ALA D 228 -42.09 21.21 -18.17
N ILE D 229 -40.79 20.99 -18.31
CA ILE D 229 -40.08 21.29 -19.55
C ILE D 229 -40.69 20.52 -20.71
N ALA D 230 -40.91 19.22 -20.51
CA ALA D 230 -41.53 18.40 -21.56
C ALA D 230 -42.97 18.82 -21.84
N ASN D 231 -43.60 19.52 -20.91
CA ASN D 231 -44.96 20.02 -21.12
C ASN D 231 -45.01 21.45 -21.63
N PHE D 232 -43.87 22.14 -21.74
CA PHE D 232 -43.86 23.48 -22.34
C PHE D 232 -44.37 23.51 -23.77
N THR D 233 -44.51 22.35 -24.42
CA THR D 233 -44.95 22.34 -25.81
C THR D 233 -46.38 22.89 -25.94
N GLY D 234 -47.32 22.33 -25.17
CA GLY D 234 -48.73 22.73 -25.28
C GLY D 234 -49.21 23.62 -24.14
N SER D 235 -48.29 24.23 -23.39
CA SER D 235 -48.70 25.12 -22.27
C SER D 235 -48.90 26.55 -22.78
N SER D 236 -49.26 27.48 -21.89
CA SER D 236 -49.47 28.90 -22.29
C SER D 236 -48.22 29.44 -22.99
N GLN D 237 -47.05 29.19 -22.41
CA GLN D 237 -45.73 29.64 -22.95
C GLN D 237 -45.68 29.37 -24.45
N PHE D 238 -46.11 30.34 -25.26
CA PHE D 238 -46.15 30.11 -26.73
C PHE D 238 -45.75 31.40 -27.46
N GLU D 239 -44.59 31.94 -27.13
CA GLU D 239 -44.10 33.11 -27.91
C GLU D 239 -43.20 32.50 -29.00
N GLU D 240 -43.06 31.19 -28.89
CA GLU D 240 -42.32 30.24 -29.71
C GLU D 240 -41.75 29.23 -28.74
N PRO D 241 -41.97 27.93 -28.94
CA PRO D 241 -41.55 26.95 -27.93
C PRO D 241 -40.05 26.84 -27.78
N THR D 242 -39.26 27.25 -28.78
CA THR D 242 -37.81 27.07 -28.72
C THR D 242 -37.21 27.86 -27.56
N GLY D 243 -37.53 29.15 -27.48
CA GLY D 243 -36.96 29.97 -26.43
C GLY D 243 -37.31 29.49 -25.04
N SER D 244 -38.59 29.22 -24.79
CA SER D 244 -39.02 28.81 -23.45
C SER D 244 -38.41 27.47 -23.06
N ILE D 245 -38.39 26.51 -23.99
CA ILE D 245 -37.86 25.18 -23.67
C ILE D 245 -36.36 25.26 -23.39
N ALA D 246 -35.63 25.98 -24.23
CA ALA D 246 -34.19 26.12 -23.99
C ALA D 246 -33.92 26.88 -22.70
N ALA D 247 -34.78 27.84 -22.35
CA ALA D 247 -34.61 28.58 -21.11
C ALA D 247 -34.81 27.67 -19.91
N GLY D 248 -35.87 26.86 -19.94
CA GLY D 248 -36.06 25.89 -18.88
C GLY D 248 -34.90 24.92 -18.76
N ALA D 249 -34.40 24.45 -19.91
CA ALA D 249 -33.28 23.53 -19.90
C ALA D 249 -32.04 24.16 -19.27
N MET D 250 -31.82 25.45 -19.53
CA MET D 250 -30.65 26.10 -18.95
C MET D 250 -30.81 26.33 -17.45
N VAL D 251 -31.98 26.84 -17.04
CA VAL D 251 -32.26 27.01 -15.62
C VAL D 251 -32.08 25.69 -14.88
N ILE D 252 -32.43 24.58 -15.54
CA ILE D 252 -32.22 23.28 -14.94
C ILE D 252 -30.73 22.96 -14.86
N THR D 253 -30.02 23.04 -15.99
CA THR D 253 -28.65 22.52 -16.00
C THR D 253 -27.65 23.39 -15.26
N ILE D 254 -28.02 24.60 -14.82
CA ILE D 254 -27.06 25.44 -14.08
C ILE D 254 -26.59 24.81 -12.77
N PRO D 255 -27.47 24.31 -11.89
CA PRO D 255 -26.97 23.69 -10.64
C PRO D 255 -25.94 22.60 -10.84
N ILE D 256 -26.04 21.78 -11.89
CA ILE D 256 -25.04 20.75 -12.12
C ILE D 256 -23.70 21.37 -12.47
N ILE D 257 -23.73 22.44 -13.29
CA ILE D 257 -22.50 23.16 -13.61
C ILE D 257 -21.85 23.69 -12.34
N ILE D 258 -22.66 24.28 -11.44
CA ILE D 258 -22.12 24.81 -10.19
C ILE D 258 -21.51 23.69 -9.36
N PHE D 259 -22.26 22.60 -9.17
CA PHE D 259 -21.78 21.48 -8.36
C PHE D 259 -20.48 20.92 -8.90
N VAL D 260 -20.39 20.73 -10.22
CA VAL D 260 -19.16 20.15 -10.77
C VAL D 260 -18.00 21.13 -10.64
N LEU D 261 -18.21 22.40 -11.00
CA LEU D 261 -17.13 23.38 -10.95
C LEU D 261 -16.61 23.55 -9.52
N ILE D 262 -17.44 23.30 -8.52
CA ILE D 262 -16.96 23.45 -7.15
C ILE D 262 -16.36 22.15 -6.62
N PHE D 263 -16.98 20.99 -6.85
CA PHE D 263 -16.61 19.77 -6.16
C PHE D 263 -16.17 18.64 -7.09
N GLN D 264 -15.58 18.96 -8.26
CA GLN D 264 -15.12 17.88 -9.13
C GLN D 264 -14.02 17.06 -8.46
N ARG D 265 -13.17 17.73 -7.67
CA ARG D 265 -12.03 17.06 -7.03
C ARG D 265 -12.49 15.86 -6.21
N ARG D 266 -13.62 15.98 -5.53
CA ARG D 266 -14.15 14.90 -4.73
C ARG D 266 -15.19 14.06 -5.46
N ILE D 267 -15.88 14.63 -6.45
CA ILE D 267 -16.84 13.84 -7.20
C ILE D 267 -16.14 12.74 -7.99
N VAL D 268 -15.00 13.06 -8.61
CA VAL D 268 -14.25 12.03 -9.33
C VAL D 268 -13.77 10.95 -8.38
N ALA D 269 -13.19 11.36 -7.25
CA ALA D 269 -12.67 10.39 -6.28
C ALA D 269 -13.77 9.55 -5.66
N GLY D 270 -15.00 10.05 -5.62
CA GLY D 270 -16.10 9.24 -5.12
C GLY D 270 -16.71 8.33 -6.15
N LEU D 271 -16.72 8.76 -7.41
CA LEU D 271 -17.28 7.93 -8.47
C LEU D 271 -16.35 6.79 -8.83
N THR D 272 -15.03 7.03 -8.80
CA THR D 272 -14.06 5.99 -9.11
C THR D 272 -13.75 5.09 -7.92
N SER D 273 -14.60 5.07 -6.91
CA SER D 273 -14.44 4.21 -5.74
C SER D 273 -13.12 4.47 -5.02
N GLY D 274 -12.78 5.75 -4.87
CA GLY D 274 -11.58 6.14 -4.14
C GLY D 274 -10.29 5.60 -4.70
N ALA D 275 -10.15 5.57 -6.02
CA ALA D 275 -8.94 5.05 -6.65
C ALA D 275 -8.11 6.10 -7.37
N VAL D 276 -8.64 7.30 -7.60
CA VAL D 276 -7.90 8.34 -8.31
C VAL D 276 -7.80 9.57 -7.40
N LYS D 277 -7.74 9.32 -6.09
CA LYS D 277 -7.60 10.40 -5.12
C LYS D 277 -6.42 11.31 -5.45
N GLY D 278 -5.23 10.73 -5.57
CA GLY D 278 -4.04 11.50 -5.89
C GLY D 278 -2.77 10.81 -5.44
#